data_3A6P
#
_entry.id   3A6P
#
_cell.length_a   71.157
_cell.length_b   304.667
_cell.length_c   89.230
_cell.angle_alpha   90.00
_cell.angle_beta   110.79
_cell.angle_gamma   90.00
#
_symmetry.space_group_name_H-M   'P 1 21 1'
#
loop_
_entity.id
_entity.type
_entity.pdbx_description
1 polymer Exportin-5
2 polymer '13-mer peptide'
3 polymer 'GTP-binding nuclear protein Ran'
4 polymer pre-microRNA
5 polymer pre-microRNA
6 non-polymer "GUANOSINE-5'-TRIPHOSPHATE"
7 non-polymer 'MAGNESIUM ION'
#
loop_
_entity_poly.entity_id
_entity_poly.type
_entity_poly.pdbx_seq_one_letter_code
_entity_poly.pdbx_strand_id
1 'polypeptide(L)'
;MAMDQVNALCEQLVKAVTVMMDPNSTQRYRLEALKFCEEFKEKCPICVPCGLRLAEKTQVAIVRHFGLQILEHVVKFRWN
GMSRLEKVYLKNSVMELIANGTLNILEEENHIKDALSRIVVEMIKREWPQHWPDMLIELDTLSKQGETQTELVMFILLRL
AEDVVTFQTLPPQRRRDIQQTLTQNMERIFSFLLNTLQENVNKYQQVKTDTSQESKAQANCRVGVAALNTLAGYIDWVSM
SHITAENCKLLEILCLLLNEQELQLGAAECLLIAVSRKGKLEDRKPLMVLFGDVAMHYILSAAQTADGGGLVEKHYVFLK
RLCQVLCALGNQLCALLGADSDVETPSNFGKYLESFLAFTTHPSQFLRSSTQMTWGALFRHEILSRDPLLLAIIPKYLRA
SMTNLVKMGFPSKTDSPSCEYSRFDFDSDEDFNAFFNSSRAQQGEVMRLACRLDPKTSFQMAGEWLKYQLSTFLDAGSVN
SCSAVGTGEGSLCSVFSPSFVQWEAMTLFLESVITQMFRTLNREEIPVNDGIELLQMVLNFDTKDPLILSCVLTNVSALF
PFVTYRPEFLPQVFSKLFSSVTFETVEESKAPRTRAVRNVRRHACSSIIKMCRDYPQLVLPNFDMLYNHVKQLLSNELLL
TQMEKCALMEALVLISNQFKNYERQKVFLEELMAPVASIWLSQDMHRVLSDVDAFIAYVGTDQKSCDPGLEDPCGLNRAR
MSFCVYSILGVVKRTCWPTDLEEAKAGGFVVGYTSSGNPIFRNPCTEQILKLLDNLLALIRTHNTLYAPEMLAKMAEPFT
KALDMLDAEKSAILGLPQPLLELNDSPVFKTVLERMQRFFSTLYENCFHILGKAGPSMQQDFYTVEDLATQLLSSAFVNL
NNIPDYRLRPMLRVFVKPLVLFCPPEHYEALVSPILGPLFTYLHMRLSQKWQVINQRSLLCGEDEAADENPESQEMLEEQ
LVRMLTREVMDLITVCCVSKKGADHSSAPPADGDDEEMMATEVTPSAMAELTDLGKCLMKHEDVCTALLITAFNSLAWKD
TLSCQRTTSQLCWPLLKQVLSGTLLADAVTWLFTSVLKGLQMHGQHDGCMASLVHLAFQIYEALRPRYLEIRAVMEQIPE
IQKDSLDQFDCKLLNPSLQKVADKRRKDQFKRLIAGCIGKPLGEQFRKEVHIKNLPSLFKKTKPMLETEVLDNDGGGLAT
IFEP
;
A,F
2 'polypeptide(L)' (UNK)(UNK)(UNK)(UNK)(UNK)(UNK)(UNK)(UNK)(UNK)(UNK)(UNK)(UNK)(UNK) B,G
3 'polypeptide(L)'
;MAAQGEPQVQFKLVLVGDGGTGKTTFVKRHLTGEFEKKYVATLGVEVHPLVFHTNRGPIKFNVWDTAGQEKFGGLRDGYY
IQAQCAIIMFDVTSRVTYKNVPNWHRDLVRVCENIPIVLCGNKVDIKDRKVKAKSIVFHRKKNLQYYDISAKSNYNFEKP
FLWLARKLIGDPNLEFVAMPALAPPEVVMDPALAAQYEHDLEVAQTTALPDEDDDL
;
C,H
4 'polyribonucleotide' GGUAAACAUCCUCGACUGGAAGCU D,I
5 'polyribonucleotide' GGCUUUCAGUCGGAUGUUUGCCGC E,J
#
# COMPACT_ATOMS: atom_id res chain seq x y z
N ALA A 2 19.58 -97.47 51.05
CA ALA A 2 18.10 -97.38 51.29
C ALA A 2 17.29 -96.73 50.15
N MET A 3 17.87 -95.71 49.47
CA MET A 3 17.21 -94.92 48.37
C MET A 3 17.63 -95.32 46.92
N ASP A 4 18.90 -95.04 46.56
CA ASP A 4 19.48 -95.40 45.23
C ASP A 4 21.05 -95.46 45.16
N GLN A 5 21.55 -96.05 44.07
CA GLN A 5 22.96 -96.07 43.79
C GLN A 5 23.30 -95.00 42.76
N VAL A 6 24.49 -94.45 42.89
CA VAL A 6 24.95 -93.35 42.07
C VAL A 6 24.74 -93.63 40.61
N ASN A 7 25.12 -94.82 40.15
CA ASN A 7 25.02 -95.15 38.71
C ASN A 7 23.60 -95.07 38.15
N ALA A 8 22.65 -95.59 38.90
CA ALA A 8 21.26 -95.61 38.48
C ALA A 8 20.63 -94.22 38.33
N LEU A 9 20.82 -93.32 39.30
CA LEU A 9 20.22 -91.99 39.18
C LEU A 9 20.72 -91.21 37.95
N CYS A 10 22.03 -91.22 37.71
CA CYS A 10 22.61 -90.44 36.61
C CYS A 10 21.90 -90.74 35.31
N GLU A 11 21.58 -92.02 35.12
CA GLU A 11 20.83 -92.52 33.97
C GLU A 11 19.44 -91.88 33.80
N GLN A 12 18.65 -91.83 34.86
CA GLN A 12 17.34 -91.24 34.74
C GLN A 12 17.46 -89.75 34.62
N LEU A 13 18.45 -89.16 35.28
CA LEU A 13 18.56 -87.72 35.23
C LEU A 13 18.86 -87.32 33.81
N VAL A 14 19.72 -88.07 33.12
CA VAL A 14 19.89 -87.81 31.67
C VAL A 14 18.55 -87.91 30.85
N LYS A 15 17.72 -88.89 31.21
CA LYS A 15 16.45 -89.13 30.49
C LYS A 15 15.45 -88.01 30.79
N ALA A 16 15.52 -87.47 32.00
CA ALA A 16 14.70 -86.36 32.43
C ALA A 16 15.09 -84.99 31.82
N VAL A 17 16.42 -84.71 31.68
CA VAL A 17 16.90 -83.42 31.11
C VAL A 17 16.62 -83.43 29.62
N THR A 18 16.66 -84.60 29.01
CA THR A 18 16.41 -84.68 27.56
C THR A 18 14.95 -84.45 27.19
N VAL A 19 14.05 -84.98 28.02
CA VAL A 19 12.63 -84.84 27.77
C VAL A 19 12.19 -83.40 28.00
N MET A 20 12.86 -82.75 28.95
CA MET A 20 12.56 -81.38 29.27
C MET A 20 13.00 -80.42 28.17
N MET A 21 13.98 -80.80 27.39
CA MET A 21 14.56 -79.91 26.41
C MET A 21 13.99 -80.20 25.09
N ASP A 22 13.27 -81.30 25.05
CA ASP A 22 12.58 -81.76 23.85
C ASP A 22 11.47 -80.77 23.44
N PRO A 23 11.69 -80.00 22.33
CA PRO A 23 10.61 -79.03 22.02
C PRO A 23 9.30 -79.82 21.86
N ASN A 24 9.34 -80.99 21.23
CA ASN A 24 8.10 -81.73 20.94
C ASN A 24 7.80 -82.92 21.81
N SER A 25 7.78 -82.75 23.13
CA SER A 25 7.42 -83.89 23.99
C SER A 25 6.00 -83.81 24.60
N THR A 26 5.38 -84.96 24.85
CA THR A 26 4.11 -84.96 25.59
C THR A 26 4.24 -84.04 26.80
N GLN A 27 3.22 -83.23 27.05
CA GLN A 27 3.12 -82.39 28.26
C GLN A 27 3.11 -83.20 29.55
N ARG A 28 2.54 -84.40 29.50
CA ARG A 28 2.44 -85.27 30.69
C ARG A 28 3.81 -85.77 31.05
N TYR A 29 4.59 -86.24 30.07
CA TYR A 29 5.97 -86.68 30.32
C TYR A 29 6.81 -85.54 30.89
N ARG A 30 6.56 -84.33 30.41
CA ARG A 30 7.16 -83.10 30.95
C ARG A 30 6.96 -82.98 32.46
N LEU A 31 5.72 -82.89 32.91
CA LEU A 31 5.43 -82.76 34.33
C LEU A 31 6.13 -83.83 35.19
N GLU A 32 6.11 -85.08 34.74
CA GLU A 32 6.73 -86.15 35.53
C GLU A 32 8.22 -85.94 35.59
N ALA A 33 8.81 -85.44 34.52
CA ALA A 33 10.25 -85.09 34.53
C ALA A 33 10.50 -83.96 35.51
N LEU A 34 9.78 -82.86 35.35
CA LEU A 34 9.88 -81.80 36.34
C LEU A 34 9.73 -82.33 37.79
N LYS A 35 8.71 -83.16 38.07
CA LYS A 35 8.41 -83.61 39.44
C LYS A 35 9.52 -84.53 40.01
N PHE A 36 10.14 -85.30 39.11
CA PHE A 36 11.31 -86.10 39.44
C PHE A 36 12.43 -85.23 39.97
N CYS A 37 12.71 -84.13 39.26
CA CYS A 37 13.89 -83.34 39.57
C CYS A 37 13.79 -82.55 40.85
N GLU A 38 12.64 -81.95 41.06
CA GLU A 38 12.36 -81.25 42.29
C GLU A 38 12.55 -82.19 43.49
N GLU A 39 11.93 -83.37 43.43
CA GLU A 39 12.01 -84.33 44.52
C GLU A 39 13.49 -84.69 44.73
N PHE A 40 14.18 -85.02 43.64
CA PHE A 40 15.60 -85.36 43.66
C PHE A 40 16.45 -84.29 44.34
N LYS A 41 16.19 -83.03 43.99
CA LYS A 41 16.95 -81.89 44.49
C LYS A 41 16.64 -81.55 45.93
N GLU A 42 15.55 -82.08 46.47
CA GLU A 42 15.18 -81.79 47.86
C GLU A 42 15.51 -82.92 48.81
N LYS A 43 15.28 -84.14 48.38
CA LYS A 43 15.40 -85.27 49.26
C LYS A 43 16.66 -86.08 49.02
N CYS A 44 17.09 -86.30 47.77
CA CYS A 44 18.26 -87.15 47.53
C CYS A 44 19.55 -86.75 48.25
N PRO A 45 20.15 -87.71 49.00
CA PRO A 45 21.42 -87.57 49.77
C PRO A 45 22.72 -87.71 48.94
N ILE A 46 22.66 -88.42 47.82
CA ILE A 46 23.79 -88.44 46.88
C ILE A 46 23.63 -87.45 45.68
N CYS A 47 23.20 -86.21 45.95
CA CYS A 47 23.11 -85.20 44.88
C CYS A 47 24.47 -84.82 44.32
N VAL A 48 25.45 -84.57 45.18
CA VAL A 48 26.78 -84.11 44.77
C VAL A 48 27.53 -85.12 43.90
N PRO A 49 27.46 -86.40 44.29
CA PRO A 49 28.08 -87.39 43.38
C PRO A 49 27.41 -87.42 41.98
N CYS A 50 26.07 -87.33 41.97
CA CYS A 50 25.31 -87.19 40.72
C CYS A 50 25.65 -85.93 39.95
N GLY A 51 25.73 -84.79 40.64
CA GLY A 51 25.96 -83.53 39.98
C GLY A 51 27.32 -83.57 39.32
N LEU A 52 28.32 -84.06 40.05
CA LEU A 52 29.69 -84.10 39.54
C LEU A 52 29.85 -85.04 38.37
N ARG A 53 29.01 -86.08 38.32
CA ARG A 53 29.09 -87.06 37.29
C ARG A 53 28.55 -86.56 35.97
N LEU A 54 27.33 -86.02 36.02
CA LEU A 54 26.63 -85.48 34.83
C LEU A 54 27.40 -84.30 34.32
N ALA A 55 28.14 -83.69 35.22
CA ALA A 55 28.73 -82.42 34.93
C ALA A 55 30.01 -82.62 34.16
N GLU A 56 30.21 -83.82 33.64
CA GLU A 56 31.52 -84.03 33.21
C GLU A 56 31.71 -83.98 31.73
N LYS A 57 32.96 -83.72 31.30
CA LYS A 57 33.18 -83.11 29.99
C LYS A 57 32.68 -83.88 28.81
N THR A 58 32.33 -85.12 29.10
CA THR A 58 32.01 -86.09 28.05
C THR A 58 30.62 -85.90 27.55
N GLN A 59 29.73 -85.41 28.40
CA GLN A 59 28.33 -85.36 28.05
C GLN A 59 28.01 -84.29 27.13
N VAL A 60 26.73 -84.31 26.79
CA VAL A 60 26.19 -83.33 25.89
C VAL A 60 26.01 -82.08 26.70
N ALA A 61 26.22 -80.96 26.03
CA ALA A 61 26.23 -79.73 26.75
C ALA A 61 25.03 -79.59 27.68
N ILE A 62 23.83 -79.78 27.13
CA ILE A 62 22.57 -79.81 27.83
C ILE A 62 22.71 -80.55 29.15
N VAL A 63 23.31 -81.73 29.11
CA VAL A 63 23.40 -82.59 30.31
C VAL A 63 24.40 -82.05 31.29
N ARG A 64 25.61 -81.67 30.79
CA ARG A 64 26.61 -81.06 31.64
C ARG A 64 25.96 -79.87 32.41
N HIS A 65 25.32 -78.95 31.70
CA HIS A 65 24.70 -77.81 32.34
C HIS A 65 23.72 -78.22 33.46
N PHE A 66 22.98 -79.32 33.26
CA PHE A 66 22.04 -79.72 34.26
C PHE A 66 22.76 -80.30 35.46
N GLY A 67 23.90 -80.95 35.22
CA GLY A 67 24.76 -81.43 36.32
C GLY A 67 25.24 -80.28 37.17
N LEU A 68 25.83 -79.27 36.51
CA LEU A 68 26.27 -78.04 37.20
C LEU A 68 25.17 -77.34 37.95
N GLN A 69 23.95 -77.35 37.37
CA GLN A 69 22.76 -76.67 37.98
C GLN A 69 22.37 -77.34 39.29
N ILE A 70 22.54 -78.64 39.33
CA ILE A 70 22.39 -79.35 40.58
C ILE A 70 23.39 -78.90 41.64
N LEU A 71 24.70 -78.96 41.34
CA LEU A 71 25.70 -78.52 42.30
C LEU A 71 25.42 -77.08 42.78
N GLU A 72 25.12 -76.13 41.89
CA GLU A 72 24.49 -74.87 42.37
C GLU A 72 23.16 -74.98 43.29
N HIS A 73 22.22 -75.85 42.96
CA HIS A 73 21.00 -75.92 43.79
C HIS A 73 21.28 -76.41 45.25
N VAL A 74 22.29 -77.29 45.33
CA VAL A 74 22.77 -77.79 46.61
C VAL A 74 23.44 -76.66 47.43
N VAL A 75 24.31 -75.89 46.81
CA VAL A 75 24.92 -74.86 47.60
C VAL A 75 23.84 -73.90 48.04
N LYS A 76 22.87 -73.70 47.18
CA LYS A 76 21.89 -72.61 47.39
C LYS A 76 20.72 -72.98 48.29
N PHE A 77 20.31 -74.25 48.34
CA PHE A 77 19.23 -74.59 49.23
C PHE A 77 19.57 -75.62 50.27
N ARG A 78 20.68 -76.33 50.11
CA ARG A 78 20.93 -77.43 51.03
C ARG A 78 22.20 -77.38 51.89
N TRP A 79 22.85 -76.21 51.96
CA TRP A 79 24.15 -76.05 52.64
C TRP A 79 23.98 -76.27 54.14
N ASN A 80 22.97 -75.68 54.72
CA ASN A 80 22.69 -75.95 56.10
C ASN A 80 22.36 -77.37 56.54
N GLY A 81 21.91 -78.22 55.64
CA GLY A 81 21.68 -79.57 56.05
C GLY A 81 22.88 -80.39 55.62
N MET A 82 24.10 -79.85 55.75
CA MET A 82 25.31 -80.56 55.25
C MET A 82 26.38 -80.60 56.27
N SER A 83 27.14 -81.67 56.28
CA SER A 83 28.36 -81.78 57.10
C SER A 83 29.50 -80.93 56.57
N ARG A 84 30.42 -80.57 57.46
CA ARG A 84 31.64 -79.86 57.11
C ARG A 84 32.39 -80.62 56.00
N LEU A 85 32.45 -81.95 56.14
CA LEU A 85 33.20 -82.74 55.17
C LEU A 85 32.61 -82.71 53.78
N GLU A 86 31.28 -82.82 53.72
CA GLU A 86 30.52 -82.74 52.49
C GLU A 86 30.78 -81.44 51.76
N LYS A 87 30.70 -80.33 52.47
CA LYS A 87 31.06 -79.04 51.90
C LYS A 87 32.52 -79.02 51.39
N VAL A 88 33.46 -79.57 52.16
CA VAL A 88 34.83 -79.38 51.71
C VAL A 88 35.05 -80.13 50.40
N TYR A 89 34.21 -81.15 50.21
CA TYR A 89 34.37 -82.07 49.10
C TYR A 89 33.79 -81.43 47.83
N LEU A 90 32.53 -81.02 47.95
CA LEU A 90 31.89 -80.17 46.96
C LEU A 90 32.77 -78.96 46.53
N LYS A 91 33.29 -78.14 47.46
CA LYS A 91 34.22 -77.06 47.11
C LYS A 91 35.40 -77.53 46.27
N ASN A 92 36.08 -78.55 46.77
CA ASN A 92 37.27 -78.97 46.04
C ASN A 92 37.05 -79.51 44.63
N SER A 93 35.95 -80.23 44.48
CA SER A 93 35.49 -80.67 43.18
C SER A 93 35.19 -79.51 42.24
N VAL A 94 34.52 -78.48 42.72
CA VAL A 94 34.16 -77.40 41.82
C VAL A 94 35.42 -76.66 41.41
N MET A 95 36.33 -76.50 42.36
CA MET A 95 37.64 -75.88 42.10
C MET A 95 38.45 -76.76 41.15
N GLU A 96 38.30 -78.07 41.27
CA GLU A 96 38.94 -78.97 40.32
C GLU A 96 38.35 -78.71 38.96
N LEU A 97 37.06 -78.46 38.94
CA LEU A 97 36.39 -78.27 37.68
C LEU A 97 37.00 -77.11 36.88
N ILE A 98 37.41 -76.05 37.56
CA ILE A 98 37.94 -74.92 36.85
C ILE A 98 39.33 -75.29 36.32
N ALA A 99 39.98 -76.15 37.10
CA ALA A 99 41.38 -76.44 36.96
C ALA A 99 41.56 -77.12 35.66
N ASN A 100 40.67 -78.10 35.40
CA ASN A 100 40.72 -78.90 34.15
C ASN A 100 39.53 -79.81 33.88
N GLY A 101 38.38 -79.57 34.52
CA GLY A 101 37.13 -80.25 34.23
C GLY A 101 36.21 -79.52 33.25
N THR A 102 36.79 -78.61 32.46
CA THR A 102 36.02 -77.91 31.39
C THR A 102 36.81 -77.86 30.08
N LEU A 103 36.09 -77.68 28.98
CA LEU A 103 36.72 -77.61 27.67
C LEU A 103 37.59 -76.36 27.46
N ASN A 104 38.46 -76.38 26.49
CA ASN A 104 39.51 -75.37 26.55
C ASN A 104 39.18 -74.15 25.76
N ILE A 105 38.60 -73.15 26.48
CA ILE A 105 38.61 -71.73 26.10
C ILE A 105 37.65 -71.52 24.96
N LEU A 106 38.13 -71.82 23.76
CA LEU A 106 37.47 -71.53 22.52
C LEU A 106 36.37 -72.55 22.18
N GLU A 107 36.59 -73.81 22.56
CA GLU A 107 35.53 -74.78 22.66
C GLU A 107 35.09 -74.55 24.08
N GLU A 108 33.81 -74.77 24.29
CA GLU A 108 33.13 -74.60 25.61
C GLU A 108 32.07 -73.54 25.54
N GLU A 109 30.83 -73.98 25.66
CA GLU A 109 29.71 -73.09 25.49
C GLU A 109 29.73 -72.02 26.57
N ASN A 110 29.40 -70.81 26.19
CA ASN A 110 29.21 -69.77 27.13
C ASN A 110 28.30 -70.19 28.29
N HIS A 111 27.27 -71.00 28.02
CA HIS A 111 26.40 -71.34 29.11
C HIS A 111 27.00 -72.25 30.18
N ILE A 112 28.08 -72.98 29.85
CA ILE A 112 28.63 -73.97 30.82
C ILE A 112 29.47 -73.18 31.80
N LYS A 113 30.19 -72.20 31.23
CA LYS A 113 31.01 -71.26 31.98
C LYS A 113 30.15 -70.50 33.00
N ASP A 114 28.95 -70.16 32.56
CA ASP A 114 27.92 -69.57 33.43
C ASP A 114 27.57 -70.50 34.58
N ALA A 115 27.21 -71.74 34.24
CA ALA A 115 26.72 -72.70 35.24
C ALA A 115 27.81 -72.97 36.25
N LEU A 116 29.05 -73.14 35.77
CA LEU A 116 30.20 -73.44 36.68
C LEU A 116 30.46 -72.23 37.63
N SER A 117 30.50 -71.06 36.99
CA SER A 117 30.61 -69.80 37.63
C SER A 117 29.54 -69.59 38.72
N ARG A 118 28.26 -69.78 38.39
CA ARG A 118 27.17 -69.67 39.40
C ARG A 118 27.46 -70.48 40.63
N ILE A 119 27.92 -71.73 40.48
CA ILE A 119 28.26 -72.52 41.70
C ILE A 119 29.36 -71.82 42.58
N VAL A 120 30.47 -71.38 41.99
CA VAL A 120 31.48 -70.75 42.86
C VAL A 120 30.85 -69.55 43.58
N VAL A 121 30.26 -68.64 42.80
CA VAL A 121 29.69 -67.43 43.42
C VAL A 121 28.76 -67.80 44.57
N GLU A 122 27.88 -68.79 44.39
CA GLU A 122 26.99 -69.26 45.41
C GLU A 122 27.68 -69.69 46.67
N MET A 123 28.78 -70.43 46.51
CA MET A 123 29.67 -70.70 47.71
C MET A 123 30.39 -69.45 48.29
N ILE A 124 30.72 -68.47 47.46
CA ILE A 124 31.38 -67.29 47.99
C ILE A 124 30.43 -66.56 48.86
N LYS A 125 29.19 -66.40 48.41
CA LYS A 125 28.10 -65.75 49.20
C LYS A 125 27.69 -66.56 50.44
N ARG A 126 27.90 -67.87 50.42
CA ARG A 126 27.57 -68.63 51.63
C ARG A 126 28.54 -68.31 52.75
N GLU A 127 29.80 -68.04 52.40
CA GLU A 127 30.85 -67.90 53.40
C GLU A 127 32.22 -67.31 52.99
N TRP A 128 32.24 -66.10 52.44
CA TRP A 128 33.49 -65.61 51.91
C TRP A 128 34.32 -64.94 52.98
N PRO A 129 33.75 -63.99 53.69
CA PRO A 129 34.92 -63.46 54.38
C PRO A 129 35.50 -64.52 55.37
N GLN A 130 34.70 -65.11 56.28
CA GLN A 130 35.31 -65.70 57.46
C GLN A 130 35.62 -67.17 57.47
N HIS A 131 34.90 -67.94 56.67
CA HIS A 131 35.08 -69.39 56.58
C HIS A 131 35.77 -69.70 55.30
N TRP A 132 36.07 -68.74 54.45
CA TRP A 132 36.65 -69.05 53.10
C TRP A 132 37.73 -68.02 52.78
N PRO A 133 38.62 -67.66 53.76
CA PRO A 133 39.56 -66.53 53.73
C PRO A 133 40.47 -66.54 52.52
N ASP A 134 40.93 -67.70 52.09
CA ASP A 134 41.86 -67.78 50.93
C ASP A 134 41.22 -67.83 49.50
N MET A 135 39.97 -67.38 49.42
CA MET A 135 39.21 -67.35 48.15
C MET A 135 39.92 -66.56 47.07
N LEU A 136 40.09 -65.25 47.28
CA LEU A 136 41.01 -64.44 46.47
C LEU A 136 42.40 -65.09 46.10
N ILE A 137 42.97 -65.88 46.98
CA ILE A 137 44.23 -66.47 46.55
C ILE A 137 44.01 -67.68 45.62
N GLU A 138 43.07 -68.52 46.04
CA GLU A 138 42.61 -69.67 45.31
C GLU A 138 42.32 -69.27 43.84
N LEU A 139 41.54 -68.20 43.65
CA LEU A 139 41.18 -67.73 42.30
C LEU A 139 42.39 -67.22 41.55
N ASP A 140 43.29 -66.63 42.30
CA ASP A 140 44.48 -66.08 41.73
C ASP A 140 45.38 -67.20 41.27
N THR A 141 45.47 -68.24 42.09
CA THR A 141 46.11 -69.48 41.69
C THR A 141 45.45 -70.12 40.44
N LEU A 142 44.11 -70.35 40.41
CA LEU A 142 43.43 -70.90 39.24
C LEU A 142 43.69 -70.05 38.03
N SER A 143 43.71 -68.75 38.18
CA SER A 143 43.85 -67.91 37.00
C SER A 143 45.26 -67.93 36.31
N LYS A 144 46.29 -68.28 37.08
CA LYS A 144 47.61 -68.39 36.51
C LYS A 144 47.72 -69.63 35.63
N GLN A 145 46.81 -70.59 35.80
CA GLN A 145 46.88 -71.81 34.99
C GLN A 145 46.55 -71.64 33.49
N GLY A 146 46.16 -70.46 33.04
CA GLY A 146 45.72 -70.36 31.64
C GLY A 146 44.51 -69.49 31.36
N GLU A 147 44.28 -69.22 30.08
CA GLU A 147 43.15 -68.38 29.71
C GLU A 147 41.74 -69.01 29.99
N THR A 148 41.59 -70.32 29.88
CA THR A 148 40.30 -70.91 30.13
C THR A 148 39.89 -70.66 31.56
N GLN A 149 40.90 -70.52 32.42
CA GLN A 149 40.66 -70.44 33.86
C GLN A 149 40.41 -69.01 34.19
N THR A 150 41.10 -68.13 33.47
CA THR A 150 41.16 -66.72 33.87
C THR A 150 39.85 -66.17 33.51
N GLU A 151 39.37 -66.48 32.31
CA GLU A 151 38.01 -66.15 31.87
C GLU A 151 36.96 -66.65 32.88
N LEU A 152 37.07 -67.87 33.32
CA LEU A 152 36.18 -68.35 34.34
C LEU A 152 36.17 -67.54 35.66
N VAL A 153 37.34 -67.06 36.08
CA VAL A 153 37.46 -66.25 37.31
C VAL A 153 36.70 -64.93 37.10
N MET A 154 36.82 -64.39 35.87
CA MET A 154 36.17 -63.15 35.47
C MET A 154 34.66 -63.30 35.45
N PHE A 155 34.16 -64.48 35.15
CA PHE A 155 32.76 -64.69 35.10
C PHE A 155 32.26 -64.66 36.53
N ILE A 156 33.12 -65.13 37.44
CA ILE A 156 32.69 -65.27 38.82
C ILE A 156 32.70 -63.91 39.48
N LEU A 157 33.82 -63.18 39.37
CA LEU A 157 33.91 -61.88 40.00
C LEU A 157 32.85 -60.91 39.47
N LEU A 158 32.42 -61.01 38.21
CA LEU A 158 31.35 -60.16 37.72
C LEU A 158 29.94 -60.59 38.27
N ARG A 159 29.64 -61.88 38.28
CA ARG A 159 28.37 -62.34 38.86
C ARG A 159 28.35 -61.95 40.32
N LEU A 160 29.53 -61.92 40.94
CA LEU A 160 29.51 -61.79 42.40
C LEU A 160 29.23 -60.32 42.62
N ALA A 161 29.99 -59.49 41.86
CA ALA A 161 29.77 -58.01 41.96
C ALA A 161 28.30 -57.68 41.71
N GLU A 162 27.67 -58.25 40.70
CA GLU A 162 26.17 -58.01 40.41
C GLU A 162 25.21 -58.41 41.54
N ASP A 163 25.35 -59.61 42.06
CA ASP A 163 24.41 -60.16 43.01
C ASP A 163 24.45 -59.49 44.37
N VAL A 164 25.56 -58.86 44.69
CA VAL A 164 25.72 -58.38 46.05
C VAL A 164 25.56 -56.86 46.09
N VAL A 165 25.52 -56.21 44.93
CA VAL A 165 25.68 -54.81 44.96
C VAL A 165 24.63 -54.29 44.11
N THR A 166 24.51 -54.75 42.88
CA THR A 166 23.50 -54.22 42.03
C THR A 166 22.12 -54.94 42.26
N PHE A 167 22.04 -56.24 42.34
CA PHE A 167 20.78 -56.89 42.45
C PHE A 167 20.55 -57.08 43.88
N GLN A 168 21.64 -56.95 44.62
CA GLN A 168 21.69 -57.31 46.03
C GLN A 168 20.50 -58.26 46.38
N THR A 169 20.78 -59.55 46.16
CA THR A 169 19.88 -60.66 46.34
C THR A 169 20.43 -61.55 47.47
N LEU A 170 20.37 -61.06 48.70
CA LEU A 170 20.82 -61.84 49.86
C LEU A 170 20.20 -61.18 51.11
N PRO A 171 20.15 -61.92 52.25
CA PRO A 171 19.61 -61.16 53.41
C PRO A 171 20.53 -59.97 53.74
N PRO A 172 19.92 -58.79 54.05
CA PRO A 172 20.57 -57.53 54.37
C PRO A 172 21.88 -57.74 55.12
N GLN A 173 21.87 -58.60 56.13
CA GLN A 173 23.03 -58.79 57.00
C GLN A 173 24.22 -59.42 56.29
N ARG A 174 23.96 -60.52 55.60
CA ARG A 174 24.99 -61.25 54.87
C ARG A 174 25.48 -60.42 53.69
N ARG A 175 24.57 -59.67 53.10
CA ARG A 175 24.91 -58.80 51.97
C ARG A 175 25.95 -57.76 52.38
N ARG A 176 25.68 -57.09 53.50
CA ARG A 176 26.50 -55.98 53.97
C ARG A 176 27.98 -56.38 54.16
N ASP A 177 28.21 -57.54 54.75
CA ASP A 177 29.55 -58.01 55.09
C ASP A 177 30.41 -58.36 53.87
N ILE A 178 29.77 -58.72 52.76
CA ILE A 178 30.52 -59.11 51.57
C ILE A 178 30.87 -57.84 50.84
N GLN A 179 29.97 -56.88 50.86
CA GLN A 179 30.31 -55.56 50.32
C GLN A 179 31.47 -54.86 51.05
N GLN A 180 31.55 -54.96 52.37
CA GLN A 180 32.61 -54.33 53.14
C GLN A 180 33.88 -55.04 52.83
N THR A 181 33.77 -56.37 52.66
CA THR A 181 34.92 -57.21 52.29
C THR A 181 35.41 -56.88 50.89
N LEU A 182 34.45 -56.68 49.98
CA LEU A 182 34.77 -56.29 48.62
C LEU A 182 35.61 -55.01 48.67
N THR A 183 35.14 -54.04 49.48
CA THR A 183 35.76 -52.76 49.49
C THR A 183 37.11 -52.88 50.07
N GLN A 184 37.20 -53.53 51.22
CA GLN A 184 38.51 -53.81 51.77
C GLN A 184 39.52 -54.38 50.74
N ASN A 185 39.08 -55.28 49.84
CA ASN A 185 39.98 -55.96 48.90
C ASN A 185 40.03 -55.32 47.54
N MET A 186 39.44 -54.12 47.48
CA MET A 186 39.12 -53.55 46.21
C MET A 186 40.30 -53.11 45.39
N GLU A 187 41.37 -52.75 46.08
CA GLU A 187 42.61 -52.39 45.42
C GLU A 187 43.16 -53.66 44.81
N ARG A 188 43.14 -54.76 45.59
CA ARG A 188 43.67 -56.06 45.11
C ARG A 188 42.90 -56.60 43.90
N ILE A 189 41.54 -56.71 44.05
CA ILE A 189 40.60 -57.13 42.98
C ILE A 189 40.68 -56.25 41.76
N PHE A 190 40.58 -54.96 41.90
CA PHE A 190 40.70 -54.12 40.73
C PHE A 190 42.24 -54.13 40.12
N SER A 191 43.22 -54.47 40.95
CA SER A 191 44.50 -54.49 40.37
C SER A 191 44.57 -55.76 39.52
N PHE A 192 43.88 -56.76 40.04
CA PHE A 192 43.91 -57.98 39.31
C PHE A 192 43.20 -57.83 37.96
N LEU A 193 42.07 -57.11 37.94
CA LEU A 193 41.30 -56.92 36.69
C LEU A 193 42.15 -56.19 35.69
N LEU A 194 42.81 -55.14 36.18
CA LEU A 194 43.65 -54.29 35.34
C LEU A 194 44.80 -55.06 34.71
N ASN A 195 45.59 -55.78 35.50
CA ASN A 195 46.76 -56.44 34.88
C ASN A 195 46.37 -57.58 33.98
N THR A 196 45.33 -58.31 34.34
CA THR A 196 44.81 -59.29 33.42
C THR A 196 44.56 -58.63 32.06
N LEU A 197 43.74 -57.59 32.05
CA LEU A 197 43.45 -56.88 30.84
C LEU A 197 44.69 -56.47 30.08
N GLN A 198 45.64 -55.89 30.81
CA GLN A 198 46.84 -55.30 30.20
C GLN A 198 47.71 -56.33 29.45
N GLU A 199 48.00 -57.43 30.15
CA GLU A 199 48.75 -58.54 29.59
C GLU A 199 48.03 -59.24 28.47
N ASN A 200 46.75 -59.60 28.68
CA ASN A 200 45.99 -60.25 27.63
C ASN A 200 45.89 -59.45 26.36
N VAL A 201 45.61 -58.17 26.49
CA VAL A 201 45.69 -57.29 25.34
C VAL A 201 47.06 -57.40 24.65
N ASN A 202 48.16 -57.12 25.38
CA ASN A 202 49.54 -57.23 24.83
C ASN A 202 49.82 -58.48 24.00
N LYS A 203 49.61 -59.65 24.59
CA LYS A 203 49.75 -60.92 23.89
C LYS A 203 48.91 -60.95 22.60
N TYR A 204 47.68 -60.46 22.68
CA TYR A 204 46.85 -60.37 21.48
C TYR A 204 47.48 -59.41 20.49
N GLN A 205 48.34 -58.52 20.99
CA GLN A 205 48.91 -57.41 20.19
C GLN A 205 49.84 -57.83 19.05
N GLN A 206 50.95 -58.48 19.39
CA GLN A 206 51.92 -58.79 18.35
C GLN A 206 51.46 -60.02 17.59
N VAL A 207 50.70 -60.87 18.26
CA VAL A 207 50.35 -62.18 17.73
C VAL A 207 49.20 -62.15 16.73
N LYS A 208 48.41 -61.06 16.76
CA LYS A 208 47.22 -60.91 15.93
C LYS A 208 47.48 -61.33 14.48
N THR A 209 48.24 -60.50 13.77
CA THR A 209 48.51 -60.74 12.37
C THR A 209 49.88 -61.44 12.18
N ASP A 210 49.87 -62.74 12.46
CA ASP A 210 51.05 -63.61 12.46
C ASP A 210 50.51 -65.01 12.12
N THR A 211 49.76 -65.09 11.02
CA THR A 211 49.18 -66.33 10.43
C THR A 211 49.14 -67.63 11.26
N SER A 212 50.32 -68.18 11.57
CA SER A 212 50.43 -69.52 12.15
C SER A 212 50.15 -69.57 13.67
N GLN A 213 49.35 -68.60 14.15
CA GLN A 213 48.95 -68.51 15.59
C GLN A 213 47.55 -67.95 15.94
N GLU A 214 46.55 -68.35 15.15
CA GLU A 214 45.16 -67.85 15.26
C GLU A 214 44.46 -68.26 16.58
N SER A 215 44.68 -69.49 17.01
CA SER A 215 44.02 -69.98 18.21
C SER A 215 44.41 -69.18 19.48
N LYS A 216 45.67 -68.73 19.58
CA LYS A 216 46.10 -67.98 20.75
C LYS A 216 45.72 -66.49 20.72
N ALA A 217 45.70 -65.90 19.51
CA ALA A 217 45.20 -64.54 19.33
C ALA A 217 43.72 -64.50 19.73
N GLN A 218 42.93 -65.41 19.18
CA GLN A 218 41.50 -65.56 19.49
C GLN A 218 41.25 -65.82 20.96
N ALA A 219 42.23 -66.39 21.67
CA ALA A 219 42.03 -66.74 23.08
C ALA A 219 42.32 -65.56 24.02
N ASN A 220 43.47 -64.92 23.79
CA ASN A 220 43.90 -63.76 24.59
C ASN A 220 42.94 -62.62 24.43
N CYS A 221 42.35 -62.55 23.25
CA CYS A 221 41.26 -61.66 22.97
C CYS A 221 40.10 -61.94 23.88
N ARG A 222 39.67 -63.19 23.97
CA ARG A 222 38.42 -63.51 24.63
C ARG A 222 38.50 -63.13 26.11
N VAL A 223 39.73 -63.09 26.63
CA VAL A 223 39.91 -62.77 28.04
C VAL A 223 39.79 -61.26 28.19
N GLY A 224 40.17 -60.54 27.13
CA GLY A 224 40.18 -59.08 27.21
C GLY A 224 38.75 -58.66 27.41
N VAL A 225 37.96 -59.15 26.48
CA VAL A 225 36.54 -58.99 26.44
C VAL A 225 35.97 -59.34 27.81
N ALA A 226 36.25 -60.53 28.34
CA ALA A 226 35.84 -60.82 29.74
C ALA A 226 36.27 -59.72 30.73
N ALA A 227 37.52 -59.23 30.67
CA ALA A 227 38.02 -58.29 31.67
C ALA A 227 37.18 -57.02 31.61
N LEU A 228 37.03 -56.53 30.35
CA LEU A 228 36.26 -55.35 30.10
C LEU A 228 34.84 -55.53 30.57
N ASN A 229 34.33 -56.74 30.51
CA ASN A 229 32.98 -56.98 30.83
C ASN A 229 32.81 -56.95 32.29
N THR A 230 33.73 -57.64 32.94
CA THR A 230 33.64 -57.81 34.38
C THR A 230 34.07 -56.49 35.01
N LEU A 231 34.91 -55.72 34.32
CA LEU A 231 35.33 -54.45 34.87
C LEU A 231 34.24 -53.57 34.93
N ALA A 232 33.43 -53.64 33.88
CA ALA A 232 32.18 -52.86 33.75
C ALA A 232 31.22 -53.10 34.90
N GLY A 233 31.23 -54.29 35.52
CA GLY A 233 30.59 -54.55 36.85
C GLY A 233 31.03 -53.79 38.10
N TYR A 234 32.09 -53.01 38.00
CA TYR A 234 32.68 -52.51 39.27
C TYR A 234 32.83 -51.05 39.11
N ILE A 235 32.99 -50.69 37.83
CA ILE A 235 33.54 -49.40 37.45
C ILE A 235 32.61 -48.31 37.95
N ASP A 236 31.34 -48.62 38.18
CA ASP A 236 30.50 -47.53 38.54
C ASP A 236 30.28 -47.38 40.04
N TRP A 237 30.58 -48.41 40.83
CA TRP A 237 30.07 -48.58 42.20
C TRP A 237 31.25 -48.43 43.15
N VAL A 238 32.44 -48.70 42.59
CA VAL A 238 33.66 -48.80 43.40
C VAL A 238 34.22 -47.40 43.68
N SER A 239 35.01 -47.24 44.73
CA SER A 239 35.68 -45.95 44.97
C SER A 239 36.56 -45.39 43.79
N MET A 240 36.50 -44.10 43.54
CA MET A 240 37.26 -43.50 42.43
C MET A 240 38.87 -43.69 42.52
N SER A 241 39.37 -43.81 43.75
CA SER A 241 40.68 -44.32 43.95
C SER A 241 41.15 -45.40 43.00
N HIS A 242 40.25 -46.28 42.59
CA HIS A 242 40.78 -47.49 42.00
C HIS A 242 40.79 -47.26 40.53
N ILE A 243 39.98 -46.27 40.13
CA ILE A 243 39.81 -46.04 38.72
C ILE A 243 41.07 -45.28 38.31
N THR A 244 41.37 -44.29 39.15
CA THR A 244 42.52 -43.44 39.03
C THR A 244 43.77 -44.20 39.40
N ALA A 245 43.64 -45.17 40.30
CA ALA A 245 44.76 -46.04 40.71
C ALA A 245 46.18 -45.66 40.22
N GLU A 246 46.70 -46.28 39.16
CA GLU A 246 48.14 -46.14 38.78
C GLU A 246 48.49 -45.12 37.70
N ASN A 247 48.71 -43.87 38.11
CA ASN A 247 48.62 -42.68 37.23
C ASN A 247 47.49 -42.81 36.17
N CYS A 248 46.33 -43.35 36.61
CA CYS A 248 45.11 -43.55 35.82
C CYS A 248 45.28 -44.54 34.70
N LYS A 249 45.89 -45.68 35.00
CA LYS A 249 46.21 -46.56 33.93
C LYS A 249 44.95 -47.18 33.36
N LEU A 250 43.98 -47.46 34.24
CA LEU A 250 42.73 -48.09 33.83
C LEU A 250 42.05 -47.26 32.75
N LEU A 251 41.97 -45.96 32.96
CA LEU A 251 41.31 -45.08 32.00
C LEU A 251 42.14 -44.84 30.75
N GLU A 252 43.44 -45.03 30.89
CA GLU A 252 44.33 -44.86 29.76
C GLU A 252 44.13 -46.00 28.79
N ILE A 253 44.25 -47.24 29.28
CA ILE A 253 44.11 -48.41 28.43
C ILE A 253 42.74 -48.38 27.77
N LEU A 254 41.71 -48.05 28.52
CA LEU A 254 40.38 -48.05 28.01
C LEU A 254 40.28 -47.10 26.83
N CYS A 255 41.09 -46.06 26.78
CA CYS A 255 41.05 -45.17 25.61
C CYS A 255 41.78 -45.80 24.42
N LEU A 256 42.94 -46.38 24.71
CA LEU A 256 43.78 -47.05 23.73
C LEU A 256 43.00 -48.19 23.11
N LEU A 257 42.16 -48.85 23.90
CA LEU A 257 41.38 -49.96 23.39
C LEU A 257 40.24 -49.54 22.49
N LEU A 258 39.98 -48.24 22.40
CA LEU A 258 38.87 -47.74 21.61
C LEU A 258 39.19 -47.93 20.14
N ASN A 259 40.51 -47.99 19.83
CA ASN A 259 40.99 -48.17 18.44
C ASN A 259 41.27 -49.63 18.03
N GLU A 260 40.97 -50.58 18.93
CA GLU A 260 41.03 -52.01 18.64
C GLU A 260 39.62 -52.67 18.44
N GLN A 261 39.34 -53.05 17.19
CA GLN A 261 37.98 -53.37 16.70
C GLN A 261 37.24 -54.35 17.58
N GLU A 262 38.05 -55.26 18.12
CA GLU A 262 37.60 -56.42 18.88
C GLU A 262 37.39 -56.14 20.37
N LEU A 263 38.07 -55.11 20.88
CA LEU A 263 37.92 -54.69 22.28
C LEU A 263 37.17 -53.34 22.52
N GLN A 264 37.07 -52.51 21.47
CA GLN A 264 36.41 -51.20 21.54
C GLN A 264 35.03 -51.09 22.20
N LEU A 265 34.15 -52.02 21.91
CA LEU A 265 32.82 -51.83 22.37
C LEU A 265 32.87 -52.05 23.84
N GLY A 266 33.70 -53.00 24.28
CA GLY A 266 33.88 -53.25 25.70
C GLY A 266 34.44 -52.02 26.39
N ALA A 267 35.47 -51.44 25.79
CA ALA A 267 36.19 -50.33 26.37
C ALA A 267 35.31 -49.11 26.34
N ALA A 268 34.60 -48.87 25.24
CA ALA A 268 33.55 -47.81 25.20
C ALA A 268 32.51 -47.94 26.32
N GLU A 269 32.12 -49.14 26.65
CA GLU A 269 31.14 -49.39 27.67
C GLU A 269 31.71 -49.16 29.04
N CYS A 270 33.01 -49.42 29.23
CA CYS A 270 33.65 -49.12 30.50
C CYS A 270 33.75 -47.59 30.72
N LEU A 271 34.17 -46.89 29.65
CA LEU A 271 34.28 -45.45 29.65
C LEU A 271 32.96 -44.89 29.93
N LEU A 272 31.91 -45.49 29.38
CA LEU A 272 30.61 -44.85 29.53
C LEU A 272 30.22 -44.92 30.97
N ILE A 273 30.38 -46.08 31.63
CA ILE A 273 29.83 -46.19 32.99
C ILE A 273 30.53 -45.29 33.97
N ALA A 274 31.84 -45.09 33.67
CA ALA A 274 32.84 -44.49 34.52
C ALA A 274 32.50 -43.05 34.62
N VAL A 275 32.20 -42.55 33.45
CA VAL A 275 32.02 -41.14 33.22
C VAL A 275 30.58 -40.73 33.48
N SER A 276 29.70 -41.68 33.72
CA SER A 276 28.34 -41.33 34.12
C SER A 276 28.23 -41.37 35.64
N ARG A 277 29.34 -41.70 36.28
CA ARG A 277 29.35 -41.84 37.73
C ARG A 277 28.95 -40.54 38.36
N LYS A 278 27.86 -40.59 39.12
CA LYS A 278 27.40 -39.39 39.84
C LYS A 278 28.05 -39.17 41.21
N GLY A 279 27.47 -38.27 41.97
CA GLY A 279 27.71 -38.24 43.38
C GLY A 279 28.44 -37.00 43.61
N LYS A 280 29.36 -37.05 44.58
CA LYS A 280 30.20 -35.94 45.05
C LYS A 280 30.95 -35.36 43.89
N LEU A 281 30.82 -34.06 43.74
CA LEU A 281 31.54 -33.33 42.72
C LEU A 281 33.06 -33.55 42.75
N GLU A 282 33.66 -33.62 43.93
CA GLU A 282 35.13 -33.83 43.99
C GLU A 282 35.60 -35.20 43.57
N ASP A 283 34.66 -36.13 43.52
CA ASP A 283 35.02 -37.47 43.19
C ASP A 283 35.14 -37.60 41.69
N ARG A 284 34.44 -36.75 40.97
CA ARG A 284 34.51 -36.71 39.53
C ARG A 284 35.69 -35.92 39.00
N LYS A 285 36.23 -34.97 39.78
CA LYS A 285 37.38 -34.17 39.37
C LYS A 285 38.42 -34.98 38.57
N PRO A 286 38.82 -36.20 39.06
CA PRO A 286 39.85 -36.96 38.30
C PRO A 286 39.37 -37.49 36.99
N LEU A 287 38.11 -37.30 36.67
CA LEU A 287 37.60 -37.81 35.41
C LEU A 287 38.13 -36.94 34.31
N MET A 288 38.73 -35.83 34.71
CA MET A 288 39.19 -34.85 33.76
C MET A 288 40.45 -35.34 33.10
N VAL A 289 40.93 -36.50 33.52
CA VAL A 289 42.14 -37.03 32.94
C VAL A 289 41.86 -37.42 31.53
N LEU A 290 40.59 -37.59 31.19
CA LEU A 290 40.25 -38.07 29.88
C LEU A 290 40.54 -36.95 28.91
N PHE A 291 40.67 -35.75 29.45
CA PHE A 291 40.97 -34.60 28.61
C PHE A 291 42.45 -34.50 28.34
N GLY A 292 43.19 -35.41 28.93
CA GLY A 292 44.62 -35.37 28.89
C GLY A 292 45.05 -35.64 27.48
N ASP A 293 46.32 -35.28 27.21
CA ASP A 293 46.96 -35.34 25.88
C ASP A 293 46.86 -36.72 25.39
N VAL A 294 47.20 -37.65 26.28
CA VAL A 294 47.32 -39.04 25.89
C VAL A 294 45.98 -39.62 25.59
N ALA A 295 45.05 -39.55 26.54
CA ALA A 295 43.71 -40.11 26.36
C ALA A 295 43.00 -39.49 25.15
N MET A 296 43.06 -38.17 25.03
CA MET A 296 42.34 -37.43 23.97
C MET A 296 42.72 -37.83 22.55
N HIS A 297 43.92 -38.42 22.47
CA HIS A 297 44.49 -38.76 21.22
C HIS A 297 43.79 -40.01 20.70
N TYR A 298 43.55 -40.92 21.61
CA TYR A 298 42.93 -42.17 21.22
C TYR A 298 41.42 -41.95 21.08
N ILE A 299 40.90 -41.02 21.88
CA ILE A 299 39.57 -40.63 21.75
C ILE A 299 39.32 -40.01 20.39
N LEU A 300 40.10 -39.00 20.03
CA LEU A 300 39.84 -38.35 18.76
C LEU A 300 40.00 -39.30 17.56
N SER A 301 40.90 -40.28 17.68
CA SER A 301 41.29 -41.13 16.60
C SER A 301 40.15 -42.05 16.25
N ALA A 302 39.51 -42.51 17.33
CA ALA A 302 38.35 -43.37 17.30
C ALA A 302 37.15 -42.62 16.78
N ALA A 303 37.11 -41.29 17.03
CA ALA A 303 36.04 -40.41 16.58
C ALA A 303 36.18 -39.97 15.14
N GLN A 304 37.41 -39.99 14.66
CA GLN A 304 37.67 -39.64 13.29
C GLN A 304 37.17 -40.75 12.41
N THR A 305 37.21 -41.99 12.93
CA THR A 305 36.75 -43.16 12.16
C THR A 305 35.25 -43.17 11.95
N ALA A 306 34.56 -42.15 12.46
CA ALA A 306 33.14 -41.92 12.19
C ALA A 306 33.04 -41.21 10.83
N ASP A 307 33.54 -41.86 9.78
CA ASP A 307 33.60 -41.28 8.41
C ASP A 307 32.25 -41.38 7.82
N GLY A 308 31.46 -42.25 8.44
CA GLY A 308 30.06 -42.50 8.10
C GLY A 308 29.88 -43.17 6.75
N GLY A 309 30.94 -43.85 6.25
CA GLY A 309 30.94 -44.51 4.92
C GLY A 309 30.01 -45.71 4.82
N GLY A 310 28.71 -45.49 5.01
CA GLY A 310 27.67 -46.52 4.89
C GLY A 310 27.47 -47.22 6.22
N LEU A 311 26.34 -47.92 6.40
CA LEU A 311 26.03 -48.62 7.67
C LEU A 311 26.68 -50.02 7.78
N VAL A 312 27.71 -50.09 8.61
CA VAL A 312 28.35 -51.32 9.06
C VAL A 312 27.89 -51.54 10.50
N GLU A 313 27.01 -52.52 10.70
CA GLU A 313 26.35 -52.66 12.00
C GLU A 313 27.31 -52.62 13.20
N LYS A 314 28.49 -53.22 13.04
CA LYS A 314 29.44 -53.38 14.14
C LYS A 314 29.90 -51.98 14.49
N HIS A 315 30.22 -51.20 13.48
CA HIS A 315 30.85 -49.92 13.68
C HIS A 315 29.89 -48.87 14.18
N TYR A 316 28.68 -48.95 13.67
CA TYR A 316 27.68 -47.96 14.01
C TYR A 316 27.26 -48.14 15.46
N VAL A 317 27.26 -49.38 15.92
CA VAL A 317 26.84 -49.67 17.30
C VAL A 317 27.91 -49.19 18.29
N PHE A 318 29.17 -49.30 17.89
CA PHE A 318 30.27 -48.72 18.63
C PHE A 318 30.13 -47.21 18.68
N LEU A 319 29.82 -46.58 17.55
CA LEU A 319 29.62 -45.13 17.47
C LEU A 319 28.47 -44.64 18.33
N LYS A 320 27.35 -45.32 18.35
CA LYS A 320 26.33 -44.94 19.29
C LYS A 320 26.90 -44.95 20.72
N ARG A 321 27.87 -45.80 21.01
CA ARG A 321 28.43 -45.90 22.40
C ARG A 321 29.45 -44.79 22.67
N LEU A 322 30.38 -44.66 21.73
CA LEU A 322 31.40 -43.67 21.84
C LEU A 322 30.78 -42.30 22.05
N CYS A 323 29.65 -42.13 21.38
CA CYS A 323 29.00 -40.90 21.38
C CYS A 323 28.49 -40.57 22.75
N GLN A 324 27.94 -41.57 23.43
CA GLN A 324 27.36 -41.31 24.75
C GLN A 324 28.46 -41.01 25.74
N VAL A 325 29.63 -41.55 25.46
CA VAL A 325 30.81 -41.32 26.27
C VAL A 325 31.18 -39.86 26.16
N LEU A 326 31.09 -39.35 24.93
CA LEU A 326 31.51 -37.99 24.65
C LEU A 326 30.52 -37.02 25.22
N CYS A 327 29.25 -37.43 25.24
CA CYS A 327 28.17 -36.61 25.81
C CYS A 327 28.31 -36.47 27.32
N ALA A 328 28.50 -37.59 28.00
CA ALA A 328 28.59 -37.60 29.41
C ALA A 328 29.84 -36.84 29.82
N LEU A 329 30.91 -36.98 29.03
CA LEU A 329 32.16 -36.33 29.32
C LEU A 329 32.13 -34.80 29.19
N GLY A 330 31.37 -34.28 28.21
CA GLY A 330 30.97 -32.87 28.21
C GLY A 330 30.08 -32.42 29.39
N ASN A 331 29.17 -33.25 29.86
CA ASN A 331 28.33 -32.81 30.93
C ASN A 331 29.08 -32.82 32.20
N GLN A 332 29.91 -33.84 32.39
CA GLN A 332 30.99 -33.76 33.40
C GLN A 332 31.79 -32.44 33.31
N LEU A 333 32.28 -32.08 32.11
CA LEU A 333 33.11 -30.88 32.02
C LEU A 333 32.33 -29.68 32.42
N CYS A 334 31.06 -29.63 31.98
CA CYS A 334 30.18 -28.51 32.27
C CYS A 334 29.85 -28.45 33.71
N ALA A 335 29.88 -29.56 34.39
CA ALA A 335 29.42 -29.60 35.75
C ALA A 335 30.57 -29.32 36.68
N LEU A 336 31.76 -29.72 36.29
CA LEU A 336 32.96 -29.46 37.08
C LEU A 336 33.51 -28.04 36.94
N LEU A 337 33.35 -27.41 35.79
CA LEU A 337 33.88 -26.08 35.57
C LEU A 337 33.10 -24.91 36.20
N GLY A 338 31.79 -24.89 35.88
CA GLY A 338 30.83 -23.96 36.45
C GLY A 338 31.07 -23.75 37.94
N ALA A 339 31.33 -24.83 38.68
CA ALA A 339 31.60 -24.79 40.14
C ALA A 339 32.99 -24.22 40.56
N ASP A 340 33.69 -23.54 39.62
CA ASP A 340 35.03 -22.89 39.81
C ASP A 340 36.07 -23.69 40.64
N SER A 341 35.64 -24.84 41.19
CA SER A 341 36.40 -25.61 42.17
C SER A 341 37.52 -26.33 41.49
N ASP A 342 38.68 -25.65 41.34
CA ASP A 342 39.99 -26.21 40.82
C ASP A 342 40.08 -26.57 39.35
N VAL A 343 38.97 -27.03 38.77
CA VAL A 343 38.87 -27.38 37.37
C VAL A 343 38.97 -26.11 36.53
N GLU A 344 39.98 -26.12 35.66
CA GLU A 344 40.30 -25.04 34.73
C GLU A 344 40.12 -25.65 33.36
N THR A 345 39.69 -24.85 32.39
CA THR A 345 39.41 -25.40 31.08
C THR A 345 40.57 -26.24 30.53
N PRO A 346 40.34 -27.54 30.26
CA PRO A 346 41.32 -28.47 29.71
C PRO A 346 42.04 -27.91 28.49
N SER A 347 43.35 -28.20 28.39
CA SER A 347 44.19 -27.73 27.25
C SER A 347 43.64 -28.33 26.02
N ASN A 348 43.49 -29.64 26.07
CA ASN A 348 42.89 -30.36 24.98
C ASN A 348 41.36 -30.19 24.66
N PHE A 349 40.74 -29.12 25.09
CA PHE A 349 39.34 -28.87 24.77
C PHE A 349 39.02 -28.76 23.28
N GLY A 350 39.96 -28.22 22.53
CA GLY A 350 39.81 -28.15 21.08
C GLY A 350 39.65 -29.54 20.49
N LYS A 351 40.37 -30.49 21.04
CA LYS A 351 40.30 -31.86 20.50
C LYS A 351 38.94 -32.48 20.83
N TYR A 352 38.42 -32.19 22.02
CA TYR A 352 37.12 -32.74 22.38
C TYR A 352 36.04 -32.25 21.44
N LEU A 353 36.10 -30.95 21.14
CA LEU A 353 35.17 -30.30 20.26
C LEU A 353 35.31 -30.88 18.89
N GLU A 354 36.53 -30.95 18.37
CA GLU A 354 36.73 -31.45 17.00
C GLU A 354 36.16 -32.85 16.88
N SER A 355 36.39 -33.56 17.94
CA SER A 355 35.92 -34.89 17.99
C SER A 355 34.36 -34.93 18.13
N PHE A 356 33.80 -34.16 19.07
CA PHE A 356 32.34 -34.10 19.18
C PHE A 356 31.61 -33.67 17.84
N LEU A 357 32.31 -32.86 17.06
CA LEU A 357 31.71 -32.26 15.94
C LEU A 357 31.56 -33.34 14.92
N ALA A 358 32.53 -34.27 14.90
CA ALA A 358 32.46 -35.50 14.07
C ALA A 358 31.11 -36.24 14.17
N PHE A 359 30.54 -36.33 15.35
CA PHE A 359 29.24 -36.94 15.52
C PHE A 359 28.14 -36.00 15.17
N THR A 360 28.40 -34.68 15.25
CA THR A 360 27.32 -33.72 15.00
C THR A 360 26.96 -33.62 13.56
N THR A 361 27.93 -33.89 12.71
CA THR A 361 27.80 -33.83 11.23
C THR A 361 27.58 -35.18 10.55
N HIS A 362 27.49 -36.25 11.32
CA HIS A 362 27.31 -37.56 10.74
C HIS A 362 25.84 -37.84 10.22
N PRO A 363 25.67 -38.58 9.12
CA PRO A 363 24.28 -38.83 8.61
C PRO A 363 23.22 -39.27 9.58
N SER A 364 23.59 -39.79 10.72
CA SER A 364 22.57 -40.46 11.49
C SER A 364 21.65 -39.57 12.29
N GLN A 365 20.34 -39.70 12.11
CA GLN A 365 19.52 -38.88 12.96
C GLN A 365 19.81 -39.06 14.44
N PHE A 366 19.86 -40.32 14.87
CA PHE A 366 20.07 -40.58 16.26
C PHE A 366 21.39 -39.90 16.77
N LEU A 367 22.46 -40.10 16.04
CA LEU A 367 23.72 -39.54 16.49
C LEU A 367 23.68 -38.06 16.61
N ARG A 368 23.16 -37.35 15.61
CA ARG A 368 23.02 -35.89 15.70
C ARG A 368 22.17 -35.41 16.87
N SER A 369 21.01 -36.02 17.04
CA SER A 369 20.10 -35.61 18.09
C SER A 369 20.73 -35.72 19.42
N SER A 370 21.65 -36.65 19.54
CA SER A 370 22.19 -36.97 20.85
C SER A 370 23.10 -35.90 21.32
N THR A 371 23.78 -35.24 20.40
CA THR A 371 24.80 -34.25 20.76
C THR A 371 24.17 -32.97 21.34
N GLN A 372 22.94 -32.71 20.93
CA GLN A 372 22.21 -31.48 21.23
C GLN A 372 22.33 -31.05 22.69
N MET A 373 21.96 -31.93 23.60
CA MET A 373 21.92 -31.57 25.00
C MET A 373 23.24 -31.10 25.53
N THR A 374 24.32 -31.71 25.09
CA THR A 374 25.66 -31.28 25.53
C THR A 374 26.12 -29.96 24.89
N TRP A 375 25.77 -29.77 23.63
CA TRP A 375 25.94 -28.51 23.02
C TRP A 375 25.16 -27.48 23.81
N GLY A 376 23.88 -27.74 24.10
CA GLY A 376 23.12 -26.80 24.91
C GLY A 376 23.80 -26.54 26.24
N ALA A 377 24.41 -27.52 26.88
CA ALA A 377 25.18 -27.22 28.09
C ALA A 377 26.45 -26.41 27.84
N LEU A 378 27.05 -26.58 26.67
CA LEU A 378 28.31 -25.94 26.39
C LEU A 378 28.09 -24.44 26.11
N PHE A 379 26.93 -24.16 25.54
CA PHE A 379 26.64 -22.83 25.05
C PHE A 379 26.03 -21.90 26.10
N ARG A 380 25.63 -22.47 27.22
CA ARG A 380 25.08 -21.63 28.26
C ARG A 380 26.07 -21.57 29.42
N HIS A 381 27.21 -22.25 29.30
CA HIS A 381 28.24 -22.17 30.35
C HIS A 381 28.75 -20.76 30.56
N GLU A 382 28.66 -20.40 31.83
CA GLU A 382 29.19 -19.16 32.34
C GLU A 382 30.60 -18.90 31.80
N ILE A 383 31.38 -19.95 31.62
CA ILE A 383 32.72 -19.78 31.24
C ILE A 383 33.01 -20.24 29.84
N LEU A 384 32.53 -21.44 29.46
CA LEU A 384 32.91 -21.99 28.18
C LEU A 384 32.32 -21.27 26.95
N SER A 385 31.37 -20.39 27.15
CA SER A 385 30.77 -19.76 25.98
C SER A 385 31.63 -18.56 25.70
N ARG A 386 32.39 -18.19 26.71
CA ARG A 386 33.43 -17.19 26.52
C ARG A 386 34.70 -17.83 25.98
N ASP A 387 34.92 -19.12 26.23
CA ASP A 387 36.06 -19.76 25.57
C ASP A 387 36.10 -19.56 24.07
N PRO A 388 37.27 -19.13 23.53
CA PRO A 388 37.43 -18.94 22.07
C PRO A 388 37.47 -20.23 21.22
N LEU A 389 37.92 -21.34 21.80
CA LEU A 389 37.85 -22.61 21.05
C LEU A 389 36.39 -22.95 20.75
N LEU A 390 35.49 -22.63 21.70
CA LEU A 390 34.07 -22.77 21.45
C LEU A 390 33.53 -21.74 20.49
N LEU A 391 33.88 -20.46 20.68
CA LEU A 391 33.49 -19.45 19.68
C LEU A 391 33.87 -19.90 18.26
N ALA A 392 35.12 -20.37 18.13
CA ALA A 392 35.69 -20.74 16.83
C ALA A 392 34.85 -21.82 16.09
N ILE A 393 34.08 -22.58 16.87
CA ILE A 393 33.50 -23.85 16.41
C ILE A 393 32.06 -23.66 15.98
N ILE A 394 31.53 -22.48 16.22
CA ILE A 394 30.13 -22.20 15.98
C ILE A 394 29.73 -22.14 14.48
N PRO A 395 30.57 -21.49 13.65
CA PRO A 395 30.36 -21.58 12.20
C PRO A 395 30.16 -23.02 11.71
N LYS A 396 31.10 -23.91 12.07
CA LYS A 396 31.00 -25.34 11.74
C LYS A 396 29.74 -26.00 12.35
N TYR A 397 29.38 -25.60 13.60
CA TYR A 397 28.17 -26.08 14.28
C TYR A 397 26.84 -25.69 13.56
N LEU A 398 26.65 -24.40 13.25
CA LEU A 398 25.43 -23.89 12.64
C LEU A 398 25.30 -24.44 11.25
N ARG A 399 26.45 -24.61 10.59
CA ARG A 399 26.47 -25.20 9.26
C ARG A 399 25.83 -26.60 9.32
N ALA A 400 26.16 -27.33 10.38
CA ALA A 400 25.53 -28.62 10.65
C ALA A 400 24.02 -28.50 10.92
N SER A 401 23.66 -27.51 11.70
CA SER A 401 22.29 -27.30 12.05
C SER A 401 21.35 -26.99 10.84
N MET A 402 21.92 -26.43 9.77
CA MET A 402 21.11 -26.06 8.67
C MET A 402 20.64 -27.39 8.12
N THR A 403 21.57 -28.32 7.95
CA THR A 403 21.20 -29.61 7.36
C THR A 403 20.26 -30.35 8.32
N ASN A 404 20.50 -30.16 9.60
CA ASN A 404 19.71 -30.83 10.59
C ASN A 404 18.30 -30.36 10.56
N LEU A 405 18.11 -29.18 9.97
CA LEU A 405 16.82 -28.56 9.93
C LEU A 405 15.97 -29.17 8.83
N VAL A 406 16.63 -29.65 7.80
CA VAL A 406 15.93 -30.22 6.65
C VAL A 406 15.34 -31.55 7.05
N LYS A 407 14.02 -31.65 6.97
CA LYS A 407 13.37 -32.88 7.33
C LYS A 407 13.63 -34.03 6.31
N MET A 408 14.91 -34.39 6.12
CA MET A 408 15.28 -35.54 5.29
C MET A 408 15.83 -36.71 6.09
N GLY A 409 15.74 -37.93 5.52
CA GLY A 409 16.16 -39.15 6.17
C GLY A 409 15.02 -40.05 6.63
N PHE A 410 14.00 -40.20 5.79
CA PHE A 410 12.92 -41.14 6.12
C PHE A 410 13.38 -42.60 6.10
N PRO A 411 12.75 -43.45 6.99
CA PRO A 411 13.06 -44.88 7.02
C PRO A 411 12.66 -45.47 5.69
N SER A 412 11.53 -45.00 5.13
CA SER A 412 10.98 -45.53 3.84
C SER A 412 11.64 -44.97 2.58
N LYS A 413 11.99 -43.70 2.54
CA LYS A 413 12.60 -43.18 1.31
C LYS A 413 14.11 -43.49 1.22
N THR A 414 14.72 -42.97 0.17
CA THR A 414 16.08 -43.28 -0.27
C THR A 414 16.79 -41.99 -0.74
N ASP A 415 16.35 -40.82 -0.27
CA ASP A 415 16.82 -39.54 -0.86
C ASP A 415 18.23 -39.03 -0.45
N SER A 416 18.63 -39.39 0.79
CA SER A 416 19.82 -38.91 1.51
C SER A 416 20.49 -40.08 2.24
N PRO A 417 21.81 -39.96 2.51
CA PRO A 417 22.54 -40.97 3.24
C PRO A 417 21.87 -41.30 4.55
N SER A 418 21.25 -40.34 5.18
CA SER A 418 20.68 -40.58 6.50
C SER A 418 19.59 -41.68 6.51
N CYS A 419 19.00 -41.91 5.34
CA CYS A 419 17.83 -42.77 5.23
C CYS A 419 18.16 -44.18 5.68
N GLU A 420 19.39 -44.60 5.32
CA GLU A 420 19.95 -45.92 5.65
C GLU A 420 19.81 -46.19 7.15
N TYR A 421 20.45 -45.33 7.95
CA TYR A 421 20.50 -45.43 9.41
C TYR A 421 19.20 -45.24 10.10
N SER A 422 18.30 -44.52 9.47
CA SER A 422 17.01 -44.25 10.10
C SER A 422 16.22 -45.53 10.18
N ARG A 423 16.51 -46.42 9.22
CA ARG A 423 16.00 -47.79 9.16
C ARG A 423 16.51 -48.69 10.30
N PHE A 424 17.83 -48.68 10.51
CA PHE A 424 18.44 -49.28 11.69
C PHE A 424 17.80 -48.89 13.06
N ASP A 425 17.32 -47.64 13.17
CA ASP A 425 17.00 -47.01 14.46
C ASP A 425 15.51 -46.89 14.78
N PHE A 426 14.64 -46.86 13.76
CA PHE A 426 13.19 -46.59 13.98
C PHE A 426 12.34 -47.55 13.18
N ASP A 427 11.30 -48.15 13.77
CA ASP A 427 10.45 -49.08 13.02
C ASP A 427 9.91 -48.49 11.72
N SER A 428 9.06 -47.49 11.93
CA SER A 428 8.28 -46.86 10.88
C SER A 428 8.73 -45.43 10.77
N ASP A 429 8.14 -44.75 9.78
CA ASP A 429 8.20 -43.27 9.66
C ASP A 429 7.49 -42.52 10.84
N GLU A 430 6.49 -43.16 11.44
CA GLU A 430 5.81 -42.55 12.57
C GLU A 430 6.78 -42.44 13.72
N ASP A 431 7.57 -43.50 13.98
CA ASP A 431 8.57 -43.44 15.03
C ASP A 431 9.68 -42.46 14.65
N PHE A 432 9.94 -42.33 13.34
CA PHE A 432 10.91 -41.35 12.88
C PHE A 432 10.44 -39.91 13.03
N ASN A 433 9.26 -39.60 12.51
CA ASN A 433 8.64 -38.33 12.79
C ASN A 433 8.66 -37.87 14.28
N ALA A 434 8.06 -38.69 15.12
CA ALA A 434 7.96 -38.39 16.53
C ALA A 434 9.36 -38.07 17.05
N PHE A 435 10.38 -38.79 16.62
CA PHE A 435 11.70 -38.51 17.15
C PHE A 435 12.19 -37.20 16.60
N PHE A 436 12.05 -37.06 15.27
CA PHE A 436 12.48 -35.85 14.53
C PHE A 436 11.91 -34.56 15.07
N ASN A 437 10.59 -34.49 15.09
CA ASN A 437 9.92 -33.30 15.56
C ASN A 437 10.30 -32.95 16.99
N SER A 438 10.24 -33.91 17.92
CA SER A 438 10.62 -33.61 19.29
C SER A 438 12.12 -33.22 19.43
N SER A 439 12.94 -33.84 18.59
CA SER A 439 14.34 -33.47 18.53
C SER A 439 14.53 -32.03 18.14
N ARG A 440 13.76 -31.57 17.15
CA ARG A 440 13.89 -30.21 16.61
C ARG A 440 13.42 -29.12 17.59
N ALA A 441 12.44 -29.45 18.42
CA ALA A 441 12.07 -28.60 19.57
C ALA A 441 13.27 -28.26 20.42
N GLN A 442 14.00 -29.28 20.83
CA GLN A 442 15.18 -29.11 21.66
C GLN A 442 16.29 -28.43 20.84
N GLN A 443 16.40 -28.80 19.56
CA GLN A 443 17.40 -28.26 18.65
C GLN A 443 17.19 -26.76 18.57
N GLY A 444 15.92 -26.36 18.59
CA GLY A 444 15.51 -24.97 18.52
C GLY A 444 16.25 -24.11 19.51
N GLU A 445 16.04 -24.39 20.79
CA GLU A 445 16.67 -23.63 21.87
C GLU A 445 18.21 -23.57 21.76
N VAL A 446 18.82 -24.64 21.23
CA VAL A 446 20.27 -24.80 21.26
C VAL A 446 20.90 -23.94 20.18
N MET A 447 20.23 -23.87 19.06
CA MET A 447 20.66 -23.05 17.94
C MET A 447 20.67 -21.54 18.27
N ARG A 448 19.66 -21.05 19.04
CA ARG A 448 19.59 -19.66 19.52
C ARG A 448 20.79 -19.34 20.35
N LEU A 449 21.18 -20.21 21.27
CA LEU A 449 22.33 -19.92 22.11
C LEU A 449 23.58 -19.76 21.28
N ALA A 450 23.56 -20.36 20.09
CA ALA A 450 24.71 -20.47 19.21
C ALA A 450 24.79 -19.16 18.48
N CYS A 451 23.64 -18.74 17.98
CA CYS A 451 23.55 -17.41 17.39
C CYS A 451 23.84 -16.32 18.38
N ARG A 452 23.34 -16.44 19.60
CA ARG A 452 23.55 -15.41 20.59
C ARG A 452 25.07 -15.20 20.75
N LEU A 453 25.86 -16.23 20.50
CA LEU A 453 27.30 -16.12 20.77
C LEU A 453 28.11 -15.57 19.56
N ASP A 454 27.55 -15.73 18.34
CA ASP A 454 28.15 -15.27 17.09
C ASP A 454 27.09 -14.70 16.13
N PRO A 455 26.66 -13.46 16.39
CA PRO A 455 25.51 -12.99 15.67
C PRO A 455 25.81 -12.68 14.19
N LYS A 456 27.05 -12.24 13.92
CA LYS A 456 27.43 -11.80 12.55
C LYS A 456 27.36 -12.95 11.54
N THR A 457 28.16 -13.97 11.84
CA THR A 457 28.13 -15.21 11.09
C THR A 457 26.75 -15.82 10.89
N SER A 458 25.98 -15.95 11.96
CA SER A 458 24.65 -16.61 11.87
C SER A 458 23.74 -15.91 10.86
N PHE A 459 23.76 -14.58 10.93
CA PHE A 459 23.01 -13.73 9.98
C PHE A 459 23.51 -13.90 8.54
N GLN A 460 24.84 -13.76 8.36
CA GLN A 460 25.46 -14.05 7.06
C GLN A 460 25.06 -15.39 6.36
N MET A 461 25.13 -16.50 7.11
CA MET A 461 24.72 -17.79 6.61
C MET A 461 23.20 -17.94 6.46
N ALA A 462 22.39 -17.28 7.31
CA ALA A 462 20.90 -17.27 7.10
C ALA A 462 20.57 -16.48 5.85
N GLY A 463 21.35 -15.38 5.69
CA GLY A 463 21.37 -14.52 4.51
C GLY A 463 21.64 -15.33 3.24
N GLU A 464 22.77 -16.04 3.22
CA GLU A 464 23.15 -16.75 2.02
C GLU A 464 22.20 -17.87 1.65
N TRP A 465 21.64 -18.55 2.66
CA TRP A 465 20.65 -19.60 2.40
C TRP A 465 19.35 -19.04 1.81
N LEU A 466 19.01 -17.80 2.21
CA LEU A 466 17.91 -17.10 1.57
C LEU A 466 18.14 -16.77 0.07
N LYS A 467 19.21 -16.01 -0.21
CA LYS A 467 19.59 -15.69 -1.59
C LYS A 467 19.54 -16.98 -2.43
N TYR A 468 20.05 -18.07 -1.86
CA TYR A 468 20.09 -19.35 -2.56
C TYR A 468 18.70 -19.88 -2.87
N GLN A 469 17.84 -19.93 -1.87
CA GLN A 469 16.55 -20.56 -2.06
C GLN A 469 15.74 -19.87 -3.11
N LEU A 470 15.91 -18.54 -3.18
CA LEU A 470 15.15 -17.66 -4.07
C LEU A 470 15.31 -17.93 -5.58
N SER A 471 16.41 -18.57 -5.95
CA SER A 471 16.69 -18.87 -7.37
C SER A 471 17.04 -20.33 -7.67
N THR A 472 16.17 -21.30 -7.36
CA THR A 472 16.44 -22.75 -7.66
C THR A 472 15.13 -23.49 -7.96
N PHE A 473 15.21 -24.79 -8.36
CA PHE A 473 14.03 -25.69 -8.59
C PHE A 473 12.90 -25.00 -9.35
N SER A 491 -3.21 -30.20 -8.97
CA SER A 491 -2.30 -30.47 -7.87
C SER A 491 -0.85 -30.83 -8.30
N LEU A 492 -0.45 -30.37 -9.49
CA LEU A 492 0.95 -30.47 -9.96
C LEU A 492 1.73 -29.11 -9.90
N CYS A 493 1.33 -28.22 -8.97
CA CYS A 493 2.16 -27.04 -8.60
C CYS A 493 3.13 -27.33 -7.42
N SER A 494 2.70 -27.37 -6.12
CA SER A 494 3.61 -27.76 -4.97
C SER A 494 2.99 -28.52 -3.75
N VAL A 495 3.77 -29.36 -3.05
CA VAL A 495 3.21 -30.24 -1.97
C VAL A 495 4.19 -30.61 -0.81
N PHE A 496 4.99 -31.65 -0.98
CA PHE A 496 6.02 -32.00 0.01
C PHE A 496 7.28 -32.38 -0.65
N SER A 497 7.34 -31.89 -1.90
CA SER A 497 8.54 -31.81 -2.75
C SER A 497 9.77 -31.35 -1.97
N PRO A 498 10.96 -31.70 -2.48
CA PRO A 498 12.25 -31.29 -1.89
C PRO A 498 12.38 -29.78 -1.74
N SER A 499 11.66 -29.02 -2.58
CA SER A 499 11.73 -27.55 -2.55
C SER A 499 11.08 -26.99 -1.28
N PHE A 500 9.83 -27.39 -1.06
CA PHE A 500 9.09 -26.94 0.10
C PHE A 500 9.80 -27.26 1.44
N VAL A 501 10.30 -28.46 1.52
CA VAL A 501 11.04 -28.96 2.65
C VAL A 501 12.35 -28.17 2.85
N GLN A 502 12.97 -27.80 1.74
CA GLN A 502 14.12 -26.98 1.82
C GLN A 502 13.75 -25.55 2.27
N TRP A 503 12.58 -25.10 1.83
CA TRP A 503 12.12 -23.73 2.13
C TRP A 503 11.73 -23.55 3.59
N GLU A 504 11.04 -24.55 4.11
CA GLU A 504 10.60 -24.53 5.48
C GLU A 504 11.77 -24.58 6.44
N ALA A 505 12.82 -25.27 6.09
CA ALA A 505 13.98 -25.36 6.95
C ALA A 505 14.71 -24.03 6.88
N MET A 506 14.76 -23.45 5.69
CA MET A 506 15.46 -22.20 5.48
C MET A 506 14.79 -21.04 6.26
N THR A 507 13.47 -20.91 6.07
CA THR A 507 12.67 -19.96 6.81
C THR A 507 12.97 -20.04 8.32
N LEU A 508 12.65 -21.19 8.88
CA LEU A 508 12.87 -21.52 10.25
C LEU A 508 14.22 -21.14 10.78
N PHE A 509 15.27 -21.32 9.99
CA PHE A 509 16.61 -20.90 10.43
C PHE A 509 16.69 -19.37 10.47
N LEU A 510 16.26 -18.76 9.37
CA LEU A 510 16.39 -17.34 9.30
C LEU A 510 15.63 -16.62 10.45
N GLU A 511 14.31 -16.90 10.53
CA GLU A 511 13.47 -16.32 11.54
C GLU A 511 14.09 -16.52 12.96
N SER A 512 14.51 -17.73 13.23
CA SER A 512 15.27 -17.94 14.40
C SER A 512 16.46 -17.02 14.49
N VAL A 513 17.20 -16.85 13.39
CA VAL A 513 18.43 -16.05 13.47
C VAL A 513 18.23 -14.56 13.66
N ILE A 514 17.23 -14.00 12.97
CA ILE A 514 16.94 -12.55 13.03
C ILE A 514 16.43 -12.11 14.46
N THR A 515 15.49 -12.85 15.02
CA THR A 515 14.90 -12.52 16.29
C THR A 515 15.96 -12.58 17.33
N GLN A 516 16.85 -13.55 17.17
CA GLN A 516 17.99 -13.62 18.08
C GLN A 516 18.90 -12.43 17.90
N MET A 517 19.08 -11.99 16.65
CA MET A 517 20.07 -10.95 16.40
C MET A 517 19.64 -9.61 16.96
N PHE A 518 18.35 -9.35 16.87
CA PHE A 518 17.77 -8.14 17.38
C PHE A 518 17.60 -8.21 18.89
N ARG A 519 18.42 -9.01 19.56
CA ARG A 519 18.43 -9.00 20.99
C ARG A 519 19.83 -8.85 21.48
N THR A 520 20.76 -9.33 20.69
CA THR A 520 22.16 -9.34 21.11
C THR A 520 22.97 -8.16 20.54
N LEU A 521 22.89 -7.98 19.24
CA LEU A 521 23.60 -6.93 18.57
C LEU A 521 22.94 -5.62 18.97
N ASN A 522 23.74 -4.63 19.40
CA ASN A 522 23.19 -3.31 19.72
C ASN A 522 22.40 -2.62 18.63
N ARG A 523 21.67 -1.62 19.08
CA ARG A 523 20.91 -0.74 18.21
C ARG A 523 21.67 -0.34 16.88
N GLU A 524 22.99 -0.59 16.85
CA GLU A 524 23.91 -0.12 15.78
C GLU A 524 24.70 -1.13 14.99
N GLU A 525 24.86 -2.35 15.50
CA GLU A 525 25.63 -3.37 14.77
C GLU A 525 24.86 -4.06 13.66
N ILE A 526 23.65 -3.59 13.43
CA ILE A 526 22.81 -4.26 12.50
C ILE A 526 23.15 -3.99 11.01
N PRO A 527 23.46 -5.06 10.29
CA PRO A 527 23.41 -5.14 8.86
C PRO A 527 22.08 -4.62 8.31
N VAL A 528 21.87 -3.33 8.40
CA VAL A 528 20.65 -2.76 7.86
C VAL A 528 20.60 -3.01 6.34
N ASN A 529 21.73 -2.71 5.69
CA ASN A 529 21.76 -2.72 4.25
C ASN A 529 21.51 -4.10 3.74
N ASP A 530 22.15 -5.08 4.37
CA ASP A 530 21.92 -6.47 4.03
C ASP A 530 20.51 -6.97 4.40
N GLY A 531 20.04 -6.46 5.54
CA GLY A 531 18.66 -6.60 5.90
C GLY A 531 17.69 -6.25 4.78
N ILE A 532 17.78 -5.04 4.25
CA ILE A 532 16.72 -4.55 3.32
C ILE A 532 16.94 -5.19 1.98
N GLU A 533 18.20 -5.56 1.77
CA GLU A 533 18.61 -6.29 0.60
C GLU A 533 17.76 -7.53 0.46
N LEU A 534 17.74 -8.30 1.54
CA LEU A 534 16.98 -9.55 1.60
C LEU A 534 15.46 -9.35 1.64
N LEU A 535 15.08 -8.32 2.40
CA LEU A 535 13.71 -7.90 2.50
C LEU A 535 13.15 -7.60 1.09
N GLN A 536 13.96 -6.93 0.26
CA GLN A 536 13.51 -6.63 -1.08
C GLN A 536 13.34 -7.88 -1.86
N MET A 537 14.33 -8.75 -1.75
CA MET A 537 14.27 -9.92 -2.57
C MET A 537 13.05 -10.76 -2.23
N VAL A 538 12.76 -10.82 -0.93
CA VAL A 538 11.58 -11.53 -0.46
C VAL A 538 10.30 -10.87 -1.00
N LEU A 539 10.29 -9.56 -0.98
CA LEU A 539 9.15 -8.84 -1.46
C LEU A 539 8.93 -9.10 -2.95
N ASN A 540 9.99 -8.96 -3.74
CA ASN A 540 9.88 -9.08 -5.19
C ASN A 540 9.66 -10.49 -5.66
N PHE A 541 9.87 -11.44 -4.79
CA PHE A 541 9.69 -12.81 -5.16
C PHE A 541 8.19 -13.13 -5.36
N ASP A 542 7.83 -14.08 -6.20
CA ASP A 542 6.42 -14.27 -6.46
C ASP A 542 6.00 -15.77 -6.55
N THR A 543 4.85 -16.16 -5.96
CA THR A 543 4.37 -17.57 -6.02
C THR A 543 2.92 -17.54 -6.05
N LYS A 544 2.34 -18.41 -6.84
CA LYS A 544 0.92 -18.73 -6.84
C LYS A 544 0.68 -19.99 -5.96
N ASP A 545 1.75 -20.46 -5.31
CA ASP A 545 1.70 -21.69 -4.51
C ASP A 545 1.59 -21.39 -3.00
N PRO A 546 0.48 -21.84 -2.39
CA PRO A 546 0.12 -21.51 -1.01
C PRO A 546 1.21 -21.83 0.00
N LEU A 547 1.76 -23.04 -0.09
CA LEU A 547 2.75 -23.43 0.86
C LEU A 547 4.01 -22.57 0.72
N ILE A 548 4.31 -22.05 -0.46
CA ILE A 548 5.57 -21.32 -0.58
C ILE A 548 5.35 -19.91 -0.08
N LEU A 549 4.19 -19.38 -0.42
CA LEU A 549 3.84 -18.01 -0.05
C LEU A 549 3.90 -17.89 1.49
N SER A 550 3.44 -18.96 2.12
CA SER A 550 3.38 -19.04 3.52
C SER A 550 4.77 -18.96 4.12
N CYS A 551 5.80 -19.47 3.49
CA CYS A 551 7.14 -19.21 3.99
C CYS A 551 7.54 -17.80 3.69
N VAL A 552 7.05 -17.29 2.54
CA VAL A 552 7.40 -15.95 2.12
C VAL A 552 6.99 -14.98 3.23
N LEU A 553 5.69 -15.11 3.60
CA LEU A 553 5.07 -14.26 4.64
C LEU A 553 5.81 -14.31 5.96
N THR A 554 6.24 -15.51 6.35
CA THR A 554 7.12 -15.64 7.51
C THR A 554 8.50 -14.91 7.38
N ASN A 555 9.09 -15.01 6.20
CA ASN A 555 10.36 -14.36 5.94
C ASN A 555 10.21 -12.87 5.92
N VAL A 556 8.99 -12.40 5.58
CA VAL A 556 8.77 -10.97 5.64
C VAL A 556 8.72 -10.47 7.09
N SER A 557 8.00 -11.23 7.91
CA SER A 557 7.83 -10.84 9.30
C SER A 557 9.12 -10.96 9.98
N ALA A 558 9.90 -11.99 9.69
CA ALA A 558 11.22 -12.05 10.29
C ALA A 558 12.04 -10.82 9.89
N LEU A 559 12.01 -10.48 8.61
CA LEU A 559 12.83 -9.38 8.14
C LEU A 559 12.25 -8.00 8.45
N PHE A 560 11.04 -7.97 9.01
CA PHE A 560 10.27 -6.72 9.12
C PHE A 560 10.86 -5.60 10.03
N PRO A 561 11.58 -5.94 11.11
CA PRO A 561 12.30 -4.92 11.91
C PRO A 561 13.28 -4.05 11.07
N PHE A 562 13.70 -4.54 9.94
CA PHE A 562 14.36 -3.62 9.03
C PHE A 562 13.61 -2.34 8.54
N VAL A 563 12.32 -2.44 8.30
CA VAL A 563 11.51 -1.30 7.89
C VAL A 563 11.61 -0.15 8.88
N THR A 564 12.06 -0.39 10.10
CA THR A 564 12.24 0.68 11.06
C THR A 564 13.23 1.66 10.54
N TYR A 565 14.28 1.18 9.91
CA TYR A 565 15.28 2.05 9.32
C TYR A 565 14.89 2.61 7.97
N ARG A 566 14.07 1.88 7.23
CA ARG A 566 13.70 2.27 5.88
C ARG A 566 12.20 2.19 5.64
N PRO A 567 11.47 3.15 6.22
CA PRO A 567 10.01 3.16 6.19
C PRO A 567 9.46 3.28 4.79
N GLU A 568 10.28 3.68 3.80
CA GLU A 568 9.83 3.61 2.40
C GLU A 568 9.22 2.26 2.06
N PHE A 569 9.59 1.21 2.81
CA PHE A 569 9.20 -0.15 2.40
C PHE A 569 7.85 -0.65 2.87
N LEU A 570 7.28 0.06 3.85
CA LEU A 570 5.98 -0.25 4.42
C LEU A 570 4.89 -0.58 3.41
N PRO A 571 4.64 0.29 2.44
CA PRO A 571 3.62 -0.01 1.49
C PRO A 571 3.82 -1.37 0.84
N GLN A 572 5.04 -1.69 0.42
CA GLN A 572 5.33 -2.97 -0.20
C GLN A 572 4.95 -4.11 0.73
N VAL A 573 5.42 -3.98 1.98
CA VAL A 573 5.04 -4.85 3.08
C VAL A 573 3.50 -4.99 3.23
N PHE A 574 2.77 -3.89 3.39
CA PHE A 574 1.31 -3.98 3.42
C PHE A 574 0.74 -4.71 2.20
N SER A 575 1.37 -4.49 1.05
CA SER A 575 0.86 -5.00 -0.23
C SER A 575 0.93 -6.49 -0.19
N LYS A 576 2.09 -6.94 0.29
CA LYS A 576 2.42 -8.34 0.33
C LYS A 576 1.42 -9.10 1.19
N LEU A 577 1.05 -8.48 2.34
CA LEU A 577 0.29 -9.14 3.41
C LEU A 577 -1.19 -9.14 3.02
N PHE A 578 -1.70 -7.96 2.69
CA PHE A 578 -3.08 -7.80 2.36
C PHE A 578 -3.49 -8.60 1.13
N SER A 579 -2.63 -8.65 0.11
CA SER A 579 -2.95 -9.46 -1.06
C SER A 579 -3.18 -10.93 -0.63
N SER A 580 -2.26 -11.47 0.17
CA SER A 580 -2.47 -12.80 0.79
C SER A 580 -3.74 -12.99 1.65
N VAL A 581 -4.29 -11.89 2.15
CA VAL A 581 -5.42 -11.99 3.01
C VAL A 581 -6.61 -12.45 2.13
N THR A 582 -6.66 -11.92 0.90
CA THR A 582 -7.90 -11.84 0.11
C THR A 582 -8.29 -13.17 -0.42
N PHE A 583 -7.31 -13.85 -1.01
CA PHE A 583 -7.64 -15.15 -1.54
C PHE A 583 -6.33 -15.86 -1.70
N GLU A 584 -6.45 -17.05 -2.23
CA GLU A 584 -5.41 -17.63 -3.03
C GLU A 584 -5.95 -18.11 -4.43
N THR A 585 -5.42 -17.49 -5.50
CA THR A 585 -5.93 -17.69 -6.89
C THR A 585 -5.72 -19.10 -7.47
N VAL A 586 -5.71 -20.07 -6.54
CA VAL A 586 -6.02 -21.40 -6.91
C VAL A 586 -7.35 -21.31 -7.69
N GLU A 587 -8.37 -20.63 -7.17
CA GLU A 587 -9.67 -20.63 -7.83
C GLU A 587 -10.70 -20.16 -6.86
N GLU A 588 -11.62 -19.32 -7.36
CA GLU A 588 -12.60 -18.63 -6.52
C GLU A 588 -13.91 -19.41 -6.17
N SER A 589 -15.04 -18.85 -6.61
CA SER A 589 -16.40 -19.41 -6.43
C SER A 589 -16.65 -20.61 -7.34
N LYS A 590 -15.69 -21.52 -7.47
CA LYS A 590 -15.84 -22.67 -8.37
C LYS A 590 -15.30 -23.98 -7.77
N ALA A 591 -14.22 -23.87 -6.96
CA ALA A 591 -13.63 -25.03 -6.24
C ALA A 591 -13.55 -24.79 -4.72
N PRO A 592 -13.52 -25.91 -3.95
CA PRO A 592 -13.43 -25.84 -2.48
C PRO A 592 -12.08 -25.34 -1.95
N ARG A 593 -12.14 -24.65 -0.82
CA ARG A 593 -11.00 -24.02 -0.21
C ARG A 593 -10.09 -25.05 0.45
N THR A 594 -8.93 -25.24 -0.17
CA THR A 594 -7.92 -26.15 0.34
C THR A 594 -7.33 -25.60 1.63
N ARG A 595 -6.78 -26.45 2.50
CA ARG A 595 -6.25 -25.99 3.79
C ARG A 595 -5.09 -25.02 3.63
N ALA A 596 -4.16 -25.32 2.72
CA ALA A 596 -2.98 -24.47 2.56
C ALA A 596 -3.38 -23.05 2.18
N VAL A 597 -4.52 -22.92 1.52
CA VAL A 597 -5.06 -21.63 1.10
C VAL A 597 -5.56 -20.86 2.32
N ARG A 598 -6.50 -21.49 3.03
CA ARG A 598 -7.02 -20.88 4.24
C ARG A 598 -5.90 -20.77 5.31
N ASN A 599 -4.82 -21.53 5.17
CA ASN A 599 -3.65 -21.30 6.03
C ASN A 599 -2.88 -20.03 5.73
N VAL A 600 -2.61 -19.71 4.47
CA VAL A 600 -1.82 -18.50 4.19
C VAL A 600 -2.59 -17.28 4.51
N ARG A 601 -3.90 -17.31 4.24
CA ARG A 601 -4.77 -16.16 4.53
C ARG A 601 -4.64 -15.90 6.04
N ARG A 602 -5.03 -16.90 6.85
CA ARG A 602 -4.82 -16.82 8.29
C ARG A 602 -3.43 -16.31 8.62
N HIS A 603 -2.40 -16.85 7.98
CA HIS A 603 -1.04 -16.49 8.28
C HIS A 603 -0.79 -14.99 7.99
N ALA A 604 -1.40 -14.48 6.92
CA ALA A 604 -1.23 -13.10 6.55
C ALA A 604 -1.85 -12.19 7.62
N CYS A 605 -3.14 -12.45 7.90
CA CYS A 605 -3.90 -11.77 8.95
C CYS A 605 -3.18 -11.80 10.25
N SER A 606 -2.66 -12.94 10.69
CA SER A 606 -1.71 -12.98 11.80
C SER A 606 -0.50 -12.01 11.77
N SER A 607 0.21 -11.99 10.64
CA SER A 607 1.37 -11.07 10.48
C SER A 607 0.92 -9.59 10.53
N ILE A 608 -0.38 -9.38 10.22
CA ILE A 608 -0.90 -8.03 10.22
C ILE A 608 -0.97 -7.49 11.68
N ILE A 609 -1.49 -8.36 12.56
CA ILE A 609 -1.59 -8.08 13.96
C ILE A 609 -0.20 -7.94 14.56
N LYS A 610 0.73 -8.82 14.17
CA LYS A 610 2.00 -8.91 14.85
C LYS A 610 2.69 -7.65 14.46
N MET A 611 2.36 -7.18 13.27
CA MET A 611 3.09 -6.03 12.75
C MET A 611 2.71 -4.74 13.52
N CYS A 612 1.39 -4.61 13.69
CA CYS A 612 0.74 -3.48 14.34
C CYS A 612 1.04 -3.49 15.82
N ARG A 613 0.90 -4.68 16.46
CA ARG A 613 1.26 -4.86 17.88
C ARG A 613 2.72 -4.56 18.18
N ASP A 614 3.64 -5.06 17.36
CA ASP A 614 5.11 -4.78 17.58
C ASP A 614 5.76 -3.44 17.12
N TYR A 615 5.37 -2.89 15.97
CA TYR A 615 5.87 -1.60 15.51
C TYR A 615 4.65 -0.76 15.24
N PRO A 616 4.16 -0.01 16.23
CA PRO A 616 2.97 0.76 15.87
C PRO A 616 3.21 2.26 15.56
N GLN A 617 4.15 2.92 16.27
CA GLN A 617 4.62 4.29 15.82
C GLN A 617 4.92 4.24 14.34
N LEU A 618 5.51 3.12 13.92
CA LEU A 618 5.77 2.83 12.55
C LEU A 618 4.54 2.77 11.75
N VAL A 619 3.69 1.77 11.94
CA VAL A 619 2.45 1.81 11.12
C VAL A 619 1.64 3.09 11.29
N LEU A 620 1.92 3.90 12.32
CA LEU A 620 1.01 5.04 12.62
C LEU A 620 0.79 6.02 11.49
N PRO A 621 1.87 6.57 10.92
CA PRO A 621 1.55 7.52 9.85
C PRO A 621 0.62 6.95 8.80
N ASN A 622 0.59 5.65 8.59
CA ASN A 622 -0.22 5.07 7.49
C ASN A 622 -1.65 4.63 7.86
N PHE A 623 -2.22 5.19 8.95
CA PHE A 623 -3.47 4.69 9.57
C PHE A 623 -4.80 4.80 8.74
N ASP A 624 -5.05 5.97 8.16
CA ASP A 624 -6.16 6.14 7.27
C ASP A 624 -6.15 5.16 6.12
N MET A 625 -4.98 4.89 5.59
CA MET A 625 -4.92 4.05 4.44
C MET A 625 -5.35 2.62 4.83
N LEU A 626 -4.75 2.08 5.91
CA LEU A 626 -5.15 0.77 6.41
C LEU A 626 -6.66 0.68 6.76
N TYR A 627 -7.19 1.74 7.38
CA TYR A 627 -8.56 1.85 7.83
C TYR A 627 -9.44 1.65 6.61
N ASN A 628 -9.20 2.53 5.64
CA ASN A 628 -9.87 2.46 4.35
C ASN A 628 -9.74 1.08 3.67
N HIS A 629 -8.54 0.52 3.70
CA HIS A 629 -8.39 -0.76 3.07
C HIS A 629 -9.32 -1.84 3.63
N VAL A 630 -9.34 -1.92 4.98
CA VAL A 630 -10.08 -2.93 5.74
C VAL A 630 -11.63 -2.70 5.63
N LYS A 631 -11.99 -1.42 5.58
CA LYS A 631 -13.34 -1.04 5.39
C LYS A 631 -13.86 -1.61 4.05
N GLN A 632 -13.01 -1.49 3.02
CA GLN A 632 -13.30 -1.97 1.68
C GLN A 632 -13.42 -3.48 1.69
N LEU A 633 -12.51 -4.12 2.37
CA LEU A 633 -12.51 -5.54 2.44
C LEU A 633 -13.69 -6.13 3.13
N LEU A 634 -14.24 -5.42 4.12
CA LEU A 634 -15.42 -5.90 4.85
C LEU A 634 -16.72 -5.51 4.12
N SER A 635 -16.63 -4.50 3.25
CA SER A 635 -17.77 -4.03 2.46
C SER A 635 -18.65 -5.13 1.94
N ASN A 636 -18.06 -6.19 1.43
CA ASN A 636 -18.91 -7.26 0.98
C ASN A 636 -18.79 -8.26 2.07
N GLU A 637 -19.91 -8.38 2.81
CA GLU A 637 -19.91 -9.19 4.02
C GLU A 637 -19.57 -10.65 3.71
N LEU A 638 -19.66 -11.07 2.43
CA LEU A 638 -19.52 -12.52 2.07
C LEU A 638 -18.10 -12.89 1.74
N LEU A 639 -17.27 -11.87 1.50
CA LEU A 639 -15.85 -12.07 1.06
C LEU A 639 -14.86 -12.74 2.05
N LEU A 640 -14.65 -12.15 3.24
CA LEU A 640 -13.67 -12.70 4.18
C LEU A 640 -14.31 -13.57 5.22
N THR A 641 -13.50 -14.42 5.80
CA THR A 641 -13.91 -15.25 6.89
C THR A 641 -14.14 -14.34 8.10
N GLN A 642 -15.18 -14.64 8.91
CA GLN A 642 -15.28 -13.92 10.22
C GLN A 642 -13.92 -13.81 10.98
N MET A 643 -13.18 -14.90 11.00
CA MET A 643 -11.90 -14.90 11.65
C MET A 643 -10.93 -13.91 11.00
N GLU A 644 -10.96 -13.84 9.66
CA GLU A 644 -10.11 -12.94 8.91
C GLU A 644 -10.57 -11.51 9.16
N LYS A 645 -11.89 -11.34 9.22
CA LYS A 645 -12.46 -10.00 9.33
C LYS A 645 -11.91 -9.44 10.58
N CYS A 646 -12.09 -10.18 11.67
CA CYS A 646 -11.67 -9.67 12.98
C CYS A 646 -10.24 -9.46 13.25
N ALA A 647 -9.39 -10.29 12.65
CA ALA A 647 -7.94 -10.12 12.82
C ALA A 647 -7.56 -8.76 12.33
N LEU A 648 -8.18 -8.35 11.23
CA LEU A 648 -7.89 -7.04 10.67
C LEU A 648 -8.35 -5.93 11.63
N MET A 649 -9.57 -6.10 12.19
CA MET A 649 -10.08 -5.14 13.16
C MET A 649 -9.20 -5.03 14.39
N GLU A 650 -8.91 -6.18 14.99
CA GLU A 650 -7.85 -6.25 15.97
C GLU A 650 -6.62 -5.43 15.68
N ALA A 651 -6.15 -5.45 14.43
CA ALA A 651 -4.88 -4.79 14.04
C ALA A 651 -5.07 -3.30 14.07
N LEU A 652 -6.22 -2.89 13.53
CA LEU A 652 -6.67 -1.51 13.51
C LEU A 652 -6.76 -0.98 14.94
N VAL A 653 -7.41 -1.77 15.84
CA VAL A 653 -7.41 -1.41 17.28
C VAL A 653 -6.02 -1.17 17.79
N LEU A 654 -5.09 -2.04 17.44
CA LEU A 654 -3.70 -1.95 17.95
C LEU A 654 -2.92 -0.71 17.54
N ILE A 655 -3.30 -0.14 16.40
CA ILE A 655 -2.70 1.06 15.92
C ILE A 655 -3.25 2.28 16.58
N SER A 656 -4.56 2.25 16.78
CA SER A 656 -5.25 3.31 17.52
C SER A 656 -4.73 3.44 18.94
N ASN A 657 -4.24 2.36 19.56
CA ASN A 657 -3.54 2.52 20.86
C ASN A 657 -2.44 3.56 20.84
N GLN A 658 -1.98 3.90 19.65
CA GLN A 658 -0.83 4.73 19.46
C GLN A 658 -1.21 6.17 19.40
N PHE A 659 -2.52 6.45 19.24
CA PHE A 659 -2.99 7.84 19.25
C PHE A 659 -2.59 8.40 20.55
N LYS A 660 -2.37 7.48 21.50
CA LYS A 660 -2.23 7.76 22.92
C LYS A 660 -3.08 8.96 23.39
N ASN A 661 -4.39 8.89 23.10
CA ASN A 661 -5.31 9.97 23.50
C ASN A 661 -6.76 9.47 23.63
N TYR A 662 -7.36 9.67 24.83
CA TYR A 662 -8.60 8.97 25.26
C TYR A 662 -9.78 9.19 24.28
N GLU A 663 -10.19 10.43 24.14
CA GLU A 663 -11.36 10.78 23.35
C GLU A 663 -11.14 10.38 21.92
N ARG A 664 -9.94 10.69 21.43
CA ARG A 664 -9.48 10.31 20.08
C ARG A 664 -9.79 8.82 19.76
N GLN A 665 -9.27 7.91 20.60
CA GLN A 665 -9.64 6.49 20.55
C GLN A 665 -11.12 6.18 20.87
N LYS A 666 -11.75 7.01 21.68
CA LYS A 666 -13.06 6.69 22.12
C LYS A 666 -13.91 6.74 20.82
N VAL A 667 -13.66 7.81 20.05
CA VAL A 667 -14.45 8.16 18.84
C VAL A 667 -14.20 7.10 17.75
N PHE A 668 -12.92 6.75 17.55
CA PHE A 668 -12.57 5.70 16.60
C PHE A 668 -13.29 4.35 16.82
N LEU A 669 -13.31 3.92 18.08
CA LEU A 669 -13.75 2.58 18.41
C LEU A 669 -15.22 2.44 18.33
N GLU A 670 -15.90 3.55 18.65
CA GLU A 670 -17.35 3.61 18.60
C GLU A 670 -17.81 3.63 17.18
N GLU A 671 -17.03 4.33 16.35
CA GLU A 671 -17.20 4.24 14.89
C GLU A 671 -16.81 2.90 14.27
N LEU A 672 -15.69 2.31 14.70
CA LEU A 672 -15.30 0.97 14.26
C LEU A 672 -16.33 -0.10 14.60
N MET A 673 -16.91 0.03 15.79
CA MET A 673 -17.91 -0.90 16.32
C MET A 673 -19.36 -0.59 15.90
N ALA A 674 -19.55 0.61 15.36
CA ALA A 674 -20.85 1.06 14.94
C ALA A 674 -21.80 0.06 14.15
N PRO A 675 -21.31 -0.74 13.18
CA PRO A 675 -22.19 -1.81 12.61
C PRO A 675 -22.48 -2.96 13.56
N VAL A 676 -21.51 -3.29 14.41
CA VAL A 676 -21.63 -4.49 15.28
C VAL A 676 -22.73 -4.21 16.32
N ALA A 677 -22.62 -3.02 16.96
CA ALA A 677 -23.63 -2.51 17.84
C ALA A 677 -24.99 -2.56 17.16
N SER A 678 -25.07 -2.17 15.89
CA SER A 678 -26.36 -2.21 15.21
C SER A 678 -27.08 -3.55 15.24
N ILE A 679 -26.32 -4.61 14.96
CA ILE A 679 -26.85 -5.93 14.70
C ILE A 679 -27.17 -6.53 16.06
N TRP A 680 -26.39 -6.12 17.07
CA TRP A 680 -26.39 -6.80 18.37
C TRP A 680 -27.54 -6.27 19.25
N LEU A 681 -27.66 -4.93 19.32
CA LEU A 681 -28.67 -4.23 20.04
C LEU A 681 -29.96 -4.17 19.26
N SER A 682 -30.03 -4.84 18.12
CA SER A 682 -31.25 -4.82 17.31
C SER A 682 -32.37 -5.52 18.06
N GLN A 683 -33.59 -5.10 17.75
CA GLN A 683 -34.79 -5.55 18.46
C GLN A 683 -34.97 -7.05 18.27
N ASP A 684 -34.90 -7.53 17.05
CA ASP A 684 -35.08 -8.98 16.83
C ASP A 684 -33.90 -9.81 17.32
N MET A 685 -32.69 -9.22 17.36
CA MET A 685 -31.50 -9.91 17.94
C MET A 685 -31.66 -10.18 19.45
N HIS A 686 -31.98 -9.12 20.20
CA HIS A 686 -32.53 -9.28 21.55
C HIS A 686 -33.43 -10.53 21.72
N ARG A 687 -34.46 -10.69 20.93
CA ARG A 687 -35.30 -11.87 21.10
C ARG A 687 -34.52 -13.16 20.86
N VAL A 688 -33.67 -13.14 19.85
CA VAL A 688 -32.88 -14.33 19.47
C VAL A 688 -31.98 -14.72 20.62
N LEU A 689 -31.42 -13.70 21.29
CA LEU A 689 -30.48 -13.86 22.38
C LEU A 689 -31.13 -14.27 23.74
N SER A 690 -32.42 -13.91 23.90
CA SER A 690 -33.10 -14.08 25.15
C SER A 690 -33.96 -15.30 25.12
N ASP A 691 -34.56 -15.62 23.99
CA ASP A 691 -35.46 -16.74 23.99
C ASP A 691 -34.76 -17.97 23.44
N VAL A 692 -34.93 -19.13 24.07
CA VAL A 692 -34.34 -20.38 23.59
C VAL A 692 -34.94 -20.86 22.27
N ASP A 693 -36.25 -20.67 22.08
CA ASP A 693 -36.91 -21.16 20.86
C ASP A 693 -36.58 -20.25 19.71
N ALA A 694 -36.51 -18.94 19.97
CA ALA A 694 -36.05 -17.93 19.02
C ALA A 694 -34.63 -18.28 18.55
N PHE A 695 -33.79 -18.63 19.55
CA PHE A 695 -32.42 -18.98 19.35
C PHE A 695 -32.28 -20.28 18.58
N ILE A 696 -32.90 -21.36 19.04
CA ILE A 696 -32.73 -22.61 18.30
C ILE A 696 -33.10 -22.32 16.85
N ALA A 697 -34.03 -21.37 16.68
CA ALA A 697 -34.63 -21.05 15.37
C ALA A 697 -33.65 -20.39 14.46
N TYR A 698 -33.12 -19.25 14.92
CA TYR A 698 -32.07 -18.56 14.24
C TYR A 698 -30.99 -19.51 13.76
N VAL A 699 -30.66 -20.53 14.56
CA VAL A 699 -29.49 -21.36 14.21
C VAL A 699 -29.70 -22.73 13.51
N GLY A 700 -30.91 -23.28 13.56
CA GLY A 700 -31.23 -24.37 12.67
C GLY A 700 -31.04 -25.71 13.30
N THR A 701 -31.36 -25.80 14.57
CA THR A 701 -31.35 -27.13 15.17
C THR A 701 -32.78 -27.67 15.24
N ASP A 702 -33.72 -26.74 15.07
CA ASP A 702 -35.12 -27.05 14.91
C ASP A 702 -35.48 -27.79 13.57
N GLN A 703 -34.58 -27.82 12.57
CA GLN A 703 -35.06 -28.26 11.23
C GLN A 703 -34.44 -29.43 10.51
N LYS A 704 -35.28 -30.16 9.80
CA LYS A 704 -34.86 -31.36 9.08
C LYS A 704 -34.41 -31.07 7.65
N ASP A 707 -34.73 -31.14 1.15
CA ASP A 707 -33.45 -30.54 1.60
C ASP A 707 -33.08 -30.93 3.06
N PRO A 708 -32.69 -32.22 3.30
CA PRO A 708 -32.09 -32.56 4.62
C PRO A 708 -30.60 -32.10 4.74
N GLY A 709 -30.07 -31.58 3.63
CA GLY A 709 -28.70 -31.06 3.60
C GLY A 709 -28.55 -29.66 3.00
N LEU A 710 -29.62 -28.84 3.08
CA LEU A 710 -29.57 -27.41 2.72
C LEU A 710 -29.82 -26.55 3.97
N GLU A 711 -28.82 -26.41 4.86
CA GLU A 711 -28.90 -25.56 6.09
C GLU A 711 -29.00 -24.08 5.73
N ASP A 712 -28.30 -23.80 4.64
CA ASP A 712 -28.21 -22.52 3.93
C ASP A 712 -28.46 -21.26 4.77
N PRO A 713 -29.74 -20.86 5.04
CA PRO A 713 -29.85 -19.56 5.69
C PRO A 713 -29.29 -19.67 7.10
N CYS A 714 -29.26 -20.89 7.63
CA CYS A 714 -28.89 -21.07 9.02
C CYS A 714 -27.44 -20.73 9.30
N GLY A 715 -26.60 -21.19 8.40
CA GLY A 715 -25.20 -20.84 8.42
C GLY A 715 -24.89 -19.36 8.48
N LEU A 716 -25.58 -18.53 7.71
CA LEU A 716 -25.20 -17.12 7.60
C LEU A 716 -25.57 -16.40 8.89
N ASN A 717 -26.67 -16.84 9.47
CA ASN A 717 -27.15 -16.35 10.77
C ASN A 717 -26.15 -16.57 11.87
N ARG A 718 -25.80 -17.83 12.04
CA ARG A 718 -24.85 -18.20 13.04
C ARG A 718 -23.41 -17.72 12.73
N ALA A 719 -23.22 -17.02 11.61
CA ALA A 719 -21.92 -16.47 11.27
C ALA A 719 -21.95 -15.00 11.62
N ARG A 720 -23.11 -14.39 11.55
CA ARG A 720 -23.26 -13.01 11.92
C ARG A 720 -23.22 -12.93 13.44
N MET A 721 -23.77 -13.93 14.10
CA MET A 721 -23.76 -13.85 15.54
C MET A 721 -22.37 -14.07 16.04
N SER A 722 -21.66 -15.03 15.46
CA SER A 722 -20.21 -15.19 15.68
C SER A 722 -19.39 -13.93 15.40
N PHE A 723 -19.70 -13.26 14.30
CA PHE A 723 -19.04 -12.02 13.98
C PHE A 723 -19.03 -10.95 15.10
N CYS A 724 -20.16 -10.76 15.74
CA CYS A 724 -20.25 -9.78 16.85
C CYS A 724 -19.49 -10.18 18.08
N VAL A 725 -19.57 -11.48 18.37
CA VAL A 725 -18.98 -12.01 19.55
C VAL A 725 -17.46 -11.85 19.38
N TYR A 726 -16.98 -12.24 18.15
CA TYR A 726 -15.57 -12.17 17.72
C TYR A 726 -15.03 -10.75 17.85
N SER A 727 -15.85 -9.78 17.48
CA SER A 727 -15.49 -8.39 17.55
C SER A 727 -15.41 -7.82 18.95
N ILE A 728 -16.38 -8.19 19.79
CA ILE A 728 -16.50 -7.53 21.05
C ILE A 728 -15.21 -7.97 21.72
N LEU A 729 -14.88 -9.24 21.48
CA LEU A 729 -13.76 -9.88 22.11
C LEU A 729 -12.49 -9.21 21.58
N GLY A 730 -12.50 -8.85 20.28
CA GLY A 730 -11.37 -8.31 19.66
C GLY A 730 -10.98 -7.00 20.31
N VAL A 731 -12.02 -6.18 20.50
CA VAL A 731 -11.80 -4.83 21.03
C VAL A 731 -11.30 -4.83 22.47
N VAL A 732 -11.98 -5.66 23.27
CA VAL A 732 -11.70 -5.75 24.68
C VAL A 732 -10.27 -6.18 24.88
N LYS A 733 -9.90 -7.26 24.17
CA LYS A 733 -8.56 -7.83 24.27
C LYS A 733 -7.48 -6.83 23.92
N ARG A 734 -7.71 -5.92 22.95
CA ARG A 734 -6.62 -5.09 22.42
C ARG A 734 -6.52 -3.64 22.84
N THR A 735 -7.60 -3.09 23.42
CA THR A 735 -7.64 -1.65 23.70
C THR A 735 -6.78 -1.29 24.90
N CYS A 736 -6.04 -0.19 24.79
CA CYS A 736 -5.02 0.09 25.79
C CYS A 736 -4.54 1.51 26.05
N TRP A 737 -4.47 1.91 27.31
CA TRP A 737 -3.87 3.22 27.61
C TRP A 737 -2.38 3.05 27.45
N PRO A 738 -1.69 4.15 27.24
CA PRO A 738 -0.28 4.22 27.26
C PRO A 738 0.27 3.62 28.44
N THR A 739 1.25 2.80 28.15
CA THR A 739 1.95 2.07 29.10
C THR A 739 2.91 2.93 29.93
N ASP A 740 3.26 4.11 29.44
CA ASP A 740 4.07 5.01 30.24
C ASP A 740 3.13 5.90 31.00
N LEU A 741 3.24 5.89 32.33
CA LEU A 741 2.49 6.82 33.17
C LEU A 741 2.51 8.26 32.65
N GLU A 742 3.67 8.91 32.66
CA GLU A 742 3.72 10.31 32.18
C GLU A 742 2.89 10.56 30.89
N GLU A 743 2.74 9.55 30.06
CA GLU A 743 2.03 9.65 28.78
C GLU A 743 0.54 9.41 28.90
N ALA A 744 0.19 8.53 29.84
CA ALA A 744 -1.18 8.08 30.14
C ALA A 744 -1.96 9.21 30.74
N LYS A 745 -1.22 10.01 31.51
CA LYS A 745 -1.78 11.23 32.09
C LYS A 745 -2.23 12.20 30.99
N ALA A 746 -1.29 12.47 30.08
CA ALA A 746 -1.48 13.50 29.06
C ALA A 746 -2.60 13.28 28.05
N GLY A 747 -2.96 12.05 27.78
CA GLY A 747 -3.99 11.79 26.80
C GLY A 747 -5.34 11.65 27.45
N GLY A 748 -5.36 11.81 28.78
CA GLY A 748 -6.57 11.88 29.61
C GLY A 748 -7.12 10.51 29.85
N PHE A 749 -6.32 9.67 30.53
CA PHE A 749 -6.59 8.24 30.72
C PHE A 749 -6.68 8.02 32.20
N VAL A 750 -5.83 8.77 32.94
CA VAL A 750 -5.77 8.73 34.41
C VAL A 750 -7.04 9.33 35.13
N VAL A 751 -7.76 8.51 35.89
CA VAL A 751 -8.99 8.91 36.55
C VAL A 751 -8.77 9.51 37.97
N GLY A 752 -7.80 8.94 38.69
CA GLY A 752 -7.12 9.53 39.85
C GLY A 752 -6.06 8.55 40.31
N TYR A 753 -5.78 8.44 41.61
CA TYR A 753 -4.85 7.42 42.15
C TYR A 753 -5.29 6.70 43.44
N THR A 754 -4.91 5.43 43.53
CA THR A 754 -5.07 4.58 44.70
C THR A 754 -4.51 5.12 46.02
N SER A 755 -5.04 4.52 47.08
CA SER A 755 -4.60 4.67 48.44
C SER A 755 -3.09 4.48 48.48
N SER A 756 -2.62 3.41 47.84
CA SER A 756 -1.20 3.15 47.75
C SER A 756 -0.54 4.05 46.76
N GLY A 757 -1.36 4.62 45.89
CA GLY A 757 -0.94 5.73 45.03
C GLY A 757 -0.66 5.21 43.66
N ASN A 758 -1.54 4.35 43.16
CA ASN A 758 -1.33 3.82 41.84
C ASN A 758 -2.38 4.31 40.93
N PRO A 759 -2.00 4.68 39.70
CA PRO A 759 -2.95 5.48 38.93
C PRO A 759 -4.18 4.64 38.60
N ILE A 760 -5.33 5.25 38.38
CA ILE A 760 -6.50 4.43 38.09
C ILE A 760 -6.83 4.82 36.70
N PHE A 761 -6.87 3.86 35.78
CA PHE A 761 -7.09 4.14 34.37
C PHE A 761 -8.51 3.89 33.91
N ARG A 762 -8.96 4.74 32.98
CA ARG A 762 -10.11 4.46 32.17
C ARG A 762 -9.72 4.16 30.68
N ASN A 763 -10.45 3.23 30.12
CA ASN A 763 -10.16 2.66 28.85
C ASN A 763 -11.17 3.12 27.84
N PRO A 764 -10.70 3.50 26.63
CA PRO A 764 -11.60 4.04 25.64
C PRO A 764 -12.72 3.14 25.25
N CYS A 765 -12.67 1.86 25.48
CA CYS A 765 -13.77 1.09 24.88
C CYS A 765 -14.95 0.79 25.83
N THR A 766 -14.81 1.33 27.07
CA THR A 766 -15.69 1.02 28.19
C THR A 766 -17.13 1.35 27.88
N GLU A 767 -17.40 2.59 27.48
CA GLU A 767 -18.75 2.98 27.24
C GLU A 767 -19.43 2.05 26.22
N GLN A 768 -18.64 1.63 25.24
CA GLN A 768 -19.13 0.92 24.05
C GLN A 768 -19.37 -0.54 24.36
N ILE A 769 -18.47 -1.09 25.16
CA ILE A 769 -18.58 -2.49 25.45
C ILE A 769 -19.71 -2.66 26.45
N LEU A 770 -19.69 -1.79 27.49
CA LEU A 770 -20.70 -1.91 28.54
C LEU A 770 -22.10 -1.95 27.93
N LYS A 771 -22.34 -1.20 26.87
CA LYS A 771 -23.60 -1.24 26.18
C LYS A 771 -24.03 -2.63 25.62
N LEU A 772 -23.05 -3.51 25.48
CA LEU A 772 -23.37 -4.80 24.81
C LEU A 772 -23.46 -5.92 25.82
N LEU A 773 -23.09 -5.58 27.05
CA LEU A 773 -23.06 -6.53 28.15
C LEU A 773 -24.43 -7.23 28.39
N ASP A 774 -25.53 -6.47 28.42
CA ASP A 774 -26.83 -7.10 28.66
C ASP A 774 -27.17 -8.16 27.64
N ASN A 775 -26.80 -7.95 26.37
CA ASN A 775 -27.17 -9.00 25.42
C ASN A 775 -26.26 -10.24 25.47
N LEU A 776 -25.08 -10.02 26.09
CA LEU A 776 -24.06 -11.03 26.16
C LEU A 776 -24.49 -12.03 27.21
N LEU A 777 -24.80 -11.47 28.38
CA LEU A 777 -25.33 -12.24 29.50
C LEU A 777 -26.66 -12.85 29.13
N ALA A 778 -27.44 -12.13 28.35
CA ALA A 778 -28.58 -12.72 27.74
C ALA A 778 -28.23 -14.01 26.98
N LEU A 779 -27.38 -13.89 25.96
CA LEU A 779 -26.97 -15.08 25.21
C LEU A 779 -26.33 -16.18 26.08
N ILE A 780 -25.44 -15.75 26.96
CA ILE A 780 -24.79 -16.70 27.86
C ILE A 780 -25.84 -17.54 28.62
N ARG A 781 -26.85 -16.85 29.18
CA ARG A 781 -27.89 -17.55 29.93
C ARG A 781 -28.62 -18.54 29.06
N THR A 782 -29.13 -18.05 27.95
CA THR A 782 -29.78 -18.92 26.99
C THR A 782 -28.88 -20.11 26.59
N HIS A 783 -27.59 -19.86 26.33
CA HIS A 783 -26.80 -20.93 25.77
C HIS A 783 -26.76 -22.03 26.86
N ASN A 784 -26.62 -21.58 28.10
CA ASN A 784 -26.52 -22.53 29.20
C ASN A 784 -27.77 -23.39 29.46
N THR A 785 -28.94 -22.74 29.30
CA THR A 785 -30.25 -23.37 29.35
C THR A 785 -30.38 -24.39 28.25
N LEU A 786 -29.76 -24.20 27.08
CA LEU A 786 -29.97 -25.24 26.06
C LEU A 786 -29.57 -26.63 26.47
N TYR A 787 -28.84 -26.73 27.57
CA TYR A 787 -28.22 -28.00 28.02
C TYR A 787 -29.16 -28.82 28.86
N ALA A 788 -30.29 -28.22 29.27
CA ALA A 788 -31.42 -28.95 29.91
C ALA A 788 -31.91 -30.08 29.00
N PRO A 789 -32.15 -31.27 29.53
CA PRO A 789 -32.51 -32.35 28.60
C PRO A 789 -33.82 -32.04 27.81
N GLU A 790 -34.73 -31.28 28.44
CA GLU A 790 -35.98 -30.87 27.79
C GLU A 790 -35.82 -29.71 26.80
N MET A 791 -34.62 -29.15 26.70
CA MET A 791 -34.33 -28.08 25.73
C MET A 791 -33.60 -28.79 24.61
N LEU A 792 -32.68 -29.64 25.02
CA LEU A 792 -31.87 -30.41 24.10
C LEU A 792 -32.71 -31.36 23.23
N ALA A 793 -33.89 -31.77 23.74
CA ALA A 793 -34.72 -32.78 23.08
C ALA A 793 -35.54 -32.00 22.10
N LYS A 794 -35.49 -30.69 22.24
CA LYS A 794 -36.10 -29.82 21.27
C LYS A 794 -35.22 -29.68 20.03
N MET A 795 -34.02 -30.20 20.01
CA MET A 795 -33.31 -30.12 18.75
C MET A 795 -33.77 -31.26 17.86
N ALA A 796 -33.51 -31.15 16.55
CA ALA A 796 -33.98 -32.12 15.57
C ALA A 796 -32.92 -33.15 15.43
N GLU A 797 -33.31 -34.37 15.08
CA GLU A 797 -32.42 -35.52 15.12
C GLU A 797 -31.14 -35.39 14.31
N PRO A 798 -31.20 -34.75 13.13
CA PRO A 798 -29.96 -34.33 12.49
C PRO A 798 -28.91 -33.70 13.42
N PHE A 799 -29.33 -32.91 14.41
CA PHE A 799 -28.44 -32.04 15.19
C PHE A 799 -28.56 -32.21 16.70
N THR A 800 -28.52 -33.46 17.13
CA THR A 800 -28.78 -33.71 18.55
C THR A 800 -27.49 -33.67 19.33
N LYS A 801 -26.40 -33.90 18.63
CA LYS A 801 -25.12 -33.80 19.23
C LYS A 801 -24.51 -32.51 18.73
N ALA A 802 -25.36 -31.50 18.57
CA ALA A 802 -24.88 -30.17 18.19
C ALA A 802 -23.95 -29.61 19.27
N LEU A 803 -24.21 -30.02 20.51
CA LEU A 803 -23.58 -29.43 21.69
C LEU A 803 -22.61 -30.39 22.36
N ASP A 804 -22.27 -31.43 21.63
CA ASP A 804 -21.28 -32.36 22.06
C ASP A 804 -19.95 -31.97 21.50
N MET A 805 -18.92 -32.68 21.96
CA MET A 805 -17.52 -32.39 21.57
C MET A 805 -17.18 -32.93 20.19
N LEU A 806 -16.40 -32.13 19.44
CA LEU A 806 -15.99 -32.48 18.09
C LEU A 806 -15.03 -33.61 18.21
N ASP A 807 -15.08 -34.53 17.25
CA ASP A 807 -14.31 -35.76 17.35
C ASP A 807 -12.84 -35.40 17.26
N ALA A 808 -12.60 -34.27 16.60
CA ALA A 808 -11.34 -33.57 16.74
C ALA A 808 -10.90 -33.45 18.22
N GLU A 809 -11.78 -32.92 19.08
CA GLU A 809 -11.43 -32.58 20.47
C GLU A 809 -11.42 -33.76 21.38
N LYS A 810 -11.84 -34.91 20.86
CA LYS A 810 -11.96 -36.11 21.68
C LYS A 810 -10.68 -36.89 21.70
N SER A 811 -10.30 -37.41 20.54
CA SER A 811 -9.01 -38.07 20.36
C SER A 811 -7.93 -37.10 20.74
N ALA A 812 -8.22 -35.81 20.62
CA ALA A 812 -7.30 -34.82 21.19
C ALA A 812 -6.86 -35.19 22.63
N ILE A 813 -7.81 -35.18 23.57
CA ILE A 813 -7.49 -35.28 25.00
C ILE A 813 -7.36 -36.73 25.50
N LEU A 814 -7.52 -37.70 24.59
CA LEU A 814 -7.20 -39.09 24.90
C LEU A 814 -5.80 -39.51 24.38
N GLY A 815 -5.06 -38.55 23.83
CA GLY A 815 -3.72 -38.81 23.37
C GLY A 815 -3.70 -39.60 22.08
N LEU A 816 -4.89 -40.04 21.62
CA LEU A 816 -5.05 -40.77 20.35
C LEU A 816 -4.70 -39.92 19.10
N PRO A 817 -3.47 -40.09 18.55
CA PRO A 817 -3.06 -39.13 17.49
C PRO A 817 -3.91 -39.15 16.19
N GLN A 818 -3.53 -38.29 15.25
CA GLN A 818 -4.30 -38.04 14.02
C GLN A 818 -3.46 -38.24 12.75
N PRO A 819 -4.12 -38.49 11.59
CA PRO A 819 -3.29 -38.48 10.38
C PRO A 819 -3.18 -37.04 9.87
N LEU A 820 -2.10 -36.76 9.12
CA LEU A 820 -1.94 -35.43 8.54
C LEU A 820 -2.56 -35.35 7.12
N LEU A 821 -3.80 -34.81 7.02
CA LEU A 821 -4.49 -34.55 5.71
C LEU A 821 -3.68 -33.54 4.89
N GLU A 822 -3.60 -33.76 3.57
CA GLU A 822 -2.80 -32.88 2.66
C GLU A 822 -3.47 -31.50 2.48
N LEU A 823 -2.61 -30.47 2.50
CA LEU A 823 -3.02 -29.08 2.40
C LEU A 823 -3.50 -28.69 1.00
N ASN A 824 -3.13 -29.51 0.01
CA ASN A 824 -3.60 -29.42 -1.38
C ASN A 824 -4.94 -30.15 -1.63
N ASP A 825 -5.62 -30.53 -0.55
CA ASP A 825 -6.80 -31.39 -0.58
C ASP A 825 -7.87 -30.76 0.34
N SER A 826 -9.14 -30.88 -0.05
CA SER A 826 -10.23 -30.57 0.88
C SER A 826 -11.11 -31.80 1.04
N PRO A 827 -10.57 -32.89 1.63
CA PRO A 827 -11.35 -34.14 1.66
C PRO A 827 -12.41 -34.08 2.77
N VAL A 828 -12.01 -33.80 4.01
CA VAL A 828 -12.97 -33.50 5.06
C VAL A 828 -13.76 -32.21 4.64
N PHE A 829 -15.00 -32.44 4.20
CA PHE A 829 -15.97 -31.39 3.90
C PHE A 829 -16.80 -31.09 5.15
N LYS A 830 -17.11 -29.81 5.33
CA LYS A 830 -17.75 -29.32 6.55
C LYS A 830 -19.23 -29.66 6.70
N THR A 831 -19.48 -30.92 7.05
CA THR A 831 -20.76 -31.44 7.52
C THR A 831 -21.62 -30.43 8.27
N VAL A 832 -22.93 -30.50 8.04
CA VAL A 832 -23.84 -29.56 8.66
C VAL A 832 -23.84 -29.66 10.19
N LEU A 833 -23.64 -30.88 10.71
CA LEU A 833 -23.58 -31.15 12.15
C LEU A 833 -22.24 -30.71 12.71
N GLU A 834 -21.16 -31.04 12.01
CA GLU A 834 -19.79 -30.59 12.37
C GLU A 834 -19.64 -29.07 12.29
N ARG A 835 -20.41 -28.47 11.38
CA ARG A 835 -20.42 -27.04 11.19
C ARG A 835 -20.99 -26.36 12.43
N MET A 836 -22.06 -26.93 12.98
CA MET A 836 -22.69 -26.32 14.14
C MET A 836 -21.87 -26.61 15.35
N GLN A 837 -21.38 -27.84 15.43
CA GLN A 837 -20.58 -28.34 16.55
C GLN A 837 -19.41 -27.42 16.83
N ARG A 838 -18.74 -26.97 15.76
CA ARG A 838 -17.66 -25.98 15.84
C ARG A 838 -18.17 -24.65 16.32
N PHE A 839 -19.32 -24.23 15.82
CA PHE A 839 -19.97 -22.97 16.22
C PHE A 839 -20.26 -22.83 17.74
N PHE A 840 -21.05 -23.78 18.27
CA PHE A 840 -21.34 -23.84 19.71
C PHE A 840 -20.09 -23.77 20.61
N SER A 841 -19.11 -24.66 20.37
CA SER A 841 -17.87 -24.65 21.15
C SER A 841 -17.21 -23.29 21.15
N THR A 842 -17.20 -22.61 20.01
CA THR A 842 -16.49 -21.36 19.90
C THR A 842 -17.26 -20.21 20.50
N LEU A 843 -18.56 -20.18 20.24
CA LEU A 843 -19.46 -19.17 20.82
C LEU A 843 -19.44 -19.26 22.35
N TYR A 844 -19.49 -20.50 22.86
CA TYR A 844 -19.44 -20.75 24.28
C TYR A 844 -18.15 -20.15 24.85
N GLU A 845 -17.00 -20.61 24.38
CA GLU A 845 -15.72 -20.03 24.86
C GLU A 845 -15.58 -18.54 24.60
N ASN A 846 -16.11 -18.05 23.52
CA ASN A 846 -15.86 -16.66 23.26
C ASN A 846 -16.66 -15.77 24.15
N CYS A 847 -17.85 -16.20 24.51
CA CYS A 847 -18.61 -15.32 25.37
C CYS A 847 -17.88 -15.14 26.68
N PHE A 848 -17.50 -16.28 27.24
CA PHE A 848 -16.77 -16.28 28.47
C PHE A 848 -15.42 -15.58 28.38
N HIS A 849 -14.79 -15.61 27.20
CA HIS A 849 -13.59 -14.89 27.04
C HIS A 849 -13.78 -13.44 27.24
N ILE A 850 -14.83 -12.88 26.67
CA ILE A 850 -15.09 -11.43 26.83
C ILE A 850 -15.22 -11.08 28.29
N LEU A 851 -15.93 -11.90 29.07
CA LEU A 851 -16.15 -11.62 30.50
C LEU A 851 -14.85 -11.79 31.23
N GLY A 852 -14.11 -12.82 30.86
CA GLY A 852 -12.74 -13.00 31.36
C GLY A 852 -11.93 -11.74 31.20
N LYS A 853 -12.02 -11.10 30.04
CA LYS A 853 -11.16 -9.96 29.70
C LYS A 853 -11.71 -8.63 30.16
N ALA A 854 -12.99 -8.63 30.54
CA ALA A 854 -13.67 -7.39 30.89
C ALA A 854 -13.00 -6.77 32.12
N GLY A 855 -12.74 -7.59 33.13
CA GLY A 855 -12.07 -7.06 34.32
C GLY A 855 -10.75 -6.33 34.10
N PRO A 856 -9.76 -7.03 33.56
CA PRO A 856 -8.43 -6.48 33.45
C PRO A 856 -8.39 -5.35 32.44
N SER A 857 -9.33 -5.35 31.48
CA SER A 857 -9.42 -4.25 30.52
C SER A 857 -10.09 -2.98 31.03
N MET A 858 -11.33 -3.08 31.56
CA MET A 858 -12.17 -1.94 31.99
C MET A 858 -11.77 -1.39 33.33
N GLN A 859 -11.20 -2.29 34.16
CA GLN A 859 -10.98 -2.11 35.62
C GLN A 859 -12.30 -1.93 36.41
N GLN A 860 -12.30 -0.85 37.17
CA GLN A 860 -13.34 -0.62 38.13
C GLN A 860 -14.47 0.11 37.47
N ASP A 861 -14.68 -0.13 36.18
CA ASP A 861 -15.93 0.34 35.59
C ASP A 861 -16.81 -0.84 35.31
N PHE A 862 -16.22 -2.02 35.47
CA PHE A 862 -16.89 -3.24 35.18
C PHE A 862 -17.25 -3.81 36.55
N TYR A 863 -16.28 -3.70 37.44
CA TYR A 863 -16.44 -4.19 38.77
C TYR A 863 -17.48 -3.37 39.50
N THR A 864 -17.51 -2.06 39.34
CA THR A 864 -18.60 -1.34 40.00
C THR A 864 -19.94 -1.38 39.27
N VAL A 865 -20.14 -2.24 38.28
CA VAL A 865 -21.42 -2.20 37.60
C VAL A 865 -22.51 -2.71 38.52
N GLU A 866 -23.66 -2.04 38.52
CA GLU A 866 -24.73 -2.36 39.49
C GLU A 866 -25.28 -3.79 39.42
N ASP A 867 -25.19 -4.47 40.55
CA ASP A 867 -25.72 -5.84 40.69
C ASP A 867 -25.04 -6.83 39.76
N LEU A 868 -23.77 -6.56 39.47
CA LEU A 868 -22.98 -7.41 38.58
C LEU A 868 -23.08 -8.85 39.04
N ALA A 869 -22.66 -9.07 40.27
CA ALA A 869 -22.61 -10.43 40.80
C ALA A 869 -23.95 -11.19 40.58
N THR A 870 -25.07 -10.48 40.72
CA THR A 870 -26.39 -11.13 40.61
C THR A 870 -26.65 -11.46 39.16
N GLN A 871 -26.38 -10.47 38.32
CA GLN A 871 -26.40 -10.69 36.87
C GLN A 871 -25.50 -11.86 36.44
N LEU A 872 -24.25 -11.89 36.94
CA LEU A 872 -23.38 -13.02 36.61
C LEU A 872 -23.91 -14.36 37.04
N LEU A 873 -24.42 -14.43 38.28
CA LEU A 873 -24.98 -15.65 38.90
C LEU A 873 -26.18 -16.15 38.14
N SER A 874 -27.05 -15.23 37.73
CA SER A 874 -28.21 -15.67 36.95
C SER A 874 -27.96 -15.95 35.47
N SER A 875 -26.73 -15.73 34.99
CA SER A 875 -26.43 -15.90 33.56
C SER A 875 -25.38 -16.92 33.30
N ALA A 876 -24.17 -16.52 33.72
CA ALA A 876 -22.98 -17.34 33.57
C ALA A 876 -23.06 -18.60 34.40
N PHE A 877 -23.51 -18.44 35.65
CA PHE A 877 -23.67 -19.61 36.51
C PHE A 877 -25.11 -20.14 36.60
N VAL A 878 -25.81 -20.18 35.46
CA VAL A 878 -27.26 -20.41 35.53
C VAL A 878 -27.63 -21.87 35.53
N ASN A 879 -26.95 -22.69 34.75
CA ASN A 879 -27.50 -24.02 34.55
C ASN A 879 -26.49 -25.13 34.85
N LEU A 880 -25.70 -24.98 35.93
CA LEU A 880 -24.43 -25.71 35.97
C LEU A 880 -24.63 -27.18 36.08
N ASN A 881 -25.79 -27.51 36.64
CA ASN A 881 -26.17 -28.90 36.93
C ASN A 881 -26.20 -29.69 35.63
N ASN A 882 -26.49 -29.02 34.52
CA ASN A 882 -26.57 -29.63 33.19
C ASN A 882 -25.43 -29.35 32.22
N ILE A 883 -24.69 -28.26 32.51
CA ILE A 883 -23.48 -27.87 31.77
C ILE A 883 -22.46 -28.98 31.92
N PRO A 884 -21.96 -29.55 30.82
CA PRO A 884 -20.92 -30.62 30.86
C PRO A 884 -19.51 -30.19 31.30
N ASP A 885 -18.66 -31.19 31.55
CA ASP A 885 -17.25 -31.02 32.03
C ASP A 885 -16.38 -30.22 31.10
N TYR A 886 -16.35 -30.62 29.82
CA TYR A 886 -15.68 -29.87 28.76
C TYR A 886 -16.18 -28.43 28.47
N ARG A 887 -17.07 -27.91 29.29
CA ARG A 887 -17.55 -26.58 29.03
C ARG A 887 -17.20 -25.78 30.24
N LEU A 888 -17.22 -26.50 31.35
CA LEU A 888 -17.04 -25.89 32.61
C LEU A 888 -15.57 -25.59 32.79
N ARG A 889 -14.72 -26.48 32.27
CA ARG A 889 -13.30 -26.29 32.36
C ARG A 889 -12.91 -24.98 31.63
N PRO A 890 -13.30 -24.83 30.37
CA PRO A 890 -13.09 -23.64 29.65
C PRO A 890 -13.62 -22.47 30.37
N MET A 891 -14.74 -22.61 31.06
CA MET A 891 -15.35 -21.46 31.70
C MET A 891 -14.55 -20.88 32.85
N LEU A 892 -14.12 -21.81 33.70
CA LEU A 892 -13.35 -21.52 34.88
C LEU A 892 -12.05 -20.84 34.56
N ARG A 893 -11.39 -21.36 33.54
CA ARG A 893 -10.04 -20.89 33.15
C ARG A 893 -10.09 -19.53 32.52
N VAL A 894 -10.93 -19.41 31.49
CA VAL A 894 -11.07 -18.26 30.63
C VAL A 894 -11.85 -17.12 31.26
N PHE A 895 -12.79 -17.49 32.14
CA PHE A 895 -13.69 -16.48 32.75
C PHE A 895 -13.46 -16.21 34.23
N VAL A 896 -13.39 -17.27 35.03
CA VAL A 896 -13.51 -17.07 36.49
C VAL A 896 -12.17 -16.71 37.09
N LYS A 897 -11.17 -17.49 36.72
CA LYS A 897 -9.82 -17.25 37.12
C LYS A 897 -9.48 -15.80 36.94
N PRO A 898 -9.68 -15.24 35.72
CA PRO A 898 -9.33 -13.83 35.46
C PRO A 898 -10.21 -12.76 36.06
N LEU A 899 -11.52 -12.98 36.08
CA LEU A 899 -12.52 -12.13 36.76
C LEU A 899 -12.11 -11.84 38.19
N VAL A 900 -11.85 -12.91 38.94
CA VAL A 900 -11.40 -12.85 40.32
C VAL A 900 -10.03 -12.24 40.50
N LEU A 901 -9.00 -12.89 39.96
CA LEU A 901 -7.63 -12.44 40.10
C LEU A 901 -7.39 -11.00 39.73
N PHE A 902 -8.17 -10.44 38.81
CA PHE A 902 -7.98 -9.05 38.40
C PHE A 902 -8.95 -8.10 39.07
N CYS A 903 -9.48 -8.51 40.21
CA CYS A 903 -10.44 -7.67 40.92
C CYS A 903 -9.75 -6.82 42.00
N PRO A 904 -9.97 -5.49 41.98
CA PRO A 904 -9.46 -4.68 43.08
C PRO A 904 -10.27 -4.92 44.33
N PRO A 905 -9.56 -5.15 45.45
CA PRO A 905 -10.04 -5.61 46.76
C PRO A 905 -11.22 -4.84 47.27
N GLU A 906 -11.33 -3.60 46.83
CA GLU A 906 -12.47 -2.80 47.19
C GLU A 906 -13.76 -3.62 47.00
N HIS A 907 -13.80 -4.47 45.97
CA HIS A 907 -15.01 -5.25 45.70
C HIS A 907 -14.87 -6.75 45.85
N TYR A 908 -13.97 -7.20 46.70
CA TYR A 908 -14.00 -8.59 47.09
C TYR A 908 -15.32 -8.82 47.78
N GLU A 909 -15.85 -7.75 48.34
CA GLU A 909 -17.16 -7.79 48.99
C GLU A 909 -18.21 -7.81 47.93
N ALA A 910 -18.31 -6.71 47.22
CA ALA A 910 -19.34 -6.50 46.18
C ALA A 910 -19.69 -7.72 45.32
N LEU A 911 -18.67 -8.34 44.70
CA LEU A 911 -18.87 -9.40 43.72
C LEU A 911 -18.00 -10.65 43.84
N VAL A 912 -16.78 -10.52 44.32
CA VAL A 912 -15.98 -11.73 44.37
C VAL A 912 -16.60 -12.72 45.36
N SER A 913 -17.02 -12.18 46.51
CA SER A 913 -17.58 -12.97 47.64
C SER A 913 -18.91 -13.67 47.34
N PRO A 914 -19.92 -12.88 46.92
CA PRO A 914 -21.19 -13.49 46.56
C PRO A 914 -21.10 -14.52 45.40
N ILE A 915 -20.03 -14.46 44.59
CA ILE A 915 -19.88 -15.40 43.45
C ILE A 915 -19.11 -16.65 43.84
N LEU A 916 -18.00 -16.48 44.56
CA LEU A 916 -17.16 -17.63 44.78
C LEU A 916 -17.77 -18.60 45.77
N GLY A 917 -18.46 -18.05 46.79
CA GLY A 917 -19.25 -18.86 47.73
C GLY A 917 -20.07 -20.00 47.12
N PRO A 918 -21.13 -19.66 46.37
CA PRO A 918 -21.94 -20.65 45.67
C PRO A 918 -21.16 -21.47 44.63
N LEU A 919 -20.12 -20.87 44.08
CA LEU A 919 -19.39 -21.58 43.06
C LEU A 919 -18.62 -22.73 43.69
N PHE A 920 -17.93 -22.43 44.78
CA PHE A 920 -17.09 -23.45 45.35
C PHE A 920 -17.92 -24.54 45.93
N THR A 921 -19.04 -24.17 46.58
CA THR A 921 -19.99 -25.15 47.05
C THR A 921 -20.41 -26.06 45.92
N TYR A 922 -20.79 -25.47 44.79
CA TYR A 922 -21.29 -26.29 43.73
C TYR A 922 -20.22 -27.15 43.22
N LEU A 923 -19.11 -26.54 42.82
CA LEU A 923 -18.02 -27.28 42.16
C LEU A 923 -17.66 -28.54 42.96
N HIS A 924 -17.54 -28.33 44.26
CA HIS A 924 -17.19 -29.38 45.20
C HIS A 924 -18.20 -30.51 45.19
N MET A 925 -19.47 -30.13 45.25
CA MET A 925 -20.53 -31.09 45.18
C MET A 925 -20.52 -31.85 43.85
N ARG A 926 -20.30 -31.12 42.76
CA ARG A 926 -20.24 -31.72 41.43
C ARG A 926 -19.14 -32.74 41.35
N LEU A 927 -18.00 -32.37 41.89
CA LEU A 927 -16.82 -33.21 41.81
C LEU A 927 -16.91 -34.50 42.64
N SER A 928 -17.51 -34.40 43.84
CA SER A 928 -17.59 -35.52 44.74
C SER A 928 -18.46 -36.55 44.12
N GLN A 929 -19.51 -36.10 43.48
CA GLN A 929 -20.43 -36.97 42.82
C GLN A 929 -19.82 -37.62 41.58
N LYS A 930 -19.05 -36.82 40.85
CA LYS A 930 -18.26 -37.31 39.72
C LYS A 930 -17.22 -38.34 40.12
N TRP A 931 -16.61 -38.14 41.32
CA TRP A 931 -15.55 -39.05 41.83
C TRP A 931 -16.07 -40.37 42.36
N GLN A 932 -17.30 -40.34 42.87
CA GLN A 932 -17.98 -41.53 43.31
C GLN A 932 -18.41 -42.46 42.18
N VAL A 933 -18.72 -41.88 41.02
CA VAL A 933 -18.94 -42.67 39.78
C VAL A 933 -17.65 -43.42 39.36
N ILE A 934 -16.52 -42.70 39.42
CA ILE A 934 -15.24 -43.24 39.06
C ILE A 934 -14.79 -44.28 40.09
N ASN A 935 -15.02 -43.99 41.38
CA ASN A 935 -14.60 -44.93 42.43
C ASN A 935 -15.42 -46.18 42.29
N GLN A 936 -16.58 -46.09 41.64
CA GLN A 936 -17.41 -47.30 41.41
C GLN A 936 -16.74 -48.39 40.52
N ARG A 937 -15.80 -48.00 39.64
CA ARG A 937 -15.10 -48.95 38.78
C ARG A 937 -13.70 -49.28 39.33
N GLU A 952 -16.32 -49.01 24.87
CA GLU A 952 -15.35 -48.78 25.96
C GLU A 952 -14.83 -47.32 26.03
N SER A 953 -14.41 -46.80 24.87
CA SER A 953 -13.78 -45.48 24.78
C SER A 953 -14.70 -44.37 25.26
N GLN A 954 -15.97 -44.45 24.88
CA GLN A 954 -16.93 -43.38 25.17
C GLN A 954 -17.02 -43.00 26.66
N GLU A 955 -16.94 -43.99 27.55
CA GLU A 955 -16.94 -43.74 29.00
C GLU A 955 -15.54 -43.39 29.55
N MET A 956 -14.54 -44.15 29.09
CA MET A 956 -13.18 -43.95 29.49
C MET A 956 -12.75 -42.49 29.24
N LEU A 957 -13.24 -41.94 28.12
CA LEU A 957 -13.01 -40.53 27.74
C LEU A 957 -13.47 -39.58 28.82
N GLU A 958 -14.69 -39.81 29.31
CA GLU A 958 -15.29 -38.88 30.24
C GLU A 958 -14.56 -38.89 31.57
N GLU A 959 -13.92 -40.01 31.86
CA GLU A 959 -13.11 -40.09 33.06
C GLU A 959 -11.95 -39.06 33.03
N GLN A 960 -11.27 -39.01 31.87
CA GLN A 960 -10.21 -38.02 31.61
C GLN A 960 -10.63 -36.55 31.90
N LEU A 961 -11.83 -36.18 31.43
CA LEU A 961 -12.38 -34.85 31.60
C LEU A 961 -12.59 -34.51 33.06
N VAL A 962 -12.91 -35.51 33.89
CA VAL A 962 -13.01 -35.29 35.33
C VAL A 962 -11.64 -34.96 35.94
N ARG A 963 -10.60 -35.65 35.46
CA ARG A 963 -9.24 -35.39 35.93
C ARG A 963 -8.84 -33.95 35.62
N MET A 964 -9.08 -33.51 34.40
CA MET A 964 -8.65 -32.20 33.98
C MET A 964 -9.42 -31.08 34.65
N LEU A 965 -10.71 -31.34 34.86
CA LEU A 965 -11.59 -30.42 35.58
C LEU A 965 -11.17 -30.30 37.03
N THR A 966 -10.83 -31.42 37.65
CA THR A 966 -10.46 -31.39 39.05
C THR A 966 -9.21 -30.52 39.25
N ARG A 967 -8.19 -30.79 38.43
CA ARG A 967 -6.99 -29.97 38.41
C ARG A 967 -7.35 -28.52 38.20
N GLU A 968 -8.19 -28.25 37.22
CA GLU A 968 -8.58 -26.87 36.99
C GLU A 968 -9.21 -26.27 38.25
N VAL A 969 -10.00 -27.05 38.98
CA VAL A 969 -10.73 -26.47 40.13
C VAL A 969 -9.78 -26.20 41.26
N MET A 970 -8.83 -27.10 41.41
CA MET A 970 -7.91 -27.03 42.53
C MET A 970 -6.99 -25.92 42.25
N ASP A 971 -6.55 -25.83 41.01
CA ASP A 971 -5.74 -24.72 40.64
C ASP A 971 -6.46 -23.39 40.91
N LEU A 972 -7.67 -23.25 40.42
CA LEU A 972 -8.48 -22.10 40.69
C LEU A 972 -8.45 -21.76 42.20
N ILE A 973 -8.58 -22.78 43.07
CA ILE A 973 -8.69 -22.51 44.51
C ILE A 973 -7.40 -21.99 45.06
N THR A 974 -6.32 -22.67 44.69
CA THR A 974 -4.96 -22.28 45.02
C THR A 974 -4.65 -20.85 44.60
N VAL A 975 -4.80 -20.55 43.31
CA VAL A 975 -4.42 -19.24 42.83
C VAL A 975 -5.16 -18.17 43.58
N CYS A 976 -6.35 -18.52 44.06
CA CYS A 976 -7.21 -17.56 44.73
C CYS A 976 -6.73 -17.02 46.06
N CYS A 977 -6.37 -17.93 46.97
CA CYS A 977 -5.93 -17.58 48.33
C CYS A 977 -4.47 -17.92 48.72
N VAL A 978 -3.83 -18.87 48.03
CA VAL A 978 -2.41 -19.14 48.24
C VAL A 978 -1.52 -18.09 47.58
N SER A 979 -0.53 -17.59 48.32
CA SER A 979 0.41 -16.62 47.75
C SER A 979 1.77 -17.23 47.44
N GLU A 1010 0.38 -15.77 54.67
CA GLU A 1010 0.60 -16.86 53.72
C GLU A 1010 -0.47 -16.85 52.63
N LEU A 1011 -1.73 -16.65 53.07
CA LEU A 1011 -2.88 -16.42 52.18
C LEU A 1011 -2.93 -14.98 51.58
N THR A 1012 -3.55 -14.80 50.40
CA THR A 1012 -3.71 -13.44 49.87
C THR A 1012 -4.81 -12.73 50.64
N ASP A 1013 -5.02 -11.44 50.36
CA ASP A 1013 -6.09 -10.65 50.97
C ASP A 1013 -7.41 -11.37 50.81
N LEU A 1014 -7.71 -11.74 49.56
CA LEU A 1014 -8.94 -12.49 49.26
C LEU A 1014 -8.87 -13.92 49.76
N GLY A 1015 -7.72 -14.31 50.29
CA GLY A 1015 -7.60 -15.55 51.05
C GLY A 1015 -8.17 -15.31 52.43
N LYS A 1016 -7.61 -14.29 53.10
CA LYS A 1016 -8.08 -13.84 54.40
C LYS A 1016 -9.56 -13.48 54.28
N CYS A 1017 -9.86 -12.63 53.33
CA CYS A 1017 -11.17 -12.10 53.13
C CYS A 1017 -12.27 -13.16 52.90
N LEU A 1018 -12.05 -14.09 52.00
CA LEU A 1018 -13.04 -15.12 51.75
C LEU A 1018 -13.25 -16.00 52.97
N MET A 1019 -12.21 -16.14 53.78
CA MET A 1019 -12.29 -16.92 55.00
C MET A 1019 -13.16 -16.30 56.08
N LYS A 1020 -13.20 -14.96 56.12
CA LYS A 1020 -14.01 -14.26 57.08
C LYS A 1020 -15.46 -14.29 56.62
N HIS A 1021 -15.88 -15.42 56.07
CA HIS A 1021 -17.21 -15.57 55.52
C HIS A 1021 -17.70 -16.97 55.88
N GLU A 1022 -18.94 -17.06 56.35
CA GLU A 1022 -19.57 -18.34 56.66
C GLU A 1022 -19.45 -19.38 55.51
N ASP A 1023 -20.14 -19.14 54.39
CA ASP A 1023 -20.32 -20.13 53.30
C ASP A 1023 -19.07 -20.43 52.49
N VAL A 1024 -18.38 -19.37 52.06
CA VAL A 1024 -17.12 -19.44 51.30
C VAL A 1024 -16.12 -20.34 52.01
N CYS A 1025 -15.96 -20.01 53.29
CA CYS A 1025 -15.00 -20.66 54.15
C CYS A 1025 -15.26 -22.16 54.28
N THR A 1026 -16.43 -22.51 54.77
CA THR A 1026 -16.82 -23.90 54.79
C THR A 1026 -16.51 -24.59 53.44
N ALA A 1027 -16.75 -23.89 52.33
CA ALA A 1027 -16.69 -24.54 51.03
C ALA A 1027 -15.26 -24.79 50.65
N LEU A 1028 -14.37 -23.85 51.03
CA LEU A 1028 -12.93 -23.95 50.79
C LEU A 1028 -12.29 -25.10 51.58
N LEU A 1029 -12.74 -25.28 52.83
CA LEU A 1029 -12.19 -26.34 53.66
C LEU A 1029 -12.67 -27.69 53.23
N ILE A 1030 -13.96 -27.79 52.94
CA ILE A 1030 -14.51 -29.06 52.56
C ILE A 1030 -13.81 -29.55 51.33
N THR A 1031 -13.76 -28.70 50.32
CA THR A 1031 -13.28 -29.06 48.99
C THR A 1031 -11.88 -29.57 49.06
N ALA A 1032 -11.08 -28.79 49.78
CA ALA A 1032 -9.63 -28.97 49.89
C ALA A 1032 -9.28 -30.30 50.55
N PHE A 1033 -9.97 -30.60 51.65
CA PHE A 1033 -9.73 -31.85 52.36
C PHE A 1033 -10.43 -33.04 51.72
N ASN A 1034 -11.41 -32.76 50.89
CA ASN A 1034 -12.07 -33.82 50.18
C ASN A 1034 -11.25 -34.30 49.00
N SER A 1035 -10.37 -33.42 48.54
CA SER A 1035 -9.48 -33.63 47.39
C SER A 1035 -8.57 -34.81 47.61
N LEU A 1036 -8.11 -34.92 48.87
CA LEU A 1036 -7.29 -36.00 49.33
C LEU A 1036 -7.94 -37.34 49.08
N ALA A 1037 -9.26 -37.38 49.02
CA ALA A 1037 -9.95 -38.66 48.80
C ALA A 1037 -10.14 -39.04 47.32
N TRP A 1038 -10.11 -38.07 46.39
CA TRP A 1038 -10.26 -38.40 44.95
C TRP A 1038 -9.06 -39.26 44.56
N LYS A 1039 -9.25 -40.14 43.57
CA LYS A 1039 -8.22 -41.08 43.12
C LYS A 1039 -7.10 -40.49 42.22
N ASP A 1040 -7.15 -39.19 41.98
CA ASP A 1040 -6.13 -38.47 41.18
C ASP A 1040 -4.89 -38.17 42.02
N THR A 1041 -3.79 -38.82 41.69
CA THR A 1041 -2.62 -38.76 42.54
C THR A 1041 -1.89 -37.39 42.45
N LEU A 1042 -2.19 -36.62 41.40
CA LEU A 1042 -1.53 -35.32 41.16
C LEU A 1042 -1.95 -34.26 42.16
N SER A 1043 -3.22 -34.31 42.57
CA SER A 1043 -3.79 -33.35 43.53
C SER A 1043 -3.35 -33.58 44.98
N CYS A 1044 -3.20 -34.86 45.40
CA CYS A 1044 -2.81 -35.17 46.79
C CYS A 1044 -1.72 -34.18 47.30
N GLN A 1045 -0.53 -34.17 46.69
CA GLN A 1045 0.57 -33.38 47.26
C GLN A 1045 0.25 -31.91 47.16
N ARG A 1046 -0.30 -31.51 46.01
CA ARG A 1046 -0.51 -30.10 45.70
C ARG A 1046 -1.34 -29.47 46.77
N THR A 1047 -2.51 -30.07 46.99
CA THR A 1047 -3.48 -29.59 47.95
C THR A 1047 -2.96 -29.66 49.38
N THR A 1048 -2.33 -30.78 49.73
CA THR A 1048 -1.80 -31.05 51.07
C THR A 1048 -0.85 -29.98 51.58
N SER A 1049 0.23 -29.80 50.83
CA SER A 1049 1.33 -28.98 51.26
C SER A 1049 1.05 -27.49 51.09
N GLN A 1050 0.29 -27.16 50.05
CA GLN A 1050 0.11 -25.77 49.64
C GLN A 1050 -1.18 -25.16 50.16
N LEU A 1051 -2.17 -26.02 50.41
CA LEU A 1051 -3.53 -25.56 50.64
C LEU A 1051 -4.19 -26.00 51.96
N CYS A 1052 -4.25 -27.30 52.22
CA CYS A 1052 -4.95 -27.83 53.39
C CYS A 1052 -4.52 -27.18 54.67
N TRP A 1053 -3.22 -26.96 54.81
CA TRP A 1053 -2.73 -26.42 56.06
C TRP A 1053 -3.10 -24.95 56.29
N PRO A 1054 -2.66 -24.01 55.43
CA PRO A 1054 -2.93 -22.60 55.74
C PRO A 1054 -4.43 -22.28 55.87
N LEU A 1055 -5.27 -23.16 55.35
CA LEU A 1055 -6.69 -23.02 55.57
C LEU A 1055 -7.05 -23.25 57.05
N LEU A 1056 -6.66 -24.40 57.61
CA LEU A 1056 -6.90 -24.67 59.04
C LEU A 1056 -6.17 -23.71 59.97
N LYS A 1057 -4.95 -23.32 59.55
CA LYS A 1057 -4.09 -22.36 60.25
C LYS A 1057 -4.76 -20.98 60.37
N GLN A 1058 -5.86 -20.80 59.66
CA GLN A 1058 -6.60 -19.55 59.71
C GLN A 1058 -7.74 -19.66 60.70
N VAL A 1059 -8.25 -20.86 60.86
CA VAL A 1059 -9.40 -21.08 61.74
C VAL A 1059 -9.10 -21.97 62.96
N LEU A 1060 -7.95 -21.68 63.57
CA LEU A 1060 -7.60 -22.19 64.91
C LEU A 1060 -8.54 -21.50 65.95
N SER A 1061 -8.07 -20.41 66.57
CA SER A 1061 -8.78 -19.78 67.70
C SER A 1061 -10.26 -19.57 67.41
N GLY A 1062 -11.10 -20.14 68.27
CA GLY A 1062 -12.57 -19.97 68.23
C GLY A 1062 -13.40 -21.21 67.93
N THR A 1063 -14.38 -21.04 67.04
CA THR A 1063 -15.34 -22.10 66.69
C THR A 1063 -14.73 -23.15 65.74
N LEU A 1064 -14.38 -24.29 66.33
CA LEU A 1064 -14.10 -25.49 65.56
C LEU A 1064 -15.09 -26.56 65.99
N LEU A 1065 -16.33 -26.35 65.57
CA LEU A 1065 -17.41 -27.30 65.79
C LEU A 1065 -16.85 -28.70 65.88
N ALA A 1066 -17.16 -29.34 66.99
CA ALA A 1066 -16.64 -30.65 67.32
C ALA A 1066 -16.77 -31.62 66.16
N ASP A 1067 -17.96 -31.66 65.54
CA ASP A 1067 -18.23 -32.56 64.42
C ASP A 1067 -17.28 -32.34 63.21
N ALA A 1068 -16.89 -31.07 63.01
CA ALA A 1068 -15.94 -30.61 61.97
C ALA A 1068 -14.53 -31.16 62.19
N VAL A 1069 -14.04 -31.02 63.42
CA VAL A 1069 -12.73 -31.53 63.79
C VAL A 1069 -12.60 -33.02 63.46
N THR A 1070 -13.53 -33.85 63.90
CA THR A 1070 -13.49 -35.29 63.62
C THR A 1070 -13.47 -35.63 62.12
N TRP A 1071 -14.25 -34.89 61.34
CA TRP A 1071 -14.35 -35.13 59.91
C TRP A 1071 -13.01 -34.82 59.21
N LEU A 1072 -12.46 -33.65 59.53
CA LEU A 1072 -11.21 -33.15 58.92
C LEU A 1072 -10.14 -34.21 58.90
N PHE A 1073 -9.85 -34.75 60.09
CA PHE A 1073 -8.81 -35.77 60.29
C PHE A 1073 -9.17 -37.09 59.59
N THR A 1074 -10.45 -37.51 59.64
CA THR A 1074 -10.87 -38.73 58.94
C THR A 1074 -10.60 -38.66 57.43
N SER A 1075 -10.71 -37.43 56.91
CA SER A 1075 -10.52 -37.11 55.49
C SER A 1075 -9.08 -37.13 55.06
N VAL A 1076 -8.18 -36.64 55.94
CA VAL A 1076 -6.73 -36.77 55.74
C VAL A 1076 -6.38 -38.25 55.73
N LEU A 1077 -7.05 -39.01 56.59
CA LEU A 1077 -6.77 -40.42 56.68
C LEU A 1077 -7.23 -41.17 55.41
N LYS A 1078 -8.38 -40.77 54.86
CA LYS A 1078 -8.90 -41.36 53.61
C LYS A 1078 -7.89 -41.11 52.50
N GLY A 1079 -7.22 -39.96 52.60
CA GLY A 1079 -6.10 -39.63 51.75
C GLY A 1079 -5.00 -40.67 51.81
N LEU A 1080 -4.53 -40.96 53.03
CA LEU A 1080 -3.53 -42.01 53.26
C LEU A 1080 -4.05 -43.37 52.82
N GLN A 1081 -5.37 -43.56 52.98
CA GLN A 1081 -6.05 -44.80 52.57
C GLN A 1081 -6.14 -44.94 51.04
N MET A 1082 -6.42 -43.84 50.33
CA MET A 1082 -6.59 -43.93 48.86
C MET A 1082 -5.25 -44.15 48.19
N HIS A 1083 -4.35 -43.23 48.45
CA HIS A 1083 -3.05 -43.24 47.84
C HIS A 1083 -2.23 -44.37 48.42
N GLY A 1084 -1.54 -44.13 49.52
CA GLY A 1084 -0.79 -45.17 50.24
C GLY A 1084 0.47 -45.59 49.51
N GLN A 1085 0.32 -46.55 48.59
CA GLN A 1085 1.36 -46.95 47.61
C GLN A 1085 2.34 -45.82 47.17
N HIS A 1086 1.81 -44.65 46.80
CA HIS A 1086 2.59 -43.54 46.23
C HIS A 1086 3.39 -42.77 47.29
N ASP A 1087 4.71 -42.85 47.16
CA ASP A 1087 5.66 -42.24 48.10
C ASP A 1087 5.46 -40.72 48.25
N GLY A 1088 5.06 -40.05 47.17
CA GLY A 1088 4.83 -38.62 47.19
C GLY A 1088 3.71 -38.23 48.10
N CYS A 1089 2.56 -38.87 47.92
CA CYS A 1089 1.37 -38.54 48.71
C CYS A 1089 1.66 -38.81 50.16
N MET A 1090 2.04 -40.06 50.42
CA MET A 1090 2.17 -40.56 51.76
C MET A 1090 3.01 -39.63 52.65
N ALA A 1091 4.23 -39.33 52.23
CA ALA A 1091 5.08 -38.46 53.01
C ALA A 1091 4.36 -37.17 53.33
N SER A 1092 3.79 -36.59 52.27
CA SER A 1092 3.18 -35.30 52.34
C SER A 1092 1.93 -35.33 53.19
N LEU A 1093 1.22 -36.45 53.19
CA LEU A 1093 -0.05 -36.58 53.91
C LEU A 1093 0.17 -36.90 55.38
N VAL A 1094 1.26 -37.61 55.64
CA VAL A 1094 1.68 -37.95 56.98
C VAL A 1094 2.00 -36.67 57.71
N HIS A 1095 2.88 -35.88 57.11
CA HIS A 1095 3.25 -34.59 57.67
C HIS A 1095 2.01 -33.71 57.94
N LEU A 1096 1.10 -33.65 56.98
CA LEU A 1096 -0.15 -32.91 57.17
C LEU A 1096 -1.01 -33.53 58.26
N ALA A 1097 -1.09 -34.86 58.34
CA ALA A 1097 -1.82 -35.50 59.42
C ALA A 1097 -1.24 -35.10 60.77
N PHE A 1098 0.11 -35.03 60.82
CA PHE A 1098 0.91 -34.71 62.01
C PHE A 1098 0.65 -33.27 62.48
N GLN A 1099 0.48 -32.35 61.54
CA GLN A 1099 0.23 -30.95 61.86
C GLN A 1099 -1.15 -30.68 62.45
N ILE A 1100 -2.12 -31.51 62.05
CA ILE A 1100 -3.47 -31.42 62.56
C ILE A 1100 -3.56 -32.02 63.95
N TYR A 1101 -2.89 -33.14 64.17
CA TYR A 1101 -2.94 -33.75 65.47
C TYR A 1101 -2.14 -32.99 66.50
N GLU A 1102 -1.35 -32.01 66.06
CA GLU A 1102 -0.47 -31.23 66.95
C GLU A 1102 -0.98 -29.84 67.31
N ALA A 1103 -1.61 -29.16 66.35
CA ALA A 1103 -2.26 -27.90 66.66
C ALA A 1103 -3.66 -28.08 67.25
N LEU A 1104 -4.23 -29.28 67.14
CA LEU A 1104 -5.64 -29.53 67.55
C LEU A 1104 -5.91 -30.45 68.74
N ARG A 1105 -4.95 -31.33 69.07
CA ARG A 1105 -5.09 -32.18 70.25
C ARG A 1105 -4.75 -31.56 71.68
N PRO A 1106 -4.02 -30.41 71.77
CA PRO A 1106 -3.98 -29.65 73.06
C PRO A 1106 -5.30 -28.99 73.51
N ARG A 1107 -6.26 -28.85 72.59
CA ARG A 1107 -7.54 -28.20 72.87
C ARG A 1107 -8.70 -29.20 72.86
N TYR A 1108 -8.85 -29.90 71.74
CA TYR A 1108 -9.94 -30.84 71.58
C TYR A 1108 -9.48 -32.21 71.92
N LEU A 1109 -10.44 -33.01 72.37
CA LEU A 1109 -10.15 -34.34 72.88
C LEU A 1109 -10.71 -35.45 71.95
N GLU A 1110 -11.47 -35.08 70.94
CA GLU A 1110 -12.14 -36.09 70.10
C GLU A 1110 -11.28 -36.61 68.96
N ILE A 1111 -10.09 -36.03 68.83
CA ILE A 1111 -9.10 -36.40 67.83
C ILE A 1111 -8.62 -37.84 68.05
N ARG A 1112 -8.41 -38.20 69.31
CA ARG A 1112 -7.97 -39.53 69.67
C ARG A 1112 -9.04 -40.59 69.37
N ALA A 1113 -10.31 -40.17 69.44
CA ALA A 1113 -11.48 -41.03 69.18
C ALA A 1113 -11.33 -41.68 67.83
N VAL A 1114 -10.88 -40.85 66.89
CA VAL A 1114 -10.63 -41.22 65.51
C VAL A 1114 -9.45 -42.20 65.39
N MET A 1115 -8.35 -41.88 66.06
CA MET A 1115 -7.11 -42.65 66.02
C MET A 1115 -7.34 -44.13 66.32
N GLU A 1116 -8.24 -44.39 67.26
CA GLU A 1116 -8.38 -45.74 67.80
C GLU A 1116 -9.18 -46.68 66.91
N GLN A 1117 -9.87 -46.12 65.92
CA GLN A 1117 -10.53 -46.96 64.95
C GLN A 1117 -9.56 -47.48 63.87
N ILE A 1118 -8.35 -46.88 63.79
CA ILE A 1118 -7.33 -47.28 62.79
C ILE A 1118 -6.83 -48.68 63.07
N PRO A 1119 -6.90 -49.57 62.06
CA PRO A 1119 -6.40 -50.94 62.23
C PRO A 1119 -4.97 -51.01 62.81
N GLU A 1120 -4.70 -52.07 63.61
CA GLU A 1120 -3.50 -52.27 64.49
C GLU A 1120 -2.90 -51.02 65.10
N ILE A 1121 -3.42 -50.62 66.26
CA ILE A 1121 -2.84 -49.54 67.03
C ILE A 1121 -2.66 -50.05 68.44
N GLN A 1122 -1.42 -50.11 68.92
CA GLN A 1122 -1.22 -50.37 70.33
C GLN A 1122 -1.60 -49.14 71.13
N LYS A 1123 -2.65 -49.30 71.93
CA LYS A 1123 -3.18 -48.18 72.73
C LYS A 1123 -2.12 -47.70 73.71
N ASP A 1124 -1.27 -48.63 74.15
CA ASP A 1124 -0.19 -48.36 75.09
C ASP A 1124 0.86 -47.43 74.49
N SER A 1125 1.19 -47.65 73.21
CA SER A 1125 2.15 -46.81 72.48
C SER A 1125 1.52 -45.46 72.16
N LEU A 1126 0.20 -45.45 72.01
CA LEU A 1126 -0.57 -44.22 71.81
C LEU A 1126 -0.51 -43.33 73.06
N ASP A 1127 -0.79 -43.97 74.19
CA ASP A 1127 -0.84 -43.31 75.49
C ASP A 1127 0.46 -42.57 75.82
N GLN A 1128 1.57 -43.26 75.56
CA GLN A 1128 2.92 -42.73 75.76
C GLN A 1128 3.17 -41.42 74.95
N PHE A 1129 2.76 -41.41 73.67
CA PHE A 1129 2.91 -40.24 72.78
C PHE A 1129 1.92 -39.12 73.11
N ASP A 1130 0.72 -39.54 73.53
CA ASP A 1130 -0.36 -38.63 73.89
C ASP A 1130 0.01 -37.72 75.06
N CYS A 1131 0.65 -38.30 76.08
CA CYS A 1131 1.06 -37.60 77.31
C CYS A 1131 2.36 -36.81 77.19
N LYS A 1132 3.19 -37.20 76.22
CA LYS A 1132 4.46 -36.54 75.94
C LYS A 1132 4.26 -35.04 75.57
N LEU A 1133 3.17 -34.74 74.85
CA LEU A 1133 2.88 -33.38 74.39
C LEU A 1133 1.92 -32.60 75.33
N LEU A 1134 1.29 -33.34 76.25
CA LEU A 1134 0.40 -32.74 77.26
C LEU A 1134 1.10 -32.44 78.59
N ASN A 1135 2.43 -32.34 78.58
CA ASN A 1135 3.21 -32.05 79.80
C ASN A 1135 4.19 -30.83 79.76
N PRO A 1136 5.21 -30.84 78.83
CA PRO A 1136 6.16 -29.71 78.82
C PRO A 1136 5.69 -28.58 77.93
N UNK B 1 10.50 -33.33 66.53
CA UNK B 1 10.14 -32.85 65.21
C UNK B 1 10.43 -33.86 64.08
N UNK B 2 11.35 -34.80 64.31
CA UNK B 2 11.68 -35.85 63.30
C UNK B 2 11.43 -37.24 63.87
N UNK B 3 11.91 -37.46 65.10
CA UNK B 3 11.63 -38.69 65.84
C UNK B 3 10.21 -38.60 66.38
N UNK B 4 9.79 -37.36 66.67
CA UNK B 4 8.41 -37.06 67.07
C UNK B 4 7.49 -37.51 65.93
N UNK B 5 7.81 -37.03 64.72
CA UNK B 5 7.09 -37.44 63.49
C UNK B 5 7.12 -38.94 63.19
N UNK B 6 8.26 -39.63 63.42
CA UNK B 6 8.37 -41.09 63.14
C UNK B 6 7.60 -41.92 64.17
N UNK B 7 7.36 -41.33 65.34
CA UNK B 7 6.58 -41.96 66.40
C UNK B 7 5.10 -42.03 65.99
N UNK B 8 4.59 -40.91 65.46
CA UNK B 8 3.24 -40.87 64.89
C UNK B 8 3.14 -41.79 63.65
N UNK B 9 4.16 -41.76 62.80
CA UNK B 9 4.16 -42.55 61.55
C UNK B 9 3.79 -44.00 61.82
N UNK B 10 4.62 -44.65 62.61
CA UNK B 10 4.38 -46.03 62.99
C UNK B 10 3.05 -46.20 63.80
N UNK B 11 2.64 -45.17 64.55
CA UNK B 11 1.43 -45.23 65.40
C UNK B 11 0.20 -45.30 64.53
N UNK B 12 0.09 -44.37 63.58
CA UNK B 12 -1.03 -44.39 62.62
C UNK B 12 -0.71 -45.11 61.27
N UNK B 13 -0.03 -46.25 61.32
CA UNK B 13 0.18 -47.03 60.09
C UNK B 13 -1.06 -47.90 59.83
N PRO C 7 6.81 -73.26 5.52
CA PRO C 7 7.88 -73.58 6.51
C PRO C 7 9.24 -73.20 5.92
N GLN C 8 10.19 -72.69 6.70
CA GLN C 8 11.49 -72.34 6.10
C GLN C 8 12.70 -72.30 7.05
N VAL C 9 13.09 -71.10 7.50
CA VAL C 9 14.19 -70.87 8.47
C VAL C 9 14.05 -71.38 9.92
N GLN C 10 12.99 -71.06 10.67
CA GLN C 10 12.90 -71.50 12.11
C GLN C 10 14.01 -71.00 13.10
N PHE C 11 13.59 -70.22 14.13
CA PHE C 11 14.47 -69.57 15.12
C PHE C 11 14.01 -69.84 16.53
N LYS C 12 14.96 -69.88 17.46
CA LYS C 12 14.65 -70.14 18.86
C LYS C 12 14.44 -68.84 19.64
N LEU C 13 13.23 -68.72 20.22
CA LEU C 13 12.82 -67.54 20.95
C LEU C 13 12.51 -67.85 22.40
N VAL C 14 13.13 -67.05 23.26
CA VAL C 14 13.06 -67.23 24.70
C VAL C 14 12.23 -66.12 25.33
N LEU C 15 11.23 -66.55 26.09
CA LEU C 15 10.33 -65.65 26.77
C LEU C 15 10.46 -65.76 28.28
N VAL C 16 10.94 -64.67 28.90
CA VAL C 16 11.23 -64.63 30.32
C VAL C 16 10.46 -63.51 31.02
N GLY C 17 10.25 -63.64 32.32
CA GLY C 17 9.65 -62.54 33.12
C GLY C 17 8.91 -62.98 34.38
N ASP C 18 8.50 -62.05 35.24
CA ASP C 18 7.93 -62.49 36.51
C ASP C 18 6.59 -63.27 36.35
N GLY C 19 6.23 -64.01 37.39
CA GLY C 19 4.99 -64.76 37.35
C GLY C 19 3.77 -63.86 37.30
N GLY C 20 2.91 -64.07 36.31
CA GLY C 20 1.65 -63.33 36.17
C GLY C 20 1.69 -62.10 35.29
N THR C 21 2.77 -61.88 34.57
CA THR C 21 2.90 -60.75 33.66
C THR C 21 2.30 -61.07 32.29
N GLY C 22 1.82 -62.30 32.15
CA GLY C 22 0.99 -62.67 31.00
C GLY C 22 1.83 -63.11 29.84
N LYS C 23 2.79 -64.01 30.08
CA LYS C 23 3.62 -64.52 28.99
C LYS C 23 2.84 -65.60 28.27
N THR C 24 2.21 -66.46 29.05
CA THR C 24 1.52 -67.58 28.45
C THR C 24 0.32 -67.10 27.60
N THR C 25 -0.32 -66.03 28.05
CA THR C 25 -1.53 -65.52 27.41
C THR C 25 -1.19 -64.79 26.13
N PHE C 26 -0.08 -64.07 26.15
CA PHE C 26 0.41 -63.41 24.96
C PHE C 26 0.63 -64.39 23.79
N VAL C 27 1.11 -65.61 24.12
CA VAL C 27 1.51 -66.62 23.11
C VAL C 27 0.29 -67.40 22.65
N LYS C 28 -0.53 -67.81 23.62
CA LYS C 28 -1.80 -68.52 23.37
C LYS C 28 -2.69 -67.74 22.39
N ARG C 29 -2.63 -66.42 22.49
CA ARG C 29 -3.28 -65.49 21.58
C ARG C 29 -2.71 -65.59 20.15
N HIS C 30 -1.47 -65.13 19.96
CA HIS C 30 -0.78 -65.30 18.69
C HIS C 30 -1.03 -66.65 18.00
N LEU C 31 -0.88 -67.76 18.74
CA LEU C 31 -1.13 -69.11 18.19
C LEU C 31 -2.61 -69.38 17.80
N THR C 32 -3.49 -69.49 18.81
CA THR C 32 -4.92 -69.77 18.55
C THR C 32 -5.61 -68.48 18.08
N GLY C 33 -5.43 -67.40 18.85
CA GLY C 33 -6.09 -66.14 18.56
C GLY C 33 -7.19 -65.89 19.57
N GLU C 34 -7.09 -66.55 20.73
CA GLU C 34 -8.03 -66.37 21.85
C GLU C 34 -7.34 -65.80 23.10
N PHE C 35 -8.11 -65.08 23.93
CA PHE C 35 -7.63 -64.55 25.25
C PHE C 35 -7.97 -65.45 26.45
N GLU C 36 -6.93 -65.78 27.20
CA GLU C 36 -7.09 -66.58 28.39
C GLU C 36 -7.23 -65.70 29.62
N LYS C 37 -8.17 -66.10 30.47
CA LYS C 37 -8.58 -65.30 31.61
C LYS C 37 -7.90 -65.73 32.91
N LYS C 38 -7.93 -67.03 33.20
CA LYS C 38 -7.36 -67.51 34.46
C LYS C 38 -5.83 -67.59 34.41
N TYR C 39 -5.19 -67.23 35.51
CA TYR C 39 -3.73 -67.37 35.68
C TYR C 39 -3.38 -68.79 36.16
N VAL C 40 -3.35 -69.74 35.22
CA VAL C 40 -2.86 -71.07 35.50
C VAL C 40 -1.36 -70.96 35.40
N ALA C 41 -0.66 -71.25 36.50
CA ALA C 41 0.79 -71.06 36.54
C ALA C 41 1.47 -72.06 35.60
N THR C 42 2.40 -71.57 34.77
CA THR C 42 3.24 -72.35 33.84
C THR C 42 4.28 -73.12 34.64
N LEU C 43 4.60 -74.31 34.18
CA LEU C 43 5.56 -75.15 34.88
C LEU C 43 6.75 -75.49 33.97
N GLY C 44 7.82 -74.71 34.11
CA GLY C 44 9.02 -75.03 33.37
C GLY C 44 9.05 -74.28 32.06
N VAL C 45 8.51 -74.88 31.03
CA VAL C 45 8.46 -74.27 29.69
C VAL C 45 7.39 -74.96 28.84
N GLU C 46 6.80 -74.24 27.89
CA GLU C 46 5.97 -74.84 26.86
C GLU C 46 6.35 -74.26 25.54
N VAL C 47 7.00 -75.06 24.72
CA VAL C 47 7.51 -74.58 23.45
C VAL C 47 6.39 -74.48 22.39
N HIS C 48 6.27 -73.32 21.73
CA HIS C 48 5.22 -73.10 20.75
C HIS C 48 5.74 -72.61 19.42
N PRO C 49 5.27 -73.25 18.33
CA PRO C 49 5.78 -72.80 17.02
C PRO C 49 4.88 -71.66 16.51
N LEU C 50 5.49 -70.60 15.98
CA LEU C 50 4.73 -69.53 15.37
C LEU C 50 5.29 -69.20 14.00
N VAL C 51 4.43 -69.24 12.99
CA VAL C 51 4.85 -69.04 11.61
C VAL C 51 4.43 -67.65 11.12
N PHE C 52 5.28 -66.99 10.36
CA PHE C 52 5.01 -65.63 9.95
C PHE C 52 5.30 -65.51 8.48
N HIS C 53 4.26 -65.51 7.65
CA HIS C 53 4.43 -65.44 6.20
C HIS C 53 4.88 -64.01 5.89
N THR C 54 6.17 -63.84 5.66
CA THR C 54 6.68 -62.51 5.39
C THR C 54 6.72 -62.28 3.91
N ASN C 55 7.19 -61.09 3.53
CA ASN C 55 7.55 -60.73 2.17
C ASN C 55 8.79 -61.47 1.73
N ARG C 56 9.43 -62.22 2.64
CA ARG C 56 10.58 -63.04 2.28
C ARG C 56 10.31 -64.51 2.54
N GLY C 57 9.05 -64.87 2.71
CA GLY C 57 8.70 -66.29 2.85
C GLY C 57 8.19 -66.61 4.24
N PRO C 58 7.89 -67.87 4.51
CA PRO C 58 7.52 -68.15 5.88
C PRO C 58 8.78 -68.16 6.78
N ILE C 59 8.59 -67.72 8.04
CA ILE C 59 9.63 -67.63 9.09
C ILE C 59 8.95 -68.20 10.31
N LYS C 60 9.62 -69.12 10.99
CA LYS C 60 9.04 -69.82 12.15
C LYS C 60 9.71 -69.43 13.48
N PHE C 61 8.96 -69.52 14.57
CA PHE C 61 9.47 -69.09 15.85
C PHE C 61 9.15 -70.13 16.90
N ASN C 62 10.22 -70.71 17.44
CA ASN C 62 10.06 -71.67 18.51
C ASN C 62 10.15 -70.88 19.76
N VAL C 63 8.99 -70.71 20.37
CA VAL C 63 8.85 -69.81 21.48
C VAL C 63 8.85 -70.67 22.69
N TRP C 64 9.82 -70.38 23.56
CA TRP C 64 10.01 -71.09 24.79
C TRP C 64 9.39 -70.30 25.92
N ASP C 65 8.18 -70.70 26.28
CA ASP C 65 7.38 -69.96 27.22
C ASP C 65 7.78 -70.44 28.56
N THR C 66 8.83 -69.84 29.11
CA THR C 66 9.44 -70.26 30.40
C THR C 66 8.73 -69.64 31.57
N ALA C 67 8.45 -70.45 32.59
CA ALA C 67 7.69 -70.03 33.75
C ALA C 67 8.58 -69.22 34.68
N GLY C 68 8.21 -67.99 34.95
CA GLY C 68 9.03 -67.10 35.75
C GLY C 68 8.64 -67.06 37.20
N GLN C 69 7.82 -68.04 37.62
CA GLN C 69 7.48 -68.21 39.00
C GLN C 69 8.67 -68.93 39.66
N GLU C 70 9.10 -68.40 40.80
CA GLU C 70 10.29 -68.86 41.52
C GLU C 70 10.38 -70.37 41.60
N LYS C 71 9.31 -71.00 42.07
CA LYS C 71 9.30 -72.43 42.37
C LYS C 71 8.75 -73.30 41.22
N PHE C 72 8.93 -72.88 39.96
CA PHE C 72 8.27 -73.58 38.86
C PHE C 72 9.09 -73.58 37.61
N GLY C 73 10.22 -72.88 37.59
CA GLY C 73 11.08 -72.82 36.42
C GLY C 73 11.83 -74.12 36.45
N GLY C 74 12.13 -74.71 35.32
CA GLY C 74 12.54 -76.10 35.35
C GLY C 74 14.02 -76.08 35.40
N LEU C 75 14.58 -75.99 34.22
CA LEU C 75 15.98 -75.72 34.09
C LEU C 75 16.32 -74.25 34.12
N ARG C 76 15.31 -73.38 33.98
CA ARG C 76 15.53 -71.94 33.86
C ARG C 76 16.63 -71.57 32.86
N ASP C 77 17.82 -71.26 33.37
CA ASP C 77 19.00 -70.95 32.51
C ASP C 77 19.20 -71.99 31.42
N GLY C 78 18.85 -73.24 31.69
CA GLY C 78 19.03 -74.30 30.71
C GLY C 78 18.19 -74.17 29.44
N TYR C 79 17.03 -73.49 29.54
CA TYR C 79 16.10 -73.24 28.42
C TYR C 79 16.64 -72.17 27.55
N TYR C 80 17.58 -71.39 28.07
CA TYR C 80 18.18 -70.32 27.30
C TYR C 80 19.20 -70.94 26.41
N ILE C 81 19.40 -72.25 26.52
CA ILE C 81 20.54 -72.85 25.79
C ILE C 81 20.29 -72.76 24.28
N GLN C 82 21.36 -72.34 23.59
CA GLN C 82 21.30 -71.97 22.18
C GLN C 82 20.09 -71.16 21.71
N ALA C 83 19.65 -70.14 22.46
CA ALA C 83 18.57 -69.26 22.01
C ALA C 83 19.20 -68.25 21.14
N GLN C 84 18.42 -67.75 20.20
CA GLN C 84 18.88 -66.75 19.20
C GLN C 84 18.22 -65.38 19.27
N CYS C 85 17.18 -65.26 20.12
CA CYS C 85 16.44 -64.02 20.39
C CYS C 85 15.51 -64.22 21.59
N ALA C 86 15.21 -63.13 22.27
CA ALA C 86 14.49 -63.21 23.51
C ALA C 86 13.59 -62.03 23.66
N ILE C 87 12.50 -62.27 24.40
CA ILE C 87 11.60 -61.25 24.87
C ILE C 87 11.47 -61.26 26.41
N ILE C 88 11.77 -60.14 27.05
CA ILE C 88 11.68 -60.02 28.53
C ILE C 88 10.40 -59.26 28.83
N MET C 89 9.47 -59.89 29.53
CA MET C 89 8.16 -59.24 29.75
C MET C 89 7.88 -58.84 31.18
N PHE C 90 7.21 -57.72 31.38
CA PHE C 90 6.85 -57.36 32.72
C PHE C 90 5.48 -56.74 32.65
N ASP C 91 4.87 -56.57 33.81
CA ASP C 91 3.55 -55.98 33.93
C ASP C 91 3.63 -54.53 34.40
N VAL C 92 2.81 -53.65 33.80
CA VAL C 92 2.67 -52.27 34.29
C VAL C 92 1.77 -52.09 35.56
N THR C 93 1.04 -53.13 35.91
CA THR C 93 0.32 -53.15 37.19
C THR C 93 1.25 -53.42 38.37
N SER C 94 2.33 -54.15 38.13
CA SER C 94 3.23 -54.47 39.20
C SER C 94 4.52 -53.71 38.99
N ARG C 95 4.78 -52.76 39.89
CA ARG C 95 6.06 -52.04 39.90
C ARG C 95 7.22 -53.02 40.05
N VAL C 96 7.02 -54.06 40.88
CA VAL C 96 8.01 -55.10 41.15
C VAL C 96 8.55 -55.75 39.86
N THR C 97 7.70 -55.92 38.86
CA THR C 97 8.12 -56.67 37.70
C THR C 97 9.14 -55.91 36.86
N TYR C 98 9.07 -54.59 36.90
CA TYR C 98 10.05 -53.77 36.20
C TYR C 98 11.35 -53.72 37.01
N LYS C 99 11.25 -53.91 38.33
CA LYS C 99 12.46 -53.97 39.17
C LYS C 99 13.24 -55.21 38.86
N ASN C 100 12.54 -56.26 38.45
CA ASN C 100 13.13 -57.57 38.22
C ASN C 100 13.58 -57.79 36.77
N VAL C 101 13.36 -56.77 35.93
CA VAL C 101 13.77 -56.89 34.54
C VAL C 101 15.31 -57.08 34.41
N PRO C 102 16.12 -56.28 35.16
CA PRO C 102 17.59 -56.40 35.05
C PRO C 102 18.08 -57.78 35.43
N ASN C 103 17.32 -58.47 36.27
CA ASN C 103 17.63 -59.87 36.58
C ASN C 103 17.41 -60.77 35.39
N TRP C 104 16.21 -60.71 34.81
CA TRP C 104 15.90 -61.52 33.66
C TRP C 104 16.92 -61.18 32.55
N HIS C 105 17.26 -59.93 32.42
CA HIS C 105 18.29 -59.60 31.48
C HIS C 105 19.73 -60.20 31.75
N ARG C 106 20.21 -60.18 33.02
CA ARG C 106 21.60 -60.54 33.29
C ARG C 106 21.79 -61.98 33.02
N ASP C 107 20.72 -62.69 33.30
CA ASP C 107 20.67 -64.10 33.16
C ASP C 107 20.76 -64.52 31.71
N LEU C 108 20.16 -63.72 30.82
CA LEU C 108 20.08 -64.05 29.42
C LEU C 108 21.34 -63.80 28.73
N VAL C 109 21.85 -62.57 28.82
CA VAL C 109 23.08 -62.20 28.10
C VAL C 109 24.28 -63.01 28.57
N ARG C 110 24.22 -63.51 29.79
CA ARG C 110 25.32 -64.32 30.32
C ARG C 110 25.43 -65.67 29.65
N VAL C 111 24.30 -66.37 29.57
CA VAL C 111 24.12 -67.63 28.87
C VAL C 111 24.25 -67.53 27.31
N CYS C 112 23.65 -66.52 26.70
CA CYS C 112 23.80 -66.37 25.26
C CYS C 112 23.90 -64.94 24.88
N GLU C 113 25.12 -64.53 24.60
CA GLU C 113 25.45 -63.15 24.42
C GLU C 113 25.10 -62.81 22.97
N ASN C 114 24.78 -61.51 22.76
CA ASN C 114 24.65 -60.92 21.44
C ASN C 114 23.44 -61.30 20.72
N ILE C 115 22.42 -61.67 21.46
CA ILE C 115 21.19 -61.97 20.82
C ILE C 115 20.34 -60.75 20.95
N PRO C 116 19.58 -60.40 19.90
CA PRO C 116 18.54 -59.38 19.95
C PRO C 116 17.46 -59.70 21.00
N ILE C 117 17.25 -58.75 21.91
CA ILE C 117 16.20 -58.84 22.93
C ILE C 117 15.15 -57.70 22.86
N VAL C 118 13.88 -58.05 22.94
CA VAL C 118 12.85 -57.04 23.01
C VAL C 118 12.24 -57.08 24.38
N LEU C 119 12.12 -55.89 24.99
CA LEU C 119 11.47 -55.69 26.29
C LEU C 119 10.00 -55.33 26.08
N CYS C 120 9.11 -55.75 26.96
CA CYS C 120 7.68 -55.61 26.73
C CYS C 120 6.92 -55.39 28.00
N GLY C 121 6.29 -54.23 28.09
CA GLY C 121 5.44 -53.88 29.22
C GLY C 121 4.04 -54.26 28.87
N ASN C 122 3.52 -55.27 29.52
CA ASN C 122 2.20 -55.80 29.18
C ASN C 122 1.04 -55.20 29.97
N LYS C 123 -0.18 -55.38 29.44
CA LYS C 123 -1.45 -55.04 30.09
C LYS C 123 -1.63 -53.52 30.18
N VAL C 124 -1.46 -52.83 29.07
CA VAL C 124 -1.60 -51.38 29.02
C VAL C 124 -3.08 -51.00 28.93
N ASP C 125 -3.91 -52.02 28.85
CA ASP C 125 -5.34 -51.80 28.77
C ASP C 125 -5.96 -51.64 30.16
N ILE C 126 -5.14 -51.66 31.21
CA ILE C 126 -5.69 -51.63 32.56
C ILE C 126 -5.73 -50.21 33.13
N LYS C 127 -6.95 -49.81 33.54
CA LYS C 127 -7.28 -48.51 34.15
C LYS C 127 -6.09 -47.58 34.25
N ASP C 128 -5.32 -47.74 35.33
CA ASP C 128 -4.16 -46.90 35.63
C ASP C 128 -2.84 -47.70 35.76
N ARG C 129 -1.89 -47.35 34.88
CA ARG C 129 -0.53 -47.88 34.85
C ARG C 129 0.28 -47.41 36.08
N LYS C 130 0.67 -48.34 36.94
CA LYS C 130 1.57 -48.04 38.05
C LYS C 130 2.96 -47.77 37.49
N VAL C 131 3.32 -48.51 36.47
CA VAL C 131 4.56 -48.26 35.74
C VAL C 131 4.33 -47.23 34.60
N LYS C 132 4.71 -45.98 34.87
CA LYS C 132 4.51 -44.88 33.93
C LYS C 132 5.41 -45.01 32.73
N ALA C 133 4.88 -44.70 31.55
CA ALA C 133 5.67 -44.86 30.34
C ALA C 133 7.00 -44.04 30.33
N LYS C 134 7.16 -43.09 31.22
CA LYS C 134 8.36 -42.27 31.23
C LYS C 134 9.42 -42.86 32.14
N SER C 135 8.98 -43.71 33.07
CA SER C 135 9.92 -44.33 34.03
C SER C 135 10.73 -45.54 33.46
N ILE C 136 10.25 -46.07 32.34
CA ILE C 136 10.88 -47.13 31.56
C ILE C 136 12.15 -46.68 30.81
N VAL C 137 13.31 -46.86 31.43
CA VAL C 137 14.60 -46.45 30.83
C VAL C 137 15.67 -47.56 30.66
N PHE C 138 15.32 -48.78 31.10
CA PHE C 138 16.32 -49.86 31.20
C PHE C 138 16.80 -50.23 29.82
N HIS C 139 15.81 -50.36 28.95
CA HIS C 139 16.02 -50.70 27.56
C HIS C 139 17.03 -49.76 26.91
N ARG C 140 17.13 -48.52 27.38
CA ARG C 140 18.04 -47.55 26.76
C ARG C 140 19.47 -47.68 27.28
N LYS C 141 19.59 -48.15 28.53
CA LYS C 141 20.88 -48.35 29.18
C LYS C 141 21.54 -49.66 28.66
N LYS C 142 20.72 -50.60 28.23
CA LYS C 142 21.22 -51.88 27.75
C LYS C 142 20.96 -52.02 26.25
N ASN C 143 20.63 -50.91 25.58
CA ASN C 143 20.41 -50.91 24.11
C ASN C 143 19.53 -52.02 23.53
N LEU C 144 18.32 -52.12 24.08
CA LEU C 144 17.29 -53.03 23.62
C LEU C 144 16.07 -52.26 23.10
N GLN C 145 15.27 -52.90 22.27
CA GLN C 145 14.00 -52.33 21.86
C GLN C 145 12.89 -52.50 22.92
N TYR C 146 12.02 -51.49 22.98
CA TYR C 146 10.86 -51.51 23.86
C TYR C 146 9.57 -51.40 23.05
N TYR C 147 8.50 -52.03 23.56
CA TYR C 147 7.11 -51.85 23.09
C TYR C 147 6.15 -52.14 24.22
N ASP C 148 5.40 -51.12 24.66
CA ASP C 148 4.33 -51.41 25.61
C ASP C 148 3.21 -52.09 24.82
N ILE C 149 2.59 -53.10 25.41
CA ILE C 149 1.70 -53.95 24.65
C ILE C 149 0.54 -54.47 25.52
N SER C 150 -0.43 -55.13 24.89
CA SER C 150 -1.51 -55.77 25.66
C SER C 150 -2.09 -57.01 24.96
N ALA C 151 -2.20 -58.08 25.75
CA ALA C 151 -2.66 -59.36 25.25
C ALA C 151 -4.20 -59.42 25.20
N LYS C 152 -4.86 -58.50 25.89
CA LYS C 152 -6.30 -58.38 25.79
C LYS C 152 -6.64 -57.30 24.74
N SER C 153 -5.82 -56.26 24.69
CA SER C 153 -6.04 -55.14 23.77
C SER C 153 -5.40 -55.30 22.37
N ASN C 154 -4.37 -56.16 22.25
CA ASN C 154 -3.56 -56.32 21.02
C ASN C 154 -2.84 -55.09 20.54
N TYR C 155 -2.64 -54.13 21.43
CA TYR C 155 -1.88 -52.93 21.08
C TYR C 155 -0.41 -53.32 20.90
N ASN C 156 0.11 -53.09 19.69
CA ASN C 156 1.44 -53.60 19.28
C ASN C 156 1.63 -55.13 19.27
N PHE C 157 0.52 -55.84 19.15
CA PHE C 157 0.44 -57.30 19.05
C PHE C 157 1.64 -57.98 18.36
N GLU C 158 2.09 -57.45 17.23
CA GLU C 158 3.12 -58.14 16.48
C GLU C 158 4.42 -57.39 16.45
N LYS C 159 4.42 -56.19 17.02
CA LYS C 159 5.62 -55.33 16.96
C LYS C 159 6.93 -56.05 17.48
N PRO C 160 6.84 -56.82 18.61
CA PRO C 160 8.10 -57.44 19.07
C PRO C 160 8.65 -58.51 18.10
N PHE C 161 7.78 -59.39 17.61
CA PHE C 161 8.11 -60.39 16.58
C PHE C 161 8.65 -59.80 15.30
N LEU C 162 8.03 -58.71 14.86
CA LEU C 162 8.46 -58.05 13.64
C LEU C 162 9.90 -57.50 13.77
N TRP C 163 10.19 -56.91 14.93
CA TRP C 163 11.48 -56.30 15.17
C TRP C 163 12.59 -57.35 15.29
N LEU C 164 12.24 -58.49 15.89
CA LEU C 164 13.19 -59.57 16.06
C LEU C 164 13.48 -60.14 14.71
N ALA C 165 12.39 -60.49 14.02
CA ALA C 165 12.44 -60.99 12.66
C ALA C 165 13.30 -60.06 11.85
N ARG C 166 13.09 -58.75 11.99
CA ARG C 166 13.92 -57.76 11.26
C ARG C 166 15.39 -57.86 11.62
N LYS C 167 15.65 -58.27 12.86
CA LYS C 167 17.01 -58.17 13.37
C LYS C 167 17.82 -59.43 12.96
N LEU C 168 17.18 -60.59 13.13
CA LEU C 168 17.78 -61.88 12.81
C LEU C 168 18.16 -62.01 11.33
N ILE C 169 17.18 -61.74 10.46
CA ILE C 169 17.35 -61.74 8.99
C ILE C 169 18.12 -60.52 8.46
N GLY C 170 18.26 -59.45 9.23
CA GLY C 170 19.10 -58.36 8.80
C GLY C 170 18.47 -57.61 7.64
N ASP C 171 17.13 -57.55 7.60
CA ASP C 171 16.40 -56.82 6.57
C ASP C 171 15.40 -55.86 7.22
N PRO C 172 15.76 -54.55 7.28
CA PRO C 172 14.92 -53.56 7.94
C PRO C 172 13.56 -53.39 7.28
N ASN C 173 13.51 -53.67 5.97
CA ASN C 173 12.28 -53.61 5.21
C ASN C 173 11.35 -54.85 5.32
N LEU C 174 11.66 -55.78 6.23
CA LEU C 174 10.91 -57.01 6.34
C LEU C 174 9.45 -56.78 6.82
N GLU C 175 8.45 -57.24 6.07
CA GLU C 175 7.06 -56.99 6.45
C GLU C 175 6.30 -58.24 6.78
N PHE C 176 5.45 -58.16 7.77
CA PHE C 176 4.69 -59.31 8.14
C PHE C 176 3.38 -59.30 7.37
N ALA F 2 -25.43 95.88 -50.55
CA ALA F 2 -26.55 94.98 -50.99
C ALA F 2 -27.04 93.96 -49.91
N MET F 3 -26.11 93.30 -49.19
CA MET F 3 -26.40 92.28 -48.13
C MET F 3 -26.38 92.84 -46.67
N ASP F 4 -25.20 93.19 -46.14
CA ASP F 4 -25.05 93.78 -44.78
C ASP F 4 -23.74 94.57 -44.51
N GLN F 5 -23.74 95.36 -43.44
CA GLN F 5 -22.54 96.04 -42.95
C GLN F 5 -21.81 95.22 -41.87
N VAL F 6 -20.47 95.21 -41.95
CA VAL F 6 -19.61 94.52 -40.98
C VAL F 6 -20.15 94.63 -39.54
N ASN F 7 -20.43 95.84 -39.09
CA ASN F 7 -20.84 96.07 -37.70
C ASN F 7 -22.07 95.28 -37.32
N ALA F 8 -23.01 95.20 -38.24
CA ALA F 8 -24.30 94.65 -37.91
C ALA F 8 -24.26 93.14 -37.78
N LEU F 9 -23.41 92.48 -38.57
CA LEU F 9 -23.33 91.01 -38.50
C LEU F 9 -22.72 90.55 -37.18
N CYS F 10 -21.55 91.10 -36.85
CA CYS F 10 -20.84 90.75 -35.63
C CYS F 10 -21.75 90.72 -34.40
N GLU F 11 -22.80 91.53 -34.44
CA GLU F 11 -23.73 91.64 -33.34
C GLU F 11 -24.67 90.43 -33.25
N GLN F 12 -25.17 89.99 -34.39
CA GLN F 12 -26.04 88.83 -34.40
C GLN F 12 -25.25 87.53 -34.20
N LEU F 13 -24.07 87.43 -34.82
CA LEU F 13 -23.24 86.26 -34.65
C LEU F 13 -22.92 86.00 -33.17
N VAL F 14 -22.64 87.06 -32.40
CA VAL F 14 -22.47 86.95 -30.95
C VAL F 14 -23.75 86.43 -30.28
N LYS F 15 -24.90 86.90 -30.76
CA LYS F 15 -26.18 86.49 -30.15
C LYS F 15 -26.48 85.01 -30.49
N ALA F 16 -26.04 84.59 -31.68
CA ALA F 16 -26.19 83.21 -32.17
C ALA F 16 -25.25 82.24 -31.45
N VAL F 17 -23.95 82.57 -31.37
CA VAL F 17 -23.00 81.71 -30.67
C VAL F 17 -23.43 81.53 -29.21
N THR F 18 -24.07 82.52 -28.62
CA THR F 18 -24.41 82.48 -27.21
C THR F 18 -25.54 81.51 -26.99
N VAL F 19 -26.53 81.59 -27.88
CA VAL F 19 -27.76 80.80 -27.72
C VAL F 19 -27.42 79.31 -27.91
N MET F 20 -26.52 79.07 -28.88
CA MET F 20 -25.99 77.75 -29.16
C MET F 20 -25.20 77.13 -28.01
N MET F 21 -24.60 77.96 -27.16
CA MET F 21 -23.79 77.46 -26.08
C MET F 21 -24.60 77.46 -24.83
N ASP F 22 -25.80 78.04 -24.94
CA ASP F 22 -26.76 78.07 -23.82
C ASP F 22 -27.33 76.68 -23.49
N PRO F 23 -26.96 76.10 -22.34
CA PRO F 23 -27.47 74.78 -21.95
C PRO F 23 -28.94 74.65 -22.29
N ASN F 24 -29.78 75.33 -21.53
CA ASN F 24 -31.22 75.15 -21.72
C ASN F 24 -31.84 76.18 -22.67
N SER F 25 -31.40 76.17 -23.93
CA SER F 25 -32.02 77.02 -24.95
C SER F 25 -33.09 76.32 -25.82
N THR F 26 -34.25 76.99 -25.93
CA THR F 26 -35.42 76.50 -26.67
C THR F 26 -34.97 75.78 -27.92
N GLN F 27 -35.40 74.53 -27.99
CA GLN F 27 -35.22 73.67 -29.14
C GLN F 27 -35.14 74.45 -30.44
N ARG F 28 -36.10 75.33 -30.56
CA ARG F 28 -36.37 76.06 -31.75
C ARG F 28 -35.34 77.16 -31.98
N TYR F 29 -35.03 77.93 -30.93
CA TYR F 29 -34.04 79.03 -31.04
C TYR F 29 -32.68 78.51 -31.43
N ARG F 30 -32.31 77.35 -30.88
CA ARG F 30 -31.08 76.67 -31.24
C ARG F 30 -30.99 76.46 -32.77
N LEU F 31 -32.03 75.84 -33.32
CA LEU F 31 -32.03 75.49 -34.74
C LEU F 31 -31.80 76.75 -35.60
N GLU F 32 -32.54 77.81 -35.28
CA GLU F 32 -32.45 79.05 -36.04
C GLU F 32 -31.07 79.67 -35.89
N ALA F 33 -30.45 79.47 -34.73
CA ALA F 33 -29.11 79.93 -34.52
C ALA F 33 -28.17 79.13 -35.41
N LEU F 34 -28.28 77.80 -35.33
CA LEU F 34 -27.44 76.92 -36.18
C LEU F 34 -27.58 77.22 -37.70
N LYS F 35 -28.81 77.50 -38.15
CA LYS F 35 -29.15 77.75 -39.58
C LYS F 35 -28.58 79.07 -40.08
N PHE F 36 -28.61 80.06 -39.20
CA PHE F 36 -28.00 81.35 -39.43
C PHE F 36 -26.52 81.22 -39.77
N CYS F 37 -25.80 80.42 -38.99
CA CYS F 37 -24.36 80.32 -39.13
C CYS F 37 -23.88 79.57 -40.33
N GLU F 38 -24.62 78.52 -40.67
CA GLU F 38 -24.27 77.74 -41.81
C GLU F 38 -24.36 78.63 -43.06
N GLU F 39 -25.50 79.33 -43.16
CA GLU F 39 -25.79 80.24 -44.27
C GLU F 39 -24.73 81.33 -44.34
N PHE F 40 -24.49 81.96 -43.20
CA PHE F 40 -23.42 82.91 -43.05
C PHE F 40 -22.11 82.35 -43.60
N LYS F 41 -21.71 81.17 -43.13
CA LYS F 41 -20.37 80.66 -43.44
C LYS F 41 -20.23 80.23 -44.90
N GLU F 42 -21.34 80.22 -45.63
CA GLU F 42 -21.29 79.72 -46.99
C GLU F 42 -21.47 80.84 -47.95
N LYS F 43 -22.35 81.76 -47.61
CA LYS F 43 -22.78 82.76 -48.56
C LYS F 43 -22.20 84.14 -48.31
N CYS F 44 -22.45 84.73 -47.14
CA CYS F 44 -22.01 86.10 -46.87
C CYS F 44 -20.53 86.44 -47.31
N PRO F 45 -20.36 87.48 -48.16
CA PRO F 45 -19.03 87.88 -48.65
C PRO F 45 -17.97 88.22 -47.56
N ILE F 46 -18.35 89.10 -46.62
CA ILE F 46 -17.45 89.68 -45.60
C ILE F 46 -17.10 88.75 -44.39
N CYS F 47 -16.67 87.53 -44.70
CA CYS F 47 -16.37 86.56 -43.66
C CYS F 47 -15.17 86.95 -42.88
N VAL F 48 -14.08 87.32 -43.56
CA VAL F 48 -12.82 87.71 -42.92
C VAL F 48 -12.96 88.92 -41.96
N PRO F 49 -13.67 89.99 -42.38
CA PRO F 49 -13.86 91.12 -41.45
C PRO F 49 -14.61 90.74 -40.16
N CYS F 50 -15.58 89.84 -40.29
CA CYS F 50 -16.32 89.36 -39.14
C CYS F 50 -15.48 88.44 -38.26
N GLY F 51 -14.57 87.71 -38.90
CA GLY F 51 -13.78 86.71 -38.21
C GLY F 51 -12.74 87.42 -37.39
N LEU F 52 -12.09 88.40 -38.00
CA LEU F 52 -11.09 89.14 -37.30
C LEU F 52 -11.68 89.98 -36.14
N ARG F 53 -12.93 90.39 -36.30
CA ARG F 53 -13.58 91.18 -35.27
C ARG F 53 -13.87 90.32 -34.06
N LEU F 54 -14.54 89.19 -34.28
CA LEU F 54 -14.98 88.36 -33.17
C LEU F 54 -13.82 87.71 -32.48
N ALA F 55 -12.73 87.60 -33.22
CA ALA F 55 -11.54 86.97 -32.73
C ALA F 55 -10.73 87.93 -31.86
N GLU F 56 -11.26 89.13 -31.63
CA GLU F 56 -10.50 90.14 -30.95
C GLU F 56 -10.49 89.79 -29.49
N LYS F 57 -9.35 90.06 -28.83
CA LYS F 57 -9.21 89.81 -27.39
C LYS F 57 -10.25 90.38 -26.38
N THR F 58 -10.77 91.59 -26.61
CA THR F 58 -11.77 92.13 -25.69
C THR F 58 -12.97 91.22 -25.61
N GLN F 59 -13.09 90.24 -26.51
CA GLN F 59 -14.28 89.42 -26.56
C GLN F 59 -14.26 88.18 -25.69
N VAL F 60 -15.47 87.75 -25.29
CA VAL F 60 -15.67 86.48 -24.61
C VAL F 60 -14.96 85.37 -25.40
N ALA F 61 -14.35 84.40 -24.70
CA ALA F 61 -13.51 83.37 -25.36
C ALA F 61 -14.33 82.51 -26.35
N ILE F 62 -15.58 82.24 -25.96
CA ILE F 62 -16.56 81.54 -26.78
C ILE F 62 -16.66 82.16 -28.16
N VAL F 63 -16.72 83.49 -28.13
CA VAL F 63 -16.82 84.30 -29.34
C VAL F 63 -15.48 84.40 -30.04
N ARG F 64 -14.39 84.65 -29.31
CA ARG F 64 -13.13 84.67 -30.00
C ARG F 64 -12.95 83.36 -30.78
N HIS F 65 -13.35 82.21 -30.20
CA HIS F 65 -13.08 80.90 -30.84
C HIS F 65 -13.91 80.77 -32.08
N PHE F 66 -15.17 81.21 -31.99
CA PHE F 66 -16.11 81.13 -33.11
C PHE F 66 -15.61 81.97 -34.27
N GLY F 67 -15.12 83.14 -33.95
CA GLY F 67 -14.40 83.95 -34.92
C GLY F 67 -13.22 83.26 -35.61
N LEU F 68 -12.39 82.59 -34.83
CA LEU F 68 -11.26 81.89 -35.42
C LEU F 68 -11.67 80.72 -36.31
N GLN F 69 -12.86 80.19 -35.97
CA GLN F 69 -13.41 79.00 -36.57
C GLN F 69 -13.85 79.36 -37.98
N ILE F 70 -14.40 80.57 -38.11
CA ILE F 70 -14.77 81.18 -39.41
C ILE F 70 -13.55 81.37 -40.34
N LEU F 71 -12.53 82.07 -39.85
CA LEU F 71 -11.29 82.17 -40.60
C LEU F 71 -10.72 80.83 -41.06
N GLU F 72 -10.85 79.79 -40.24
CA GLU F 72 -10.49 78.44 -40.68
C GLU F 72 -11.45 77.92 -41.80
N HIS F 73 -12.75 78.18 -41.66
CA HIS F 73 -13.74 77.63 -42.58
C HIS F 73 -13.57 78.19 -43.97
N VAL F 74 -13.02 79.39 -44.00
CA VAL F 74 -12.75 80.11 -45.24
C VAL F 74 -11.52 79.54 -45.95
N VAL F 75 -10.45 79.27 -45.21
CA VAL F 75 -9.29 78.66 -45.84
C VAL F 75 -9.63 77.24 -46.29
N LYS F 76 -10.58 76.62 -45.60
CA LYS F 76 -10.90 75.19 -45.79
C LYS F 76 -11.98 74.90 -46.89
N PHE F 77 -12.92 75.81 -47.08
CA PHE F 77 -13.97 75.62 -48.05
C PHE F 77 -14.06 76.77 -49.03
N ARG F 78 -14.18 78.00 -48.53
CA ARG F 78 -14.26 79.19 -49.39
C ARG F 78 -12.93 79.78 -50.01
N TRP F 79 -11.79 79.13 -49.79
CA TRP F 79 -10.49 79.67 -50.26
C TRP F 79 -10.32 79.88 -51.75
N ASN F 80 -11.21 79.28 -52.54
CA ASN F 80 -11.00 79.27 -53.98
C ASN F 80 -11.72 80.40 -54.66
N GLY F 81 -12.91 80.74 -54.15
CA GLY F 81 -13.67 81.90 -54.57
C GLY F 81 -12.90 83.21 -54.38
N MET F 82 -11.76 83.16 -53.69
CA MET F 82 -11.05 84.38 -53.27
C MET F 82 -9.94 84.80 -54.21
N SER F 83 -9.81 86.13 -54.37
CA SER F 83 -8.75 86.78 -55.15
C SER F 83 -7.44 86.70 -54.49
N ARG F 84 -6.41 87.08 -55.21
CA ARG F 84 -5.07 87.05 -54.64
C ARG F 84 -4.94 88.02 -53.45
N LEU F 85 -5.45 89.23 -53.63
CA LEU F 85 -5.39 90.22 -52.55
C LEU F 85 -6.15 89.78 -51.31
N GLU F 86 -7.31 89.15 -51.48
CA GLU F 86 -8.13 88.69 -50.36
C GLU F 86 -7.40 87.63 -49.55
N LYS F 87 -6.70 86.75 -50.25
CA LYS F 87 -5.80 85.80 -49.60
C LYS F 87 -4.59 86.46 -48.93
N VAL F 88 -3.97 87.45 -49.56
CA VAL F 88 -2.81 88.08 -48.91
C VAL F 88 -3.22 88.80 -47.62
N TYR F 89 -4.44 89.30 -47.62
CA TYR F 89 -4.96 90.05 -46.52
C TYR F 89 -5.25 89.14 -45.32
N LEU F 90 -6.00 88.06 -45.55
CA LEU F 90 -6.24 87.00 -44.55
C LEU F 90 -4.98 86.32 -43.98
N LYS F 91 -4.04 85.90 -44.82
CA LYS F 91 -2.74 85.46 -44.33
C LYS F 91 -2.11 86.47 -43.38
N ASN F 92 -2.07 87.73 -43.76
CA ASN F 92 -1.31 88.67 -42.95
C ASN F 92 -1.92 89.01 -41.60
N SER F 93 -3.26 89.08 -41.58
CA SER F 93 -4.00 89.22 -40.33
C SER F 93 -3.75 88.05 -39.36
N VAL F 94 -3.55 86.86 -39.91
CA VAL F 94 -3.49 85.67 -39.08
C VAL F 94 -2.09 85.55 -38.57
N MET F 95 -1.11 85.86 -39.40
CA MET F 95 0.24 86.08 -38.91
C MET F 95 0.39 87.21 -37.87
N GLU F 96 -0.30 88.35 -38.07
CA GLU F 96 -0.46 89.38 -37.01
C GLU F 96 -1.03 88.82 -35.69
N LEU F 97 -2.13 88.09 -35.76
CA LEU F 97 -2.72 87.55 -34.56
C LEU F 97 -1.72 86.72 -33.75
N ILE F 98 -0.69 86.18 -34.39
CA ILE F 98 0.24 85.37 -33.65
C ILE F 98 1.15 86.35 -32.95
N ALA F 99 1.41 87.45 -33.65
CA ALA F 99 2.40 88.42 -33.24
C ALA F 99 1.92 89.15 -31.95
N ASN F 100 0.69 89.67 -31.99
CA ASN F 100 0.07 90.32 -30.81
C ASN F 100 -1.45 90.15 -30.68
N GLY F 101 -1.98 89.11 -31.29
CA GLY F 101 -3.41 89.01 -31.42
C GLY F 101 -4.06 88.35 -30.22
N THR F 102 -3.32 87.45 -29.59
CA THR F 102 -3.82 86.64 -28.45
C THR F 102 -3.21 87.14 -27.11
N LEU F 103 -3.80 86.79 -25.98
CA LEU F 103 -3.13 86.98 -24.69
C LEU F 103 -1.77 86.20 -24.62
N ASN F 104 -1.15 86.15 -23.44
CA ASN F 104 0.16 85.43 -23.23
C ASN F 104 0.10 83.91 -22.95
N ILE F 105 1.22 83.22 -23.23
CA ILE F 105 1.37 81.79 -22.88
C ILE F 105 0.54 81.44 -21.68
N LEU F 106 0.69 82.16 -20.57
CA LEU F 106 -0.01 81.84 -19.32
C LEU F 106 -1.45 82.33 -19.27
N GLU F 107 -1.73 83.42 -19.96
CA GLU F 107 -3.05 83.97 -19.86
C GLU F 107 -3.96 83.32 -20.87
N GLU F 108 -3.33 82.70 -21.86
CA GLU F 108 -4.09 82.21 -23.04
C GLU F 108 -4.68 80.81 -22.88
N GLU F 109 -6.01 80.75 -23.02
CA GLU F 109 -6.72 79.49 -23.11
C GLU F 109 -6.04 78.53 -24.13
N ASN F 110 -6.28 77.23 -23.94
CA ASN F 110 -5.68 76.23 -24.80
C ASN F 110 -6.45 76.07 -26.09
N HIS F 111 -7.76 76.21 -25.99
CA HIS F 111 -8.53 76.07 -27.19
C HIS F 111 -8.31 77.21 -28.19
N ILE F 112 -8.04 78.41 -27.72
CA ILE F 112 -7.87 79.53 -28.65
C ILE F 112 -6.58 79.36 -29.46
N LYS F 113 -5.58 78.74 -28.85
CA LYS F 113 -4.29 78.51 -29.52
C LYS F 113 -4.45 77.43 -30.60
N ASP F 114 -5.38 76.52 -30.32
CA ASP F 114 -5.74 75.48 -31.27
C ASP F 114 -6.38 76.21 -32.47
N ALA F 115 -7.54 76.85 -32.25
CA ALA F 115 -8.27 77.54 -33.29
C ALA F 115 -7.35 78.43 -34.19
N LEU F 116 -6.42 79.13 -33.58
CA LEU F 116 -5.48 79.99 -34.33
C LEU F 116 -4.49 79.12 -35.12
N SER F 117 -4.02 78.06 -34.47
CA SER F 117 -3.14 77.10 -35.10
C SER F 117 -3.76 76.41 -36.33
N ARG F 118 -5.00 75.91 -36.15
CA ARG F 118 -5.79 75.32 -37.20
C ARG F 118 -5.78 76.18 -38.44
N ILE F 119 -6.08 77.49 -38.34
CA ILE F 119 -5.97 78.41 -39.52
C ILE F 119 -4.60 78.41 -40.23
N VAL F 120 -3.51 78.64 -39.54
CA VAL F 120 -2.21 78.62 -40.25
C VAL F 120 -1.91 77.29 -40.96
N VAL F 121 -2.16 76.16 -40.29
CA VAL F 121 -1.92 74.85 -40.89
C VAL F 121 -2.76 74.70 -42.18
N GLU F 122 -4.08 74.97 -42.09
CA GLU F 122 -5.04 74.97 -43.19
C GLU F 122 -4.49 75.72 -44.39
N MET F 123 -3.97 76.93 -44.17
CA MET F 123 -3.25 77.64 -45.24
C MET F 123 -1.93 76.95 -45.63
N ILE F 124 -1.25 76.26 -44.71
CA ILE F 124 0.02 75.66 -45.15
C ILE F 124 -0.31 74.58 -46.16
N LYS F 125 -1.41 73.86 -45.88
CA LYS F 125 -1.82 72.69 -46.69
C LYS F 125 -2.47 73.11 -47.99
N ARG F 126 -3.03 74.31 -48.02
CA ARG F 126 -3.55 74.89 -49.26
C ARG F 126 -2.48 75.36 -50.23
N GLU F 127 -1.37 75.89 -49.72
CA GLU F 127 -0.35 76.40 -50.64
C GLU F 127 1.01 76.55 -50.05
N TRP F 128 1.54 75.55 -49.34
CA TRP F 128 2.90 75.69 -48.82
C TRP F 128 3.93 75.71 -49.95
N PRO F 129 4.57 74.60 -50.21
CA PRO F 129 5.90 74.57 -50.79
C PRO F 129 6.25 75.81 -51.61
N GLN F 130 5.49 76.10 -52.68
CA GLN F 130 5.91 77.13 -53.68
C GLN F 130 5.17 78.48 -53.59
N HIS F 131 4.03 78.51 -52.89
CA HIS F 131 3.22 79.75 -52.68
C HIS F 131 3.46 80.41 -51.31
N TRP F 132 4.51 79.94 -50.64
CA TRP F 132 4.76 80.19 -49.25
C TRP F 132 6.23 79.76 -49.02
N PRO F 133 7.15 79.99 -50.01
CA PRO F 133 8.51 79.45 -49.90
C PRO F 133 9.22 79.85 -48.64
N ASP F 134 8.93 81.05 -48.14
CA ASP F 134 9.51 81.59 -46.88
C ASP F 134 8.71 81.29 -45.59
N MET F 135 7.83 80.28 -45.65
CA MET F 135 7.00 79.85 -44.54
C MET F 135 7.83 79.49 -43.34
N LEU F 136 8.79 78.58 -43.51
CA LEU F 136 9.76 78.29 -42.44
C LEU F 136 10.42 79.55 -41.84
N ILE F 137 10.85 80.49 -42.68
CA ILE F 137 11.50 81.71 -42.16
C ILE F 137 10.53 82.63 -41.42
N GLU F 138 9.32 82.72 -41.93
CA GLU F 138 8.24 83.47 -41.33
C GLU F 138 7.99 83.04 -39.89
N LEU F 139 7.98 81.74 -39.69
CA LEU F 139 7.64 81.16 -38.41
C LEU F 139 8.82 81.34 -37.51
N ASP F 140 10.00 81.22 -38.11
CA ASP F 140 11.21 81.41 -37.38
C ASP F 140 11.26 82.82 -36.81
N THR F 141 10.85 83.79 -37.62
CA THR F 141 10.71 85.16 -37.19
C THR F 141 9.69 85.27 -36.07
N LEU F 142 8.43 84.83 -36.29
CA LEU F 142 7.39 84.91 -35.24
C LEU F 142 7.83 84.31 -33.94
N SER F 143 8.65 83.26 -34.01
CA SER F 143 9.05 82.51 -32.83
C SER F 143 10.10 83.21 -31.97
N LYS F 144 10.91 84.04 -32.61
CA LYS F 144 11.84 84.93 -31.92
C LYS F 144 11.15 86.09 -31.15
N GLN F 145 9.86 86.31 -31.38
CA GLN F 145 9.17 87.35 -30.67
C GLN F 145 8.76 87.03 -29.24
N GLY F 146 9.04 85.82 -28.79
CA GLY F 146 8.63 85.45 -27.44
C GLY F 146 8.04 84.07 -27.26
N GLU F 147 7.90 83.66 -26.02
CA GLU F 147 7.34 82.36 -25.71
C GLU F 147 5.91 82.19 -26.28
N THR F 148 5.05 83.20 -26.15
CA THR F 148 3.67 83.07 -26.62
C THR F 148 3.67 82.67 -28.08
N GLN F 149 4.72 83.12 -28.77
CA GLN F 149 4.83 82.96 -30.19
C GLN F 149 5.39 81.61 -30.45
N THR F 150 6.48 81.28 -29.79
CA THR F 150 7.13 79.98 -29.97
C THR F 150 6.16 78.82 -29.68
N GLU F 151 5.38 78.92 -28.60
CA GLU F 151 4.38 77.90 -28.33
C GLU F 151 3.37 77.79 -29.47
N LEU F 152 3.00 78.92 -30.04
CA LEU F 152 2.07 78.91 -31.19
C LEU F 152 2.61 78.22 -32.44
N VAL F 153 3.87 78.47 -32.79
CA VAL F 153 4.63 77.78 -33.83
C VAL F 153 4.63 76.25 -33.63
N MET F 154 4.85 75.83 -32.39
CA MET F 154 4.87 74.40 -32.00
C MET F 154 3.48 73.78 -32.17
N PHE F 155 2.44 74.55 -31.88
CA PHE F 155 1.11 74.05 -32.05
C PHE F 155 0.79 73.82 -33.49
N ILE F 156 1.44 74.60 -34.36
CA ILE F 156 1.25 74.53 -35.80
C ILE F 156 2.07 73.37 -36.31
N LEU F 157 3.36 73.31 -36.02
CA LEU F 157 4.18 72.25 -36.60
C LEU F 157 3.74 70.82 -36.20
N LEU F 158 3.14 70.72 -35.04
CA LEU F 158 2.62 69.43 -34.64
C LEU F 158 1.28 69.09 -35.31
N ARG F 159 0.42 70.05 -35.61
CA ARG F 159 -0.84 69.76 -36.28
C ARG F 159 -0.59 69.51 -37.75
N LEU F 160 0.51 70.10 -38.24
CA LEU F 160 0.89 69.92 -39.64
C LEU F 160 1.38 68.49 -39.82
N ALA F 161 2.38 68.09 -39.01
CA ALA F 161 2.93 66.73 -39.07
C ALA F 161 1.84 65.71 -38.92
N GLU F 162 0.89 65.92 -38.00
CA GLU F 162 -0.27 65.03 -37.87
C GLU F 162 -1.18 64.90 -39.10
N ASP F 163 -1.68 66.03 -39.59
CA ASP F 163 -2.64 66.02 -40.70
C ASP F 163 -2.15 65.44 -42.04
N VAL F 164 -0.84 65.42 -42.24
CA VAL F 164 -0.28 65.08 -43.53
C VAL F 164 0.38 63.71 -43.49
N VAL F 165 0.76 63.26 -42.29
CA VAL F 165 1.53 62.02 -42.14
C VAL F 165 0.69 61.00 -41.40
N THR F 166 0.19 61.35 -40.24
CA THR F 166 -0.56 60.41 -39.49
C THR F 166 -2.01 60.28 -39.95
N PHE F 167 -2.73 61.36 -40.16
CA PHE F 167 -4.14 61.23 -40.51
C PHE F 167 -4.40 61.30 -41.98
N GLN F 168 -3.34 61.63 -42.72
CA GLN F 168 -3.43 61.98 -44.16
C GLN F 168 -4.81 62.60 -44.42
N THR F 169 -5.04 63.77 -43.86
CA THR F 169 -6.34 64.42 -44.00
C THR F 169 -6.48 65.00 -45.43
N LEU F 170 -5.40 64.89 -46.23
CA LEU F 170 -5.24 65.57 -47.54
C LEU F 170 -5.38 64.73 -48.83
N PRO F 171 -5.69 65.42 -49.96
CA PRO F 171 -5.68 64.80 -51.33
C PRO F 171 -4.31 64.16 -51.69
N PRO F 172 -4.28 62.84 -52.00
CA PRO F 172 -3.02 62.11 -52.21
C PRO F 172 -1.90 62.92 -52.89
N GLN F 173 -2.22 63.63 -53.97
CA GLN F 173 -1.22 64.38 -54.72
C GLN F 173 -0.62 65.49 -53.90
N ARG F 174 -1.49 66.34 -53.33
CA ARG F 174 -1.11 67.48 -52.47
C ARG F 174 -0.40 66.97 -51.22
N ARG F 175 -0.91 65.86 -50.68
CA ARG F 175 -0.34 65.24 -49.51
C ARG F 175 1.11 64.87 -49.73
N ARG F 176 1.38 64.20 -50.85
CA ARG F 176 2.71 63.70 -51.16
C ARG F 176 3.76 64.81 -51.20
N ASP F 177 3.41 65.93 -51.81
CA ASP F 177 4.36 67.02 -52.05
C ASP F 177 4.84 67.72 -50.76
N ILE F 178 3.93 67.87 -49.80
CA ILE F 178 4.24 68.44 -48.49
C ILE F 178 5.18 67.52 -47.68
N GLN F 179 4.98 66.21 -47.79
CA GLN F 179 5.84 65.30 -47.07
C GLN F 179 7.25 65.28 -47.63
N GLN F 180 7.36 65.47 -48.94
CA GLN F 180 8.66 65.51 -49.61
C GLN F 180 9.42 66.75 -49.16
N THR F 181 8.66 67.85 -49.07
CA THR F 181 9.17 69.14 -48.59
C THR F 181 9.57 69.08 -47.14
N LEU F 182 8.71 68.46 -46.31
CA LEU F 182 8.99 68.22 -44.90
C LEU F 182 10.33 67.53 -44.76
N THR F 183 10.54 66.46 -45.56
CA THR F 183 11.79 65.68 -45.51
C THR F 183 12.92 66.53 -45.89
N GLN F 184 12.74 67.25 -47.00
CA GLN F 184 13.77 68.13 -47.52
C GLN F 184 14.31 69.09 -46.48
N ASN F 185 13.39 69.70 -45.74
CA ASN F 185 13.68 70.66 -44.65
C ASN F 185 13.88 70.07 -43.25
N MET F 186 13.97 68.74 -43.19
CA MET F 186 13.79 68.10 -41.92
C MET F 186 14.96 68.36 -40.98
N GLU F 187 16.11 68.66 -41.55
CA GLU F 187 17.27 68.87 -40.74
C GLU F 187 17.07 70.21 -40.13
N ARG F 188 16.44 71.10 -40.88
CA ARG F 188 16.25 72.47 -40.43
C ARG F 188 15.20 72.50 -39.36
N ILE F 189 14.02 71.91 -39.66
CA ILE F 189 12.88 71.81 -38.72
C ILE F 189 13.25 71.07 -37.43
N PHE F 190 13.98 69.99 -37.53
CA PHE F 190 14.31 69.25 -36.35
C PHE F 190 15.37 69.97 -35.53
N SER F 191 16.20 70.73 -36.22
CA SER F 191 17.23 71.46 -35.51
C SER F 191 16.58 72.63 -34.78
N PHE F 192 15.52 73.17 -35.37
CA PHE F 192 14.78 74.24 -34.76
C PHE F 192 14.06 73.73 -33.50
N LEU F 193 13.48 72.52 -33.56
CA LEU F 193 12.77 71.95 -32.42
C LEU F 193 13.75 71.68 -31.31
N LEU F 194 14.90 71.13 -31.69
CA LEU F 194 15.94 70.80 -30.74
C LEU F 194 16.53 72.04 -30.03
N ASN F 195 16.91 73.08 -30.76
CA ASN F 195 17.43 74.30 -30.08
C ASN F 195 16.41 75.07 -29.23
N THR F 196 15.18 75.18 -29.71
CA THR F 196 14.10 75.72 -28.90
C THR F 196 13.98 74.96 -27.58
N LEU F 197 13.89 73.63 -27.66
CA LEU F 197 13.86 72.85 -26.44
C LEU F 197 15.07 73.14 -25.51
N GLN F 198 16.28 73.11 -26.06
CA GLN F 198 17.52 73.25 -25.29
C GLN F 198 17.64 74.58 -24.54
N GLU F 199 17.27 75.67 -25.22
CA GLU F 199 17.31 77.00 -24.64
C GLU F 199 16.24 77.22 -23.60
N ASN F 200 14.98 76.98 -23.96
CA ASN F 200 13.86 77.07 -23.01
C ASN F 200 14.06 76.29 -21.71
N VAL F 201 14.58 75.07 -21.82
CA VAL F 201 14.94 74.30 -20.65
C VAL F 201 15.95 75.06 -19.79
N ASN F 202 17.12 75.37 -20.36
CA ASN F 202 18.15 76.16 -19.67
C ASN F 202 17.58 77.33 -18.87
N LYS F 203 16.80 78.18 -19.53
CA LYS F 203 16.20 79.37 -18.91
C LYS F 203 15.34 78.99 -17.70
N TYR F 204 14.56 77.94 -17.88
CA TYR F 204 13.78 77.41 -16.78
C TYR F 204 14.64 76.81 -15.72
N GLN F 205 15.75 76.18 -16.10
CA GLN F 205 16.69 75.59 -15.16
C GLN F 205 17.09 76.63 -14.12
N GLN F 206 17.74 77.69 -14.59
CA GLN F 206 18.27 78.74 -13.75
C GLN F 206 17.23 79.63 -13.05
N VAL F 207 16.00 79.69 -13.56
CA VAL F 207 14.97 80.55 -12.96
C VAL F 207 14.03 79.73 -12.04
N LYS F 208 14.21 78.40 -12.05
CA LYS F 208 13.28 77.41 -11.44
C LYS F 208 12.85 77.68 -9.99
N THR F 209 13.83 77.65 -9.08
CA THR F 209 13.63 77.81 -7.62
C THR F 209 13.76 79.29 -7.13
N ASP F 210 14.12 80.16 -8.08
CA ASP F 210 14.10 81.61 -7.92
C ASP F 210 12.65 82.12 -7.71
N THR F 211 12.19 82.14 -6.44
CA THR F 211 10.82 82.59 -6.04
C THR F 211 10.39 83.91 -6.68
N SER F 212 11.37 84.75 -7.05
CA SER F 212 11.14 86.11 -7.56
C SER F 212 11.00 86.25 -9.11
N GLN F 213 10.62 85.15 -9.79
CA GLN F 213 10.29 85.19 -11.23
C GLN F 213 9.43 84.00 -11.67
N GLU F 214 8.26 83.92 -11.04
CA GLU F 214 7.33 82.83 -11.25
C GLU F 214 6.72 82.86 -12.65
N SER F 215 6.34 84.05 -13.12
CA SER F 215 5.67 84.17 -14.42
C SER F 215 6.61 83.76 -15.54
N LYS F 216 7.91 84.08 -15.45
CA LYS F 216 8.84 83.70 -16.52
C LYS F 216 9.27 82.23 -16.46
N ALA F 217 9.34 81.68 -15.25
CA ALA F 217 9.67 80.27 -15.05
C ALA F 217 8.56 79.42 -15.64
N GLN F 218 7.36 79.66 -15.15
CA GLN F 218 6.16 79.06 -15.67
C GLN F 218 6.04 79.16 -17.21
N ALA F 219 6.54 80.22 -17.83
CA ALA F 219 6.40 80.38 -19.26
C ALA F 219 7.43 79.54 -20.03
N ASN F 220 8.73 79.69 -19.72
CA ASN F 220 9.81 78.94 -20.39
C ASN F 220 9.65 77.45 -20.28
N CYS F 221 8.92 77.07 -19.24
CA CYS F 221 8.56 75.70 -18.99
C CYS F 221 7.47 75.24 -19.93
N ARG F 222 6.40 76.03 -20.08
CA ARG F 222 5.30 75.68 -21.02
C ARG F 222 5.81 75.49 -22.46
N VAL F 223 6.92 76.13 -22.81
CA VAL F 223 7.47 75.97 -24.13
C VAL F 223 8.23 74.68 -24.19
N GLY F 224 8.92 74.32 -23.11
CA GLY F 224 9.66 73.04 -23.10
C GLY F 224 8.68 71.93 -23.43
N VAL F 225 7.61 71.91 -22.64
CA VAL F 225 6.55 70.95 -22.72
C VAL F 225 6.07 70.89 -24.17
N ALA F 226 5.71 72.05 -24.73
CA ALA F 226 5.14 72.09 -26.11
C ALA F 226 6.12 71.64 -27.21
N ALA F 227 7.41 71.99 -27.10
CA ALA F 227 8.43 71.41 -27.99
C ALA F 227 8.35 69.88 -27.96
N LEU F 228 8.22 69.32 -26.76
CA LEU F 228 8.38 67.92 -26.62
C LEU F 228 7.23 67.28 -27.31
N ASN F 229 6.04 67.57 -26.83
CA ASN F 229 4.84 67.20 -27.50
C ASN F 229 5.04 67.20 -28.98
N THR F 230 5.45 68.34 -29.53
CA THR F 230 5.65 68.42 -30.96
C THR F 230 6.72 67.45 -31.46
N LEU F 231 7.82 67.31 -30.75
CA LEU F 231 8.85 66.38 -31.17
C LEU F 231 8.28 64.97 -31.24
N ALA F 232 7.41 64.61 -30.28
CA ALA F 232 6.79 63.26 -30.25
C ALA F 232 6.13 62.89 -31.58
N GLY F 233 5.32 63.83 -32.12
CA GLY F 233 4.69 63.71 -33.44
C GLY F 233 5.59 63.79 -34.67
N TYR F 234 6.90 63.81 -34.51
CA TYR F 234 7.85 63.89 -35.65
C TYR F 234 8.94 62.85 -35.52
N ILE F 235 9.26 62.46 -34.28
CA ILE F 235 10.44 61.68 -33.97
C ILE F 235 10.50 60.23 -34.50
N ASP F 236 9.37 59.64 -34.88
CA ASP F 236 9.42 58.25 -35.33
C ASP F 236 9.50 58.06 -36.84
N TRP F 237 8.73 58.88 -37.57
CA TRP F 237 8.64 58.69 -38.98
C TRP F 237 9.67 59.51 -39.70
N VAL F 238 10.43 60.30 -38.96
CA VAL F 238 11.48 61.04 -39.61
C VAL F 238 12.62 60.11 -39.81
N SER F 239 13.43 60.39 -40.81
CA SER F 239 14.69 59.72 -40.88
C SER F 239 15.41 59.75 -39.52
N MET F 240 15.96 58.59 -39.19
CA MET F 240 16.75 58.35 -38.02
C MET F 240 17.99 59.22 -37.97
N SER F 241 18.47 59.66 -39.14
CA SER F 241 19.71 60.46 -39.23
C SER F 241 19.53 61.82 -38.57
N HIS F 242 18.27 62.20 -38.30
CA HIS F 242 17.97 63.43 -37.59
C HIS F 242 17.98 63.22 -36.06
N ILE F 243 17.69 61.99 -35.64
CA ILE F 243 17.65 61.68 -34.22
C ILE F 243 19.08 61.56 -33.77
N THR F 244 19.84 60.83 -34.57
CA THR F 244 21.23 60.54 -34.30
C THR F 244 22.16 61.68 -34.74
N ALA F 245 21.54 62.80 -35.16
CA ALA F 245 22.21 63.87 -35.90
C ALA F 245 23.48 64.42 -35.26
N GLU F 246 23.33 65.17 -34.16
CA GLU F 246 24.49 65.78 -33.53
C GLU F 246 25.06 64.87 -32.46
N ASN F 247 25.62 63.75 -32.88
CA ASN F 247 26.09 62.75 -31.94
C ASN F 247 24.99 62.39 -30.98
N CYS F 248 23.75 62.64 -31.40
CA CYS F 248 22.60 62.23 -30.65
C CYS F 248 22.29 63.23 -29.56
N LYS F 249 22.28 64.49 -29.90
CA LYS F 249 21.97 65.47 -28.88
C LYS F 249 20.54 65.31 -28.43
N LEU F 250 19.69 64.87 -29.36
CA LEU F 250 18.27 64.77 -29.08
C LEU F 250 18.07 63.76 -27.95
N LEU F 251 18.76 62.65 -28.05
CA LEU F 251 18.59 61.63 -27.05
C LEU F 251 19.19 62.09 -25.72
N GLU F 252 20.30 62.81 -25.81
CA GLU F 252 21.02 63.29 -24.66
C GLU F 252 20.15 64.20 -23.81
N ILE F 253 19.59 65.23 -24.42
CA ILE F 253 18.72 66.12 -23.69
C ILE F 253 17.50 65.41 -23.12
N LEU F 254 16.96 64.48 -23.90
CA LEU F 254 15.79 63.74 -23.47
C LEU F 254 16.04 62.99 -22.18
N CYS F 255 17.27 62.53 -21.98
CA CYS F 255 17.63 61.86 -20.73
C CYS F 255 17.76 62.85 -19.58
N LEU F 256 18.56 63.90 -19.81
CA LEU F 256 18.77 64.96 -18.86
C LEU F 256 17.44 65.53 -18.38
N LEU F 257 16.45 65.59 -19.26
CA LEU F 257 15.14 66.11 -18.86
C LEU F 257 14.33 65.12 -18.02
N LEU F 258 14.81 63.88 -17.93
CA LEU F 258 14.11 62.87 -17.13
C LEU F 258 14.13 63.22 -15.66
N ASN F 259 15.09 64.05 -15.27
CA ASN F 259 15.20 64.49 -13.88
C ASN F 259 14.51 65.84 -13.53
N GLU F 260 13.59 66.27 -14.40
CA GLU F 260 12.84 67.51 -14.16
C GLU F 260 11.30 67.38 -14.10
N GLN F 261 10.75 67.38 -12.89
CA GLN F 261 9.35 66.96 -12.66
C GLN F 261 8.40 67.53 -13.67
N GLU F 262 8.67 68.75 -14.11
CA GLU F 262 7.79 69.43 -15.04
C GLU F 262 7.93 69.03 -16.53
N LEU F 263 8.98 68.31 -16.87
CA LEU F 263 9.27 68.05 -18.25
C LEU F 263 9.46 66.57 -18.55
N GLN F 264 9.73 65.76 -17.54
CA GLN F 264 10.17 64.36 -17.78
C GLN F 264 9.20 63.40 -18.49
N LEU F 265 7.91 63.45 -18.15
CA LEU F 265 6.91 62.61 -18.79
C LEU F 265 6.92 62.81 -20.30
N GLY F 266 7.10 64.05 -20.74
CA GLY F 266 7.23 64.32 -22.16
C GLY F 266 8.52 63.77 -22.73
N ALA F 267 9.63 63.92 -22.01
CA ALA F 267 10.92 63.44 -22.50
C ALA F 267 10.94 61.91 -22.51
N ALA F 268 10.30 61.32 -21.50
CA ALA F 268 10.10 59.86 -21.48
C ALA F 268 9.29 59.40 -22.69
N GLU F 269 8.27 60.14 -23.04
CA GLU F 269 7.43 59.81 -24.17
C GLU F 269 8.17 59.97 -25.46
N CYS F 270 9.04 60.95 -25.54
CA CYS F 270 9.89 61.04 -26.71
C CYS F 270 10.87 59.88 -26.80
N LEU F 271 11.52 59.56 -25.68
CA LEU F 271 12.49 58.49 -25.69
C LEU F 271 11.85 57.18 -26.04
N LEU F 272 10.62 56.96 -25.56
CA LEU F 272 9.95 55.72 -25.86
C LEU F 272 9.74 55.58 -27.37
N ILE F 273 9.15 56.57 -28.03
CA ILE F 273 8.77 56.39 -29.43
C ILE F 273 9.99 56.26 -30.32
N ALA F 274 11.08 56.86 -29.84
CA ALA F 274 12.35 56.88 -30.57
C ALA F 274 12.98 55.50 -30.64
N VAL F 275 13.14 54.93 -29.44
CA VAL F 275 13.79 53.66 -29.14
C VAL F 275 12.84 52.48 -29.34
N SER F 276 11.58 52.80 -29.69
CA SER F 276 10.59 51.85 -30.09
C SER F 276 10.44 51.88 -31.60
N ARG F 277 11.49 52.29 -32.30
CA ARG F 277 11.41 52.33 -33.75
C ARG F 277 12.04 51.11 -34.30
N LYS F 278 11.73 50.79 -35.55
CA LYS F 278 12.18 49.56 -36.20
C LYS F 278 13.05 49.91 -37.43
N GLY F 279 12.77 49.24 -38.58
CA GLY F 279 13.46 49.48 -39.86
C GLY F 279 14.86 48.89 -40.01
N LYS F 280 15.61 49.37 -41.00
CA LYS F 280 16.99 48.94 -41.19
C LYS F 280 17.73 49.01 -39.87
N LEU F 281 18.31 47.89 -39.47
CA LEU F 281 19.00 47.84 -38.20
C LEU F 281 20.33 48.60 -38.21
N GLU F 282 20.96 48.72 -39.39
CA GLU F 282 22.25 49.41 -39.55
C GLU F 282 22.30 50.80 -38.93
N ASP F 283 21.16 51.51 -39.01
CA ASP F 283 21.01 52.88 -38.52
C ASP F 283 20.36 52.96 -37.13
N ARG F 284 20.16 51.80 -36.50
CA ARG F 284 19.62 51.73 -35.14
C ARG F 284 20.79 51.73 -34.21
N LYS F 285 21.88 51.18 -34.72
CA LYS F 285 23.15 51.13 -34.01
C LYS F 285 23.43 52.35 -33.14
N PRO F 286 23.17 53.57 -33.64
CA PRO F 286 23.46 54.73 -32.75
C PRO F 286 22.48 54.93 -31.60
N LEU F 287 21.47 54.07 -31.48
CA LEU F 287 20.58 54.09 -30.31
C LEU F 287 21.29 53.57 -29.07
N MET F 288 22.48 53.00 -29.26
CA MET F 288 23.25 52.39 -28.18
C MET F 288 23.87 53.43 -27.30
N VAL F 289 23.77 54.67 -27.73
CA VAL F 289 24.36 55.77 -26.98
C VAL F 289 23.68 55.91 -25.62
N LEU F 290 22.43 55.43 -25.57
CA LEU F 290 21.63 55.49 -24.36
C LEU F 290 22.27 54.64 -23.28
N PHE F 291 23.07 53.65 -23.71
CA PHE F 291 23.87 52.86 -22.77
C PHE F 291 25.09 53.63 -22.26
N GLY F 292 25.37 54.78 -22.88
CA GLY F 292 26.55 55.59 -22.59
C GLY F 292 26.61 55.98 -21.13
N ASP F 293 27.81 56.30 -20.66
CA ASP F 293 28.04 56.65 -19.25
C ASP F 293 27.18 57.78 -18.76
N VAL F 294 27.09 58.81 -19.59
CA VAL F 294 26.33 60.02 -19.27
C VAL F 294 24.82 59.74 -19.22
N ALA F 295 24.32 59.18 -20.32
CA ALA F 295 22.90 58.91 -20.50
C ALA F 295 22.40 57.99 -19.38
N MET F 296 23.11 56.89 -19.19
CA MET F 296 22.72 55.83 -18.25
C MET F 296 22.64 56.31 -16.81
N HIS F 297 23.31 57.41 -16.56
CA HIS F 297 23.32 58.00 -15.25
C HIS F 297 22.00 58.68 -14.94
N TYR F 298 21.44 59.35 -15.94
CA TYR F 298 20.20 60.05 -15.75
C TYR F 298 19.08 59.06 -15.81
N ILE F 299 19.29 58.03 -16.62
CA ILE F 299 18.31 56.98 -16.77
C ILE F 299 18.14 56.26 -15.43
N LEU F 300 19.26 55.83 -14.86
CA LEU F 300 19.24 55.09 -13.63
C LEU F 300 18.68 55.94 -12.48
N SER F 301 18.95 57.23 -12.53
CA SER F 301 18.60 58.14 -11.46
C SER F 301 17.08 58.36 -11.35
N ALA F 302 16.46 58.40 -12.51
CA ALA F 302 15.02 58.53 -12.62
C ALA F 302 14.33 57.21 -12.23
N ALA F 303 15.01 56.10 -12.50
CA ALA F 303 14.53 54.74 -12.20
C ALA F 303 14.74 54.33 -10.73
N GLN F 304 15.64 55.06 -10.07
CA GLN F 304 15.84 54.90 -8.66
C GLN F 304 14.71 55.60 -7.93
N THR F 305 14.22 56.72 -8.48
CA THR F 305 13.06 57.40 -7.87
C THR F 305 11.82 56.47 -7.92
N ALA F 306 12.01 55.30 -8.54
CA ALA F 306 11.08 54.15 -8.50
C ALA F 306 10.79 53.72 -7.04
N ASP F 307 10.25 54.67 -6.29
CA ASP F 307 10.21 54.61 -4.84
C ASP F 307 9.75 53.23 -4.29
N GLY F 308 8.47 52.88 -4.47
CA GLY F 308 7.83 51.80 -3.70
C GLY F 308 6.97 52.34 -2.53
N GLY F 309 7.51 53.29 -1.77
CA GLY F 309 6.81 53.85 -0.62
C GLY F 309 5.84 54.90 -1.08
N GLY F 310 4.76 54.49 -1.75
CA GLY F 310 3.57 55.34 -1.98
C GLY F 310 3.09 55.55 -3.40
N LEU F 311 1.79 55.35 -3.63
CA LEU F 311 1.19 55.76 -4.91
C LEU F 311 1.06 57.28 -5.01
N VAL F 312 2.04 57.88 -5.68
CA VAL F 312 1.98 59.26 -6.10
C VAL F 312 1.67 59.27 -7.61
N GLU F 313 0.41 59.60 -7.93
CA GLU F 313 -0.06 59.47 -9.29
C GLU F 313 0.93 60.00 -10.32
N LYS F 314 1.49 61.18 -10.08
CA LYS F 314 2.38 61.80 -11.06
C LYS F 314 3.54 60.84 -11.36
N HIS F 315 4.11 60.33 -10.29
CA HIS F 315 5.37 59.62 -10.34
C HIS F 315 5.16 58.27 -10.94
N TYR F 316 4.03 57.66 -10.57
CA TYR F 316 3.82 56.30 -10.98
C TYR F 316 3.61 56.24 -12.49
N VAL F 317 2.97 57.29 -13.01
CA VAL F 317 2.60 57.38 -14.43
C VAL F 317 3.85 57.66 -15.26
N PHE F 318 4.78 58.41 -14.67
CA PHE F 318 6.09 58.52 -15.26
C PHE F 318 6.78 57.18 -15.30
N LEU F 319 6.82 56.46 -14.15
CA LEU F 319 7.47 55.11 -14.08
C LEU F 319 6.92 54.12 -15.09
N LYS F 320 5.58 54.09 -15.26
CA LYS F 320 4.97 53.27 -16.29
C LYS F 320 5.62 53.59 -17.62
N ARG F 321 5.99 54.86 -17.83
CA ARG F 321 6.51 55.28 -19.14
C ARG F 321 7.99 54.92 -19.30
N LEU F 322 8.76 55.19 -18.24
CA LEU F 322 10.19 54.94 -18.18
C LEU F 322 10.50 53.49 -18.30
N CYS F 323 9.55 52.68 -17.82
CA CYS F 323 9.67 51.25 -17.89
C CYS F 323 9.58 50.81 -19.35
N GLN F 324 8.54 51.23 -20.05
CA GLN F 324 8.43 50.91 -21.45
C GLN F 324 9.67 51.33 -22.25
N VAL F 325 10.32 52.38 -21.80
CA VAL F 325 11.45 52.86 -22.51
C VAL F 325 12.55 51.83 -22.33
N LEU F 326 12.70 51.32 -21.11
CA LEU F 326 13.78 50.36 -20.81
C LEU F 326 13.50 49.00 -21.40
N CYS F 327 12.22 48.71 -21.61
CA CYS F 327 11.78 47.51 -22.27
C CYS F 327 12.12 47.56 -23.72
N ALA F 328 11.72 48.63 -24.39
CA ALA F 328 11.92 48.70 -25.82
C ALA F 328 13.44 48.81 -26.11
N LEU F 329 14.18 49.39 -25.17
CA LEU F 329 15.62 49.56 -25.31
C LEU F 329 16.35 48.25 -25.09
N GLY F 330 15.81 47.40 -24.22
CA GLY F 330 16.21 45.97 -24.18
C GLY F 330 15.95 45.24 -25.50
N ASN F 331 14.75 45.34 -26.03
CA ASN F 331 14.47 44.67 -27.27
C ASN F 331 15.33 45.15 -28.42
N GLN F 332 15.90 46.32 -28.22
CA GLN F 332 16.80 46.89 -29.20
C GLN F 332 18.15 46.17 -29.14
N LEU F 333 18.83 46.21 -27.99
CA LEU F 333 20.12 45.54 -27.88
C LEU F 333 19.98 44.12 -28.43
N CYS F 334 18.94 43.46 -27.94
CA CYS F 334 18.62 42.12 -28.38
C CYS F 334 18.61 41.92 -29.87
N ALA F 335 17.75 42.65 -30.57
CA ALA F 335 17.68 42.54 -32.02
C ALA F 335 18.99 42.96 -32.70
N LEU F 336 19.96 43.45 -31.93
CA LEU F 336 21.14 44.08 -32.51
C LEU F 336 22.46 43.39 -32.27
N LEU F 337 22.64 42.80 -31.09
CA LEU F 337 23.92 42.14 -30.76
C LEU F 337 24.06 40.84 -31.52
N GLY F 338 22.96 40.08 -31.50
CA GLY F 338 22.77 38.80 -32.22
C GLY F 338 22.69 38.93 -33.74
N ALA F 339 22.47 40.17 -34.22
CA ALA F 339 22.61 40.56 -35.66
C ALA F 339 24.07 40.87 -36.01
N ASP F 340 24.96 40.58 -35.04
CA ASP F 340 26.43 40.65 -35.17
C ASP F 340 26.92 41.93 -35.87
N SER F 341 26.07 42.97 -35.83
CA SER F 341 26.28 44.16 -36.62
C SER F 341 27.26 45.12 -35.93
N ASP F 342 28.43 44.60 -35.53
CA ASP F 342 29.55 45.38 -34.98
C ASP F 342 29.36 45.87 -33.53
N VAL F 343 28.12 46.05 -33.08
CA VAL F 343 27.81 46.57 -31.73
C VAL F 343 28.47 45.73 -30.62
N GLU F 344 29.47 46.29 -29.94
CA GLU F 344 30.11 45.58 -28.81
C GLU F 344 29.07 45.45 -27.71
N THR F 345 29.25 44.48 -26.80
CA THR F 345 28.40 44.41 -25.60
C THR F 345 28.59 45.65 -24.73
N PRO F 346 27.49 46.35 -24.43
CA PRO F 346 27.48 47.59 -23.66
C PRO F 346 28.16 47.41 -22.33
N SER F 347 28.82 48.46 -21.86
CA SER F 347 29.67 48.36 -20.69
C SER F 347 28.89 48.54 -19.39
N ASN F 348 27.85 49.36 -19.42
CA ASN F 348 26.99 49.49 -18.26
C ASN F 348 25.84 48.47 -18.39
N PHE F 349 26.11 47.34 -19.03
CA PHE F 349 25.07 46.32 -19.13
C PHE F 349 24.61 45.88 -17.74
N GLY F 350 25.56 45.79 -16.81
CA GLY F 350 25.24 45.53 -15.42
C GLY F 350 24.37 46.63 -14.80
N LYS F 351 24.59 47.85 -15.24
CA LYS F 351 23.77 48.94 -14.73
C LYS F 351 22.36 48.85 -15.29
N TYR F 352 22.24 48.47 -16.56
CA TYR F 352 20.93 48.34 -17.16
C TYR F 352 20.10 47.29 -16.43
N LEU F 353 20.74 46.14 -16.18
CA LEU F 353 20.13 45.03 -15.49
C LEU F 353 19.68 45.42 -14.10
N GLU F 354 20.59 45.96 -13.29
CA GLU F 354 20.26 46.36 -11.91
C GLU F 354 19.05 47.29 -11.89
N SER F 355 18.95 48.07 -12.96
CA SER F 355 17.96 49.09 -13.07
C SER F 355 16.69 48.42 -13.52
N PHE F 356 16.77 47.61 -14.58
CA PHE F 356 15.60 46.88 -15.05
C PHE F 356 14.99 45.98 -13.93
N LEU F 357 15.84 45.48 -13.04
CA LEU F 357 15.45 44.59 -11.97
C LEU F 357 14.60 45.32 -10.98
N ALA F 358 14.97 46.58 -10.70
CA ALA F 358 14.16 47.50 -9.91
C ALA F 358 12.68 47.37 -10.24
N PHE F 359 12.36 47.34 -11.53
CA PHE F 359 10.98 47.31 -12.01
C PHE F 359 10.33 45.93 -11.85
N THR F 360 11.17 44.89 -11.89
CA THR F 360 10.69 43.51 -11.85
C THR F 360 10.20 43.18 -10.46
N THR F 361 10.74 43.91 -9.48
CA THR F 361 10.46 43.69 -8.04
C THR F 361 9.51 44.72 -7.39
N HIS F 362 9.13 45.75 -8.14
CA HIS F 362 8.17 46.75 -7.71
C HIS F 362 6.71 46.24 -7.52
N PRO F 363 6.01 46.69 -6.48
CA PRO F 363 4.66 46.23 -6.17
C PRO F 363 3.68 46.18 -7.32
N SER F 364 3.82 47.06 -8.32
CA SER F 364 2.88 47.17 -9.42
C SER F 364 2.83 45.90 -10.21
N GLN F 365 1.66 45.31 -10.32
CA GLN F 365 1.54 44.18 -11.20
C GLN F 365 1.89 44.60 -12.58
N PHE F 366 1.46 45.79 -12.96
CA PHE F 366 1.69 46.23 -14.30
C PHE F 366 3.22 46.33 -14.58
N LEU F 367 3.93 47.10 -13.77
CA LEU F 367 5.32 47.23 -14.01
C LEU F 367 6.05 45.89 -14.13
N ARG F 368 5.72 44.95 -13.23
CA ARG F 368 6.39 43.64 -13.26
C ARG F 368 6.08 42.89 -14.57
N SER F 369 4.81 42.73 -14.87
CA SER F 369 4.42 42.03 -16.07
C SER F 369 5.10 42.52 -17.29
N SER F 370 5.38 43.82 -17.32
CA SER F 370 5.99 44.47 -18.48
C SER F 370 7.35 43.93 -18.77
N THR F 371 8.13 43.75 -17.71
CA THR F 371 9.53 43.46 -17.88
C THR F 371 9.75 42.11 -18.53
N GLN F 372 8.71 41.28 -18.45
CA GLN F 372 8.74 39.85 -18.85
C GLN F 372 9.31 39.63 -20.26
N MET F 373 8.71 40.26 -21.26
CA MET F 373 9.10 40.00 -22.61
C MET F 373 10.55 40.30 -22.88
N THR F 374 11.10 41.29 -22.20
CA THR F 374 12.47 41.68 -22.48
C THR F 374 13.42 40.66 -21.87
N TRP F 375 13.03 40.19 -20.69
CA TRP F 375 13.77 39.15 -19.97
C TRP F 375 13.79 37.90 -20.83
N GLY F 376 12.63 37.55 -21.36
CA GLY F 376 12.51 36.52 -22.39
C GLY F 376 13.53 36.71 -23.51
N ALA F 377 13.60 37.91 -24.09
CA ALA F 377 14.55 38.14 -25.17
C ALA F 377 15.98 38.08 -24.67
N LEU F 378 16.20 38.42 -23.43
CA LEU F 378 17.57 38.47 -22.96
C LEU F 378 18.07 37.10 -22.65
N PHE F 379 17.15 36.22 -22.27
CA PHE F 379 17.55 34.92 -21.75
C PHE F 379 17.83 33.92 -22.88
N ARG F 380 17.17 34.12 -24.02
CA ARG F 380 17.34 33.23 -25.15
C ARG F 380 18.35 33.86 -26.11
N HIS F 381 18.95 34.96 -25.71
CA HIS F 381 19.87 35.65 -26.60
C HIS F 381 21.25 35.13 -26.39
N GLU F 382 21.82 34.65 -27.48
CA GLU F 382 23.02 33.84 -27.44
C GLU F 382 24.27 34.50 -26.84
N ILE F 383 24.47 35.78 -27.12
CA ILE F 383 25.63 36.47 -26.56
C ILE F 383 25.34 36.87 -25.13
N LEU F 384 24.07 37.11 -24.84
CA LEU F 384 23.71 37.75 -23.58
C LEU F 384 23.44 36.70 -22.52
N SER F 385 22.74 35.65 -22.94
CA SER F 385 22.47 34.49 -22.09
C SER F 385 23.74 33.92 -21.48
N ARG F 386 24.86 34.12 -22.19
CA ARG F 386 26.15 33.64 -21.71
C ARG F 386 26.97 34.74 -21.02
N ASP F 387 26.45 35.96 -21.01
CA ASP F 387 27.19 37.07 -20.40
C ASP F 387 27.20 36.90 -18.87
N PRO F 388 28.41 36.66 -18.29
CA PRO F 388 28.59 36.58 -16.83
C PRO F 388 27.63 37.49 -16.01
N LEU F 389 27.52 38.76 -16.37
CA LEU F 389 26.68 39.71 -15.64
C LEU F 389 25.18 39.42 -15.68
N LEU F 390 24.73 38.66 -16.70
CA LEU F 390 23.39 38.09 -16.68
C LEU F 390 23.31 36.87 -15.78
N LEU F 391 24.29 36.00 -15.89
CA LEU F 391 24.29 34.81 -15.05
C LEU F 391 24.17 35.17 -13.57
N ALA F 392 24.96 36.16 -13.15
CA ALA F 392 25.00 36.60 -11.75
C ALA F 392 23.67 37.18 -11.23
N ILE F 393 22.76 37.51 -12.15
CA ILE F 393 21.56 38.28 -11.79
C ILE F 393 20.35 37.39 -11.59
N ILE F 394 20.45 36.16 -12.07
CA ILE F 394 19.34 35.18 -12.03
C ILE F 394 18.84 34.71 -10.60
N PRO F 395 19.78 34.54 -9.62
CA PRO F 395 19.34 34.34 -8.25
C PRO F 395 18.38 35.43 -7.85
N LYS F 396 18.79 36.69 -8.00
CA LYS F 396 17.91 37.85 -7.71
C LYS F 396 16.64 37.86 -8.60
N TYR F 397 16.75 37.39 -9.84
CA TYR F 397 15.62 37.38 -10.75
C TYR F 397 14.58 36.39 -10.29
N LEU F 398 15.03 35.18 -9.91
CA LEU F 398 14.14 34.08 -9.66
C LEU F 398 13.47 34.28 -8.33
N ARG F 399 14.22 34.98 -7.47
CA ARG F 399 13.70 35.34 -6.19
C ARG F 399 12.47 36.21 -6.36
N ALA F 400 12.52 37.13 -7.33
CA ALA F 400 11.38 38.01 -7.64
C ALA F 400 10.20 37.23 -8.19
N SER F 401 10.55 36.23 -8.98
CA SER F 401 9.56 35.49 -9.70
C SER F 401 8.68 34.70 -8.75
N MET F 402 9.27 34.37 -7.60
CA MET F 402 8.59 33.58 -6.61
C MET F 402 7.46 34.42 -6.08
N THR F 403 7.74 35.67 -5.73
CA THR F 403 6.69 36.54 -5.26
C THR F 403 5.67 36.87 -6.36
N ASN F 404 6.15 36.92 -7.61
CA ASN F 404 5.31 37.31 -8.70
C ASN F 404 4.36 36.20 -9.03
N LEU F 405 4.65 35.05 -8.46
CA LEU F 405 3.82 33.93 -8.72
C LEU F 405 2.55 33.97 -7.91
N VAL F 406 2.64 34.53 -6.72
CA VAL F 406 1.56 34.53 -5.76
C VAL F 406 0.45 35.45 -6.20
N LYS F 407 -0.79 34.96 -6.12
CA LYS F 407 -1.90 35.75 -6.55
C LYS F 407 -2.25 36.80 -5.49
N MET F 408 -1.63 37.96 -5.60
CA MET F 408 -1.95 39.04 -4.65
C MET F 408 -2.07 40.46 -5.24
N GLY F 409 -2.84 41.31 -4.55
CA GLY F 409 -3.05 42.69 -4.98
C GLY F 409 -4.35 42.94 -5.73
N PHE F 410 -5.44 42.35 -5.24
CA PHE F 410 -6.75 42.58 -5.84
C PHE F 410 -7.13 44.00 -5.53
N PRO F 411 -7.62 44.74 -6.54
CA PRO F 411 -8.19 46.05 -6.24
C PRO F 411 -9.07 46.04 -4.98
N SER F 412 -9.94 45.07 -4.84
CA SER F 412 -10.91 45.15 -3.77
C SER F 412 -10.35 44.87 -2.39
N LYS F 413 -9.05 44.74 -2.28
CA LYS F 413 -8.49 44.32 -1.00
C LYS F 413 -7.33 45.17 -0.61
N THR F 414 -6.94 44.98 0.61
CA THR F 414 -5.97 45.83 1.19
C THR F 414 -4.86 44.98 1.83
N ASP F 415 -4.77 43.70 1.42
CA ASP F 415 -3.80 42.75 1.93
C ASP F 415 -2.30 43.07 1.61
N SER F 416 -1.96 43.82 0.56
CA SER F 416 -0.54 44.08 0.25
C SER F 416 -0.24 45.36 -0.54
N PRO F 417 1.05 45.77 -0.59
CA PRO F 417 1.46 46.96 -1.38
C PRO F 417 1.16 46.88 -2.88
N SER F 418 0.81 45.71 -3.39
CA SER F 418 0.44 45.58 -4.79
C SER F 418 -0.99 46.03 -4.99
N CYS F 419 -1.71 46.31 -3.92
CA CYS F 419 -3.11 46.60 -4.05
C CYS F 419 -3.42 48.00 -4.57
N GLU F 420 -2.70 49.03 -4.14
CA GLU F 420 -3.09 50.39 -4.48
C GLU F 420 -2.76 50.55 -5.94
N TYR F 421 -1.71 49.89 -6.39
CA TYR F 421 -1.33 50.02 -7.78
C TYR F 421 -2.33 49.28 -8.62
N SER F 422 -2.92 48.26 -8.08
CA SER F 422 -3.82 47.49 -8.89
C SER F 422 -5.20 48.16 -8.97
N ARG F 423 -5.42 49.12 -8.07
CA ARG F 423 -6.61 49.94 -8.06
C ARG F 423 -6.50 51.06 -9.07
N PHE F 424 -5.28 51.53 -9.31
CA PHE F 424 -5.07 52.56 -10.28
C PHE F 424 -5.08 52.00 -11.75
N ASP F 425 -4.57 50.77 -11.93
CA ASP F 425 -4.49 50.13 -13.26
C ASP F 425 -5.75 49.27 -13.67
N PHE F 426 -6.71 48.98 -12.77
CA PHE F 426 -7.84 48.00 -13.02
C PHE F 426 -9.15 48.39 -12.38
N ASP F 427 -10.29 48.12 -13.00
CA ASP F 427 -11.55 48.60 -12.43
C ASP F 427 -12.19 47.67 -11.47
N SER F 428 -11.82 46.41 -11.55
CA SER F 428 -12.37 45.38 -10.66
C SER F 428 -11.37 44.29 -10.49
N ASP F 429 -11.76 43.31 -9.69
CA ASP F 429 -10.96 42.10 -9.52
C ASP F 429 -10.95 41.22 -10.77
N GLU F 430 -11.98 41.38 -11.59
CA GLU F 430 -12.10 40.62 -12.80
C GLU F 430 -11.05 41.11 -13.73
N ASP F 431 -10.90 42.42 -13.82
CA ASP F 431 -9.88 42.90 -14.72
C ASP F 431 -8.50 42.49 -14.21
N PHE F 432 -8.40 42.32 -12.89
CA PHE F 432 -7.14 42.02 -12.29
C PHE F 432 -6.78 40.60 -12.59
N ASN F 433 -7.67 39.67 -12.27
CA ASN F 433 -7.48 38.28 -12.64
C ASN F 433 -7.10 38.07 -14.10
N ALA F 434 -7.90 38.63 -14.99
CA ALA F 434 -7.67 38.50 -16.39
C ALA F 434 -6.21 38.89 -16.70
N PHE F 435 -5.74 39.98 -16.12
CA PHE F 435 -4.44 40.43 -16.47
C PHE F 435 -3.46 39.46 -15.84
N PHE F 436 -3.75 39.07 -14.60
CA PHE F 436 -2.82 38.28 -13.77
C PHE F 436 -2.59 36.89 -14.31
N ASN F 437 -3.70 36.23 -14.57
CA ASN F 437 -3.67 34.94 -15.15
C ASN F 437 -2.89 34.94 -16.47
N SER F 438 -3.30 35.82 -17.40
CA SER F 438 -2.67 35.84 -18.71
C SER F 438 -1.21 36.20 -18.61
N SER F 439 -0.89 37.07 -17.66
CA SER F 439 0.50 37.48 -17.45
C SER F 439 1.38 36.33 -16.99
N ARG F 440 0.87 35.50 -16.08
CA ARG F 440 1.62 34.34 -15.55
C ARG F 440 1.89 33.24 -16.60
N ALA F 441 0.93 33.03 -17.51
CA ALA F 441 1.15 32.24 -18.70
C ALA F 441 2.45 32.67 -19.42
N GLN F 442 2.61 33.96 -19.64
CA GLN F 442 3.79 34.52 -20.29
C GLN F 442 5.00 34.39 -19.34
N GLN F 443 4.73 34.57 -18.04
CA GLN F 443 5.74 34.50 -17.03
C GLN F 443 6.27 33.08 -17.01
N GLY F 444 5.37 32.11 -17.16
CA GLY F 444 5.72 30.68 -17.25
C GLY F 444 6.90 30.46 -18.18
N GLU F 445 6.71 30.73 -19.47
CA GLU F 445 7.77 30.50 -20.45
C GLU F 445 9.11 31.19 -20.19
N VAL F 446 9.08 32.34 -19.53
CA VAL F 446 10.26 33.17 -19.36
C VAL F 446 11.08 32.65 -18.20
N MET F 447 10.40 32.12 -17.22
CA MET F 447 11.03 31.54 -16.06
C MET F 447 11.84 30.26 -16.41
N ARG F 448 11.33 29.46 -17.36
CA ARG F 448 12.05 28.30 -17.87
C ARG F 448 13.40 28.74 -18.41
N LEU F 449 13.41 29.73 -19.27
CA LEU F 449 14.66 30.17 -19.85
C LEU F 449 15.70 30.56 -18.80
N ALA F 450 15.19 31.04 -17.67
CA ALA F 450 16.02 31.53 -16.59
C ALA F 450 16.69 30.33 -15.96
N CYS F 451 15.88 29.33 -15.60
CA CYS F 451 16.40 28.09 -15.05
C CYS F 451 17.34 27.33 -15.99
N ARG F 452 17.04 27.37 -17.27
CA ARG F 452 17.83 26.71 -18.27
C ARG F 452 19.22 27.28 -18.15
N LEU F 453 19.30 28.54 -17.76
CA LEU F 453 20.61 29.17 -17.68
C LEU F 453 21.30 28.94 -16.35
N ASP F 454 20.53 28.77 -15.28
CA ASP F 454 21.09 28.50 -13.94
C ASP F 454 20.34 27.36 -13.26
N PRO F 455 20.77 26.10 -13.47
CA PRO F 455 19.98 24.98 -12.98
C PRO F 455 20.28 24.51 -11.53
N LYS F 456 21.37 24.96 -10.92
CA LYS F 456 21.64 24.60 -9.53
C LYS F 456 20.82 25.42 -8.56
N THR F 457 20.93 26.74 -8.71
CA THR F 457 20.21 27.69 -7.87
C THR F 457 18.70 27.50 -7.91
N SER F 458 18.15 27.36 -9.11
CA SER F 458 16.70 27.27 -9.30
C SER F 458 16.06 26.11 -8.55
N PHE F 459 16.76 24.99 -8.59
CA PHE F 459 16.38 23.82 -7.82
C PHE F 459 16.43 24.08 -6.31
N GLN F 460 17.56 24.55 -5.81
CA GLN F 460 17.72 24.79 -4.38
C GLN F 460 16.64 25.72 -3.78
N MET F 461 16.25 26.74 -4.55
CA MET F 461 15.23 27.70 -4.16
C MET F 461 13.85 27.10 -4.24
N ALA F 462 13.54 26.36 -5.31
CA ALA F 462 12.26 25.63 -5.40
C ALA F 462 12.19 24.58 -4.28
N GLY F 463 13.36 24.07 -3.92
CA GLY F 463 13.53 23.08 -2.85
C GLY F 463 13.23 23.69 -1.52
N GLU F 464 13.77 24.87 -1.28
CA GLU F 464 13.58 25.52 0.01
C GLU F 464 12.20 26.06 0.18
N TRP F 465 11.53 26.39 -0.92
CA TRP F 465 10.15 26.83 -0.83
C TRP F 465 9.24 25.68 -0.38
N LEU F 466 9.44 24.50 -0.96
CA LEU F 466 8.72 23.28 -0.58
C LEU F 466 8.89 22.97 0.91
N LYS F 467 10.14 22.86 1.35
CA LYS F 467 10.43 22.53 2.73
C LYS F 467 9.65 23.48 3.60
N TYR F 468 9.59 24.75 3.17
CA TYR F 468 8.90 25.78 3.92
C TYR F 468 7.41 25.55 3.95
N GLN F 469 6.80 25.36 2.80
CA GLN F 469 5.37 25.21 2.75
C GLN F 469 4.89 24.06 3.61
N LEU F 470 5.71 23.01 3.71
CA LEU F 470 5.31 21.74 4.34
C LEU F 470 5.10 21.80 5.83
N SER F 471 5.53 22.88 6.46
CA SER F 471 5.36 23.07 7.90
C SER F 471 4.88 24.48 8.30
N THR F 472 3.77 24.99 7.74
CA THR F 472 3.21 26.32 8.12
C THR F 472 1.66 26.32 8.18
N PHE F 473 1.05 27.46 8.54
CA PHE F 473 -0.43 27.66 8.53
C PHE F 473 -1.22 26.40 8.98
N SER F 491 -17.07 23.94 4.74
CA SER F 491 -16.20 25.08 4.41
C SER F 491 -15.49 25.65 5.68
N LEU F 492 -14.98 24.76 6.53
CA LEU F 492 -14.23 25.18 7.72
C LEU F 492 -12.74 24.73 7.58
N CYS F 493 -12.30 24.50 6.32
CA CYS F 493 -10.86 24.35 6.00
C CYS F 493 -10.26 25.42 5.03
N SER F 494 -10.28 25.21 3.71
CA SER F 494 -9.57 26.13 2.77
C SER F 494 -10.39 26.42 1.51
N VAL F 495 -10.17 27.57 0.88
CA VAL F 495 -10.70 27.78 -0.49
C VAL F 495 -9.75 28.67 -1.25
N PHE F 496 -9.41 29.80 -0.64
CA PHE F 496 -8.37 30.72 -1.13
C PHE F 496 -7.79 31.51 0.03
N SER F 497 -7.61 30.78 1.13
CA SER F 497 -6.88 31.25 2.26
C SER F 497 -5.46 31.56 1.79
N PRO F 498 -4.76 32.48 2.47
CA PRO F 498 -3.34 32.77 2.19
C PRO F 498 -2.45 31.53 2.09
N SER F 499 -2.86 30.44 2.72
CA SER F 499 -2.14 29.17 2.58
C SER F 499 -2.29 28.59 1.15
N PHE F 500 -3.53 28.44 0.68
CA PHE F 500 -3.77 27.83 -0.63
C PHE F 500 -3.13 28.61 -1.79
N VAL F 501 -3.15 29.92 -1.69
CA VAL F 501 -2.57 30.80 -2.68
C VAL F 501 -1.03 30.64 -2.67
N GLN F 502 -0.50 30.42 -1.47
CA GLN F 502 0.92 30.27 -1.28
C GLN F 502 1.34 28.85 -1.73
N TRP F 503 0.41 27.90 -1.62
CA TRP F 503 0.68 26.54 -2.04
C TRP F 503 0.69 26.42 -3.56
N GLU F 504 -0.29 27.05 -4.21
CA GLU F 504 -0.40 27.04 -5.66
C GLU F 504 0.79 27.73 -6.31
N ALA F 505 1.29 28.77 -5.69
CA ALA F 505 2.40 29.51 -6.23
C ALA F 505 3.70 28.71 -6.11
N MET F 506 3.82 28.02 -4.99
CA MET F 506 4.99 27.20 -4.74
C MET F 506 4.97 25.99 -5.66
N THR F 507 3.83 25.31 -5.76
CA THR F 507 3.65 24.16 -6.65
C THR F 507 4.13 24.52 -8.03
N LEU F 508 3.53 25.59 -8.53
CA LEU F 508 3.79 26.06 -9.86
C LEU F 508 5.25 26.35 -10.11
N PHE F 509 5.94 26.97 -9.17
CA PHE F 509 7.40 27.23 -9.33
C PHE F 509 8.19 25.95 -9.42
N LEU F 510 7.96 25.04 -8.48
CA LEU F 510 8.66 23.76 -8.46
C LEU F 510 8.46 23.00 -9.74
N GLU F 511 7.20 22.76 -10.11
CA GLU F 511 6.87 21.96 -11.26
C GLU F 511 7.54 22.52 -12.45
N SER F 512 7.69 23.82 -12.46
CA SER F 512 8.39 24.46 -13.55
C SER F 512 9.89 24.23 -13.48
N VAL F 513 10.44 24.32 -12.28
CA VAL F 513 11.87 24.14 -12.12
C VAL F 513 12.36 22.73 -12.40
N ILE F 514 11.58 21.72 -11.99
CA ILE F 514 11.96 20.29 -12.18
C ILE F 514 11.88 19.85 -13.65
N THR F 515 10.83 20.20 -14.35
CA THR F 515 10.73 19.80 -15.75
C THR F 515 11.84 20.43 -16.57
N GLN F 516 12.14 21.66 -16.23
CA GLN F 516 13.25 22.34 -16.86
C GLN F 516 14.58 21.67 -16.54
N MET F 517 14.72 21.25 -15.28
CA MET F 517 15.98 20.65 -14.84
C MET F 517 16.29 19.31 -15.50
N PHE F 518 15.24 18.59 -15.87
CA PHE F 518 15.38 17.30 -16.51
C PHE F 518 15.45 17.46 -18.01
N ARG F 519 16.02 18.57 -18.46
CA ARG F 519 16.27 18.76 -19.89
C ARG F 519 17.62 19.34 -20.07
N THR F 520 17.98 20.24 -19.17
CA THR F 520 19.26 20.90 -19.28
C THR F 520 20.34 20.14 -18.57
N LEU F 521 20.16 19.89 -17.26
CA LEU F 521 21.15 19.12 -16.53
C LEU F 521 21.15 17.79 -17.22
N ASN F 522 22.37 17.34 -17.44
CA ASN F 522 22.63 16.06 -18.06
C ASN F 522 22.40 15.00 -17.02
N ARG F 523 21.88 13.87 -17.46
CA ARG F 523 21.68 12.73 -16.62
C ARG F 523 22.55 12.69 -15.33
N GLU F 524 23.83 13.07 -15.45
CA GLU F 524 24.81 13.01 -14.33
C GLU F 524 24.88 14.24 -13.42
N GLU F 525 24.41 15.37 -13.92
CA GLU F 525 24.31 16.57 -13.12
C GLU F 525 23.13 16.52 -12.18
N ILE F 526 22.01 15.89 -12.56
CA ILE F 526 20.79 15.79 -11.72
C ILE F 526 21.18 15.50 -10.27
N PRO F 527 20.61 16.25 -9.30
CA PRO F 527 21.01 16.04 -7.90
C PRO F 527 20.01 15.12 -7.20
N VAL F 528 20.30 13.81 -7.29
CA VAL F 528 19.44 12.69 -6.90
C VAL F 528 19.09 12.57 -5.41
N ASN F 529 20.01 12.89 -4.52
CA ASN F 529 19.68 12.70 -3.11
C ASN F 529 18.69 13.74 -2.68
N ASP F 530 18.95 14.99 -3.08
CA ASP F 530 18.07 16.09 -2.69
C ASP F 530 16.69 15.94 -3.32
N GLY F 531 16.68 15.35 -4.51
CA GLY F 531 15.46 14.97 -5.17
C GLY F 531 14.56 14.05 -4.37
N ILE F 532 15.13 12.96 -3.84
CA ILE F 532 14.38 11.96 -3.07
C ILE F 532 14.10 12.47 -1.64
N GLU F 533 15.00 13.33 -1.18
CA GLU F 533 14.75 14.03 0.05
C GLU F 533 13.37 14.68 0.04
N LEU F 534 13.13 15.50 -0.99
CA LEU F 534 11.91 16.29 -1.12
C LEU F 534 10.72 15.39 -1.47
N LEU F 535 10.98 14.41 -2.30
CA LEU F 535 9.97 13.49 -2.70
C LEU F 535 9.41 12.81 -1.45
N GLN F 536 10.29 12.52 -0.49
CA GLN F 536 9.83 11.73 0.65
C GLN F 536 8.93 12.59 1.44
N MET F 537 9.42 13.83 1.65
CA MET F 537 8.67 14.83 2.40
C MET F 537 7.28 15.07 1.88
N VAL F 538 7.14 15.11 0.57
CA VAL F 538 5.85 15.32 -0.04
C VAL F 538 5.00 14.09 0.22
N LEU F 539 5.64 12.94 0.13
CA LEU F 539 4.90 11.72 0.22
C LEU F 539 4.34 11.60 1.64
N ASN F 540 5.19 11.95 2.60
CA ASN F 540 4.89 11.81 4.04
C ASN F 540 3.92 12.85 4.62
N PHE F 541 3.43 13.78 3.81
CA PHE F 541 2.59 14.89 4.32
C PHE F 541 1.06 14.58 4.26
N ASP F 542 0.34 14.60 5.39
CA ASP F 542 -1.12 14.36 5.33
C ASP F 542 -2.03 15.62 5.27
N THR F 543 -3.11 15.59 4.50
CA THR F 543 -4.11 16.63 4.62
C THR F 543 -5.43 16.00 4.30
N LYS F 544 -6.46 16.43 5.01
CA LYS F 544 -7.80 16.05 4.66
C LYS F 544 -8.34 17.28 3.89
N ASP F 545 -7.43 18.21 3.55
CA ASP F 545 -7.84 19.37 2.74
C ASP F 545 -7.77 19.18 1.23
N PRO F 546 -8.95 19.07 0.60
CA PRO F 546 -8.91 18.73 -0.81
C PRO F 546 -7.99 19.67 -1.61
N LEU F 547 -8.12 20.97 -1.40
CA LEU F 547 -7.33 21.89 -2.22
C LEU F 547 -5.85 21.79 -1.93
N ILE F 548 -5.46 21.56 -0.69
CA ILE F 548 -4.04 21.37 -0.41
C ILE F 548 -3.52 20.00 -0.92
N LEU F 549 -4.36 18.99 -0.87
CA LEU F 549 -3.94 17.69 -1.21
C LEU F 549 -3.61 17.72 -2.68
N SER F 550 -4.45 18.45 -3.40
CA SER F 550 -4.34 18.61 -4.83
C SER F 550 -2.99 19.19 -5.28
N CYS F 551 -2.44 20.10 -4.51
CA CYS F 551 -1.09 20.60 -4.72
C CYS F 551 -0.01 19.56 -4.44
N VAL F 552 -0.23 18.81 -3.36
CA VAL F 552 0.60 17.68 -2.98
C VAL F 552 0.68 16.67 -4.15
N LEU F 553 -0.46 16.20 -4.66
CA LEU F 553 -0.44 15.28 -5.74
C LEU F 553 0.40 15.78 -6.93
N THR F 554 0.35 17.11 -7.15
CA THR F 554 1.02 17.75 -8.28
C THR F 554 2.49 17.80 -7.97
N ASN F 555 2.83 18.00 -6.72
CA ASN F 555 4.24 18.05 -6.34
C ASN F 555 4.82 16.64 -6.44
N VAL F 556 3.93 15.65 -6.34
CA VAL F 556 4.39 14.29 -6.45
C VAL F 556 4.76 14.04 -7.88
N SER F 557 3.83 14.29 -8.81
CA SER F 557 4.10 14.12 -10.25
C SER F 557 5.28 14.91 -10.72
N ALA F 558 5.43 16.11 -10.22
CA ALA F 558 6.60 16.88 -10.57
C ALA F 558 7.86 16.17 -10.15
N LEU F 559 7.87 15.65 -8.91
CA LEU F 559 9.12 15.03 -8.41
C LEU F 559 9.27 13.53 -8.86
N PHE F 560 8.28 13.04 -9.61
CA PHE F 560 8.23 11.62 -9.85
C PHE F 560 9.41 11.11 -10.73
N PRO F 561 9.92 11.96 -11.62
CA PRO F 561 11.17 11.77 -12.39
C PRO F 561 12.34 11.26 -11.52
N PHE F 562 12.37 11.65 -10.27
CA PHE F 562 13.37 11.09 -9.38
C PHE F 562 13.33 9.56 -9.05
N VAL F 563 12.22 8.89 -9.29
CA VAL F 563 12.07 7.50 -8.89
C VAL F 563 12.99 6.61 -9.73
N THR F 564 13.40 7.11 -10.89
CA THR F 564 14.08 6.29 -11.92
C THR F 564 15.44 5.93 -11.36
N TYR F 565 15.88 6.76 -10.42
CA TYR F 565 17.09 6.50 -9.68
C TYR F 565 16.96 5.56 -8.48
N ARG F 566 15.84 5.66 -7.79
CA ARG F 566 15.63 4.90 -6.62
C ARG F 566 14.28 4.27 -6.84
N PRO F 567 14.23 3.21 -7.66
CA PRO F 567 12.89 2.65 -7.90
C PRO F 567 12.14 2.12 -6.70
N GLU F 568 12.80 2.04 -5.54
CA GLU F 568 12.17 1.68 -4.26
C GLU F 568 10.92 2.50 -3.95
N PHE F 569 10.82 3.73 -4.46
CA PHE F 569 9.80 4.63 -4.00
C PHE F 569 8.49 4.48 -4.69
N LEU F 570 8.43 3.61 -5.66
CA LEU F 570 7.19 3.49 -6.38
C LEU F 570 5.98 3.06 -5.58
N PRO F 571 6.11 2.02 -4.74
CA PRO F 571 4.94 1.65 -3.91
C PRO F 571 4.43 2.85 -3.09
N GLN F 572 5.33 3.64 -2.50
CA GLN F 572 4.93 4.77 -1.66
C GLN F 572 4.12 5.73 -2.52
N VAL F 573 4.61 5.95 -3.74
CA VAL F 573 3.99 6.82 -4.69
C VAL F 573 2.62 6.30 -5.04
N PHE F 574 2.44 5.03 -5.37
CA PHE F 574 1.09 4.55 -5.67
C PHE F 574 0.18 4.61 -4.46
N SER F 575 0.79 4.48 -3.28
CA SER F 575 0.08 4.56 -2.03
C SER F 575 -0.61 5.90 -1.99
N LYS F 576 0.24 6.92 -2.06
CA LYS F 576 -0.18 8.28 -2.01
C LYS F 576 -1.29 8.57 -3.03
N LEU F 577 -1.26 7.93 -4.21
CA LEU F 577 -2.14 8.35 -5.28
C LEU F 577 -3.47 7.66 -5.16
N PHE F 578 -3.41 6.38 -4.83
CA PHE F 578 -4.58 5.52 -4.71
C PHE F 578 -5.38 5.83 -3.44
N SER F 579 -4.70 6.29 -2.38
CA SER F 579 -5.49 6.67 -1.23
C SER F 579 -6.33 7.88 -1.61
N SER F 580 -5.73 8.86 -2.30
CA SER F 580 -6.53 9.98 -2.94
C SER F 580 -7.58 9.65 -3.94
N VAL F 581 -7.56 8.46 -4.47
CA VAL F 581 -8.57 8.13 -5.40
C VAL F 581 -9.88 7.85 -4.65
N THR F 582 -9.78 7.29 -3.43
CA THR F 582 -10.86 6.50 -2.85
C THR F 582 -11.89 7.37 -2.22
N PHE F 583 -11.43 8.27 -1.35
CA PHE F 583 -12.38 9.22 -0.86
C PHE F 583 -11.67 10.49 -0.54
N GLU F 584 -12.48 11.40 0.03
CA GLU F 584 -11.96 12.38 0.97
C GLU F 584 -12.93 12.49 2.21
N THR F 585 -12.67 11.76 3.30
CA THR F 585 -13.71 11.54 4.40
C THR F 585 -14.58 12.79 4.87
N VAL F 586 -14.43 13.92 4.13
CA VAL F 586 -15.30 15.05 4.38
C VAL F 586 -16.68 14.54 4.99
N GLU F 587 -17.28 13.49 4.37
CA GLU F 587 -18.54 12.86 4.85
C GLU F 587 -19.19 11.99 3.76
N GLU F 588 -20.03 11.04 4.18
CA GLU F 588 -20.47 9.94 3.33
C GLU F 588 -21.81 10.18 2.62
N SER F 589 -22.82 9.38 3.00
CA SER F 589 -24.22 9.58 2.60
C SER F 589 -24.88 10.58 3.52
N LYS F 590 -24.16 10.97 4.58
CA LYS F 590 -24.51 12.06 5.48
C LYS F 590 -24.65 13.43 4.75
N ALA F 591 -23.58 13.86 4.08
CA ALA F 591 -23.62 15.02 3.17
C ALA F 591 -23.02 14.62 1.81
N PRO F 592 -23.42 15.32 0.71
CA PRO F 592 -22.93 14.93 -0.64
C PRO F 592 -21.49 15.43 -0.99
N ARG F 593 -20.76 14.60 -1.75
CA ARG F 593 -19.34 14.84 -2.04
C ARG F 593 -19.20 16.18 -2.66
N THR F 594 -18.30 17.00 -2.10
CA THR F 594 -18.09 18.35 -2.64
C THR F 594 -17.53 18.36 -4.06
N ARG F 595 -17.06 19.49 -4.54
CA ARG F 595 -16.50 19.45 -5.86
C ARG F 595 -15.01 19.29 -5.80
N ALA F 596 -14.32 20.11 -5.01
CA ALA F 596 -12.88 19.93 -4.77
C ALA F 596 -12.51 18.52 -4.32
N VAL F 597 -13.47 17.80 -3.75
CA VAL F 597 -13.29 16.39 -3.42
C VAL F 597 -13.26 15.56 -4.71
N ARG F 598 -14.36 15.56 -5.48
CA ARG F 598 -14.36 14.85 -6.74
C ARG F 598 -13.35 15.44 -7.77
N ASN F 599 -12.80 16.60 -7.52
CA ASN F 599 -11.68 17.04 -8.33
C ASN F 599 -10.39 16.30 -8.02
N VAL F 600 -9.93 16.32 -6.75
CA VAL F 600 -8.69 15.60 -6.36
C VAL F 600 -8.72 14.10 -6.68
N ARG F 601 -9.92 13.51 -6.67
CA ARG F 601 -10.02 12.11 -6.98
C ARG F 601 -9.63 11.99 -8.42
N ARG F 602 -10.38 12.72 -9.25
CA ARG F 602 -10.10 12.66 -10.68
C ARG F 602 -8.61 12.99 -10.96
N HIS F 603 -8.06 13.99 -10.26
CA HIS F 603 -6.65 14.39 -10.40
C HIS F 603 -5.66 13.28 -10.10
N ALA F 604 -5.92 12.50 -9.06
CA ALA F 604 -5.06 11.40 -8.71
C ALA F 604 -5.18 10.27 -9.73
N CYS F 605 -6.41 9.93 -10.15
CA CYS F 605 -6.65 9.01 -11.23
C CYS F 605 -5.92 9.41 -12.50
N SER F 606 -5.96 10.69 -12.84
CA SER F 606 -5.19 11.25 -13.94
C SER F 606 -3.73 11.01 -13.72
N SER F 607 -3.22 11.32 -12.52
CA SER F 607 -1.79 11.07 -12.23
C SER F 607 -1.39 9.57 -12.41
N ILE F 608 -2.38 8.70 -12.23
CA ILE F 608 -2.09 7.30 -12.31
C ILE F 608 -1.78 6.92 -13.77
N ILE F 609 -2.51 7.51 -14.71
CA ILE F 609 -2.38 7.23 -16.13
C ILE F 609 -1.14 7.92 -16.69
N LYS F 610 -0.92 9.16 -16.33
CA LYS F 610 0.17 9.88 -16.89
C LYS F 610 1.39 9.16 -16.39
N MET F 611 1.31 8.60 -15.21
CA MET F 611 2.50 8.01 -14.67
C MET F 611 2.80 6.71 -15.44
N CYS F 612 1.74 5.96 -15.70
CA CYS F 612 1.80 4.67 -16.31
C CYS F 612 2.15 4.76 -17.73
N ARG F 613 1.44 5.63 -18.46
CA ARG F 613 1.76 5.99 -19.85
C ARG F 613 3.21 6.51 -20.07
N ASP F 614 3.66 7.48 -19.30
CA ASP F 614 4.98 8.03 -19.51
C ASP F 614 6.09 7.21 -18.92
N TYR F 615 5.83 6.36 -17.93
CA TYR F 615 6.96 5.70 -17.29
C TYR F 615 6.71 4.22 -17.10
N PRO F 616 6.49 3.47 -18.18
CA PRO F 616 6.04 2.12 -17.90
C PRO F 616 7.15 1.18 -17.45
N GLN F 617 8.39 1.61 -17.64
CA GLN F 617 9.59 0.85 -17.20
C GLN F 617 9.69 0.80 -15.70
N LEU F 618 9.25 1.88 -15.06
CA LEU F 618 9.18 1.97 -13.62
C LEU F 618 8.04 1.08 -13.06
N VAL F 619 6.90 1.00 -13.75
CA VAL F 619 5.77 0.41 -13.05
C VAL F 619 5.59 -1.04 -13.38
N LEU F 620 6.33 -1.52 -14.38
CA LEU F 620 5.97 -2.84 -14.92
C LEU F 620 6.41 -3.88 -13.93
N PRO F 621 7.55 -3.67 -13.29
CA PRO F 621 7.94 -4.55 -12.22
C PRO F 621 6.90 -4.62 -11.10
N ASN F 622 6.20 -3.53 -10.83
CA ASN F 622 5.25 -3.50 -9.71
C ASN F 622 3.79 -3.87 -10.13
N PHE F 623 3.67 -4.58 -11.25
CA PHE F 623 2.41 -4.73 -11.96
C PHE F 623 1.37 -5.61 -11.24
N ASP F 624 1.82 -6.67 -10.58
CA ASP F 624 0.94 -7.53 -9.82
C ASP F 624 0.27 -6.78 -8.70
N MET F 625 1.04 -5.88 -8.07
CA MET F 625 0.61 -5.03 -6.97
C MET F 625 -0.50 -4.08 -7.40
N LEU F 626 -0.30 -3.40 -8.53
CA LEU F 626 -1.26 -2.44 -9.04
C LEU F 626 -2.48 -3.17 -9.45
N TYR F 627 -2.26 -4.31 -10.08
CA TYR F 627 -3.35 -5.05 -10.63
C TYR F 627 -4.25 -5.44 -9.45
N ASN F 628 -3.62 -5.90 -8.38
CA ASN F 628 -4.38 -6.44 -7.29
C ASN F 628 -5.10 -5.33 -6.57
N HIS F 629 -4.40 -4.22 -6.44
CA HIS F 629 -5.05 -3.11 -5.85
C HIS F 629 -6.35 -2.66 -6.55
N VAL F 630 -6.27 -2.41 -7.86
CA VAL F 630 -7.38 -1.98 -8.69
C VAL F 630 -8.48 -3.06 -8.70
N LYS F 631 -8.07 -4.33 -8.65
CA LYS F 631 -9.06 -5.36 -8.74
C LYS F 631 -9.91 -5.27 -7.50
N GLN F 632 -9.27 -5.00 -6.34
CA GLN F 632 -9.95 -4.88 -5.04
C GLN F 632 -10.88 -3.68 -5.10
N LEU F 633 -10.37 -2.56 -5.60
CA LEU F 633 -11.14 -1.33 -5.68
C LEU F 633 -12.45 -1.51 -6.45
N LEU F 634 -12.43 -2.34 -7.49
CA LEU F 634 -13.55 -2.55 -8.35
C LEU F 634 -14.44 -3.69 -7.83
N SER F 635 -13.94 -4.43 -6.81
CA SER F 635 -14.69 -5.55 -6.19
C SER F 635 -15.98 -5.10 -5.64
N ASN F 636 -15.87 -4.04 -4.84
CA ASN F 636 -17.02 -3.38 -4.31
C ASN F 636 -17.45 -2.37 -5.29
N GLU F 637 -18.63 -2.70 -5.81
CA GLU F 637 -19.09 -2.25 -7.11
C GLU F 637 -19.60 -0.86 -7.07
N LEU F 638 -19.59 -0.27 -5.87
CA LEU F 638 -20.23 1.02 -5.64
C LEU F 638 -19.31 1.96 -5.10
N LEU F 639 -18.12 1.44 -4.74
CA LEU F 639 -17.04 2.27 -4.19
C LEU F 639 -16.74 3.46 -5.11
N LEU F 640 -16.41 3.22 -6.37
CA LEU F 640 -16.02 4.34 -7.24
C LEU F 640 -17.04 4.65 -8.35
N THR F 641 -16.83 5.82 -8.94
CA THR F 641 -17.52 6.28 -10.13
C THR F 641 -17.11 5.45 -11.33
N GLN F 642 -17.99 5.29 -12.34
CA GLN F 642 -17.58 4.70 -13.65
C GLN F 642 -16.36 5.37 -14.36
N MET F 643 -16.22 6.66 -14.18
CA MET F 643 -15.16 7.37 -14.79
C MET F 643 -13.88 7.05 -14.06
N GLU F 644 -14.00 6.86 -12.74
CA GLU F 644 -12.84 6.57 -11.89
C GLU F 644 -12.45 5.13 -12.14
N LYS F 645 -13.44 4.24 -12.24
CA LYS F 645 -13.14 2.84 -12.43
C LYS F 645 -12.32 2.76 -13.67
N CYS F 646 -12.85 3.37 -14.73
CA CYS F 646 -12.22 3.29 -16.04
C CYS F 646 -10.90 3.93 -16.17
N ALA F 647 -10.64 5.06 -15.53
CA ALA F 647 -9.29 5.61 -15.54
C ALA F 647 -8.30 4.56 -15.12
N LEU F 648 -8.60 3.84 -14.06
CA LEU F 648 -7.69 2.84 -13.53
C LEU F 648 -7.51 1.67 -14.48
N MET F 649 -8.60 1.22 -15.09
CA MET F 649 -8.50 0.18 -16.12
C MET F 649 -7.65 0.50 -17.31
N GLU F 650 -7.81 1.72 -17.79
CA GLU F 650 -6.91 2.29 -18.75
C GLU F 650 -5.45 2.28 -18.29
N ALA F 651 -5.22 2.52 -17.01
CA ALA F 651 -3.87 2.62 -16.53
C ALA F 651 -3.31 1.23 -16.52
N LEU F 652 -4.20 0.26 -16.39
CA LEU F 652 -3.74 -1.12 -16.26
C LEU F 652 -3.38 -1.59 -17.65
N VAL F 653 -4.19 -1.17 -18.61
CA VAL F 653 -3.91 -1.48 -20.00
C VAL F 653 -2.54 -0.96 -20.44
N LEU F 654 -2.23 0.29 -20.11
CA LEU F 654 -0.98 0.90 -20.48
C LEU F 654 0.29 0.16 -19.97
N ILE F 655 0.18 -0.55 -18.86
CA ILE F 655 1.34 -1.25 -18.35
C ILE F 655 1.47 -2.57 -19.08
N SER F 656 0.37 -3.11 -19.53
CA SER F 656 0.47 -4.42 -20.10
C SER F 656 1.12 -4.26 -21.45
N ASN F 657 0.98 -3.05 -22.00
CA ASN F 657 1.66 -2.69 -23.25
C ASN F 657 3.17 -2.99 -23.21
N GLN F 658 3.75 -2.91 -22.01
CA GLN F 658 5.12 -3.11 -21.76
C GLN F 658 5.50 -4.55 -21.74
N PHE F 659 4.55 -5.46 -21.62
CA PHE F 659 4.88 -6.83 -21.89
C PHE F 659 5.50 -6.97 -23.30
N LYS F 660 5.09 -6.14 -24.27
CA LYS F 660 5.71 -6.19 -25.59
C LYS F 660 5.76 -7.59 -26.11
N ASN F 661 4.63 -8.27 -25.96
CA ASN F 661 4.49 -9.66 -26.36
C ASN F 661 3.02 -10.02 -26.63
N TYR F 662 2.68 -10.22 -27.91
CA TYR F 662 1.30 -10.41 -28.33
C TYR F 662 0.45 -11.34 -27.43
N GLU F 663 0.86 -12.60 -27.27
CA GLU F 663 0.05 -13.58 -26.55
C GLU F 663 -0.09 -13.21 -25.05
N ARG F 664 1.02 -12.74 -24.48
CA ARG F 664 1.07 -12.31 -23.09
C ARG F 664 -0.08 -11.28 -22.84
N GLN F 665 -0.16 -10.27 -23.70
CA GLN F 665 -1.24 -9.28 -23.65
C GLN F 665 -2.57 -9.83 -24.09
N LYS F 666 -2.58 -10.83 -24.91
CA LYS F 666 -3.84 -11.28 -25.39
C LYS F 666 -4.51 -11.96 -24.19
N VAL F 667 -3.66 -12.55 -23.34
CA VAL F 667 -4.17 -13.33 -22.21
C VAL F 667 -4.65 -12.41 -21.09
N PHE F 668 -3.75 -11.50 -20.71
CA PHE F 668 -4.13 -10.41 -19.82
C PHE F 668 -5.51 -9.74 -20.12
N LEU F 669 -5.77 -9.35 -21.36
CA LEU F 669 -6.87 -8.43 -21.64
C LEU F 669 -8.11 -9.22 -21.69
N GLU F 670 -8.02 -10.48 -22.08
CA GLU F 670 -9.25 -11.27 -22.12
C GLU F 670 -9.69 -11.60 -20.72
N GLU F 671 -8.72 -11.67 -19.84
CA GLU F 671 -9.01 -11.80 -18.44
C GLU F 671 -9.43 -10.47 -17.85
N LEU F 672 -8.77 -9.37 -18.19
CA LEU F 672 -9.16 -8.08 -17.69
C LEU F 672 -10.60 -7.77 -18.03
N MET F 673 -11.03 -8.15 -19.23
CA MET F 673 -12.37 -7.87 -19.76
C MET F 673 -13.39 -8.98 -19.53
N ALA F 674 -12.98 -9.97 -18.74
CA ALA F 674 -13.75 -11.18 -18.66
C ALA F 674 -15.15 -10.94 -18.01
N PRO F 675 -15.23 -10.08 -16.97
CA PRO F 675 -16.53 -9.67 -16.44
C PRO F 675 -17.40 -8.95 -17.47
N VAL F 676 -16.76 -8.01 -18.17
CA VAL F 676 -17.46 -7.05 -19.03
C VAL F 676 -18.12 -7.82 -20.14
N ALA F 677 -17.38 -8.81 -20.65
CA ALA F 677 -17.84 -9.74 -21.70
C ALA F 677 -19.03 -10.56 -21.19
N SER F 678 -19.00 -10.88 -19.89
CA SER F 678 -20.08 -11.66 -19.28
C SER F 678 -21.40 -10.92 -19.33
N ILE F 679 -21.36 -9.69 -18.81
CA ILE F 679 -22.50 -8.81 -18.72
C ILE F 679 -23.08 -8.46 -20.09
N TRP F 680 -22.18 -8.36 -21.08
CA TRP F 680 -22.46 -7.80 -22.43
C TRP F 680 -23.01 -8.81 -23.44
N LEU F 681 -22.48 -10.03 -23.37
CA LEU F 681 -22.94 -11.13 -24.21
C LEU F 681 -24.06 -11.94 -23.54
N SER F 682 -24.45 -11.53 -22.33
CA SER F 682 -25.48 -12.24 -21.59
C SER F 682 -26.79 -12.21 -22.37
N GLN F 683 -27.48 -13.33 -22.32
CA GLN F 683 -28.69 -13.57 -23.09
C GLN F 683 -29.65 -12.38 -22.93
N ASP F 684 -29.97 -12.00 -21.69
CA ASP F 684 -30.96 -10.92 -21.46
C ASP F 684 -30.42 -9.55 -21.89
N MET F 685 -29.10 -9.35 -21.80
CA MET F 685 -28.53 -8.09 -22.28
C MET F 685 -28.77 -7.92 -23.78
N HIS F 686 -28.49 -8.97 -24.56
CA HIS F 686 -28.86 -9.03 -25.99
C HIS F 686 -30.27 -8.48 -26.29
N ARG F 687 -31.27 -8.91 -25.51
CA ARG F 687 -32.64 -8.43 -25.69
C ARG F 687 -32.76 -6.94 -25.35
N VAL F 688 -32.07 -6.52 -24.29
CA VAL F 688 -32.06 -5.13 -23.87
C VAL F 688 -31.50 -4.22 -24.96
N LEU F 689 -30.49 -4.73 -25.67
CA LEU F 689 -29.75 -3.97 -26.68
C LEU F 689 -30.42 -3.98 -28.08
N SER F 690 -31.17 -5.05 -28.37
CA SER F 690 -31.81 -5.23 -29.67
C SER F 690 -33.20 -4.65 -29.70
N ASP F 691 -33.98 -4.93 -28.67
CA ASP F 691 -35.35 -4.51 -28.68
C ASP F 691 -35.46 -3.11 -28.11
N VAL F 692 -36.33 -2.28 -28.70
CA VAL F 692 -36.55 -0.88 -28.28
C VAL F 692 -37.38 -0.82 -26.98
N ASP F 693 -38.09 -1.91 -26.70
CA ASP F 693 -38.97 -2.01 -25.52
C ASP F 693 -38.24 -2.52 -24.30
N ALA F 694 -37.62 -3.70 -24.42
CA ALA F 694 -36.85 -4.29 -23.33
C ALA F 694 -35.76 -3.34 -22.84
N PHE F 695 -35.35 -2.45 -23.74
CA PHE F 695 -34.41 -1.37 -23.45
C PHE F 695 -35.07 -0.30 -22.58
N ILE F 696 -36.34 -0.01 -22.84
CA ILE F 696 -37.15 0.89 -22.02
C ILE F 696 -37.29 0.33 -20.60
N ALA F 697 -37.76 -0.91 -20.52
CA ALA F 697 -37.72 -1.67 -19.29
C ALA F 697 -36.37 -1.58 -18.57
N TYR F 698 -35.26 -1.81 -19.28
CA TYR F 698 -33.95 -1.80 -18.61
C TYR F 698 -33.57 -0.45 -18.00
N VAL F 699 -33.44 0.58 -18.83
CA VAL F 699 -32.98 1.87 -18.32
C VAL F 699 -34.08 2.56 -17.56
N GLY F 700 -35.32 2.15 -17.82
CA GLY F 700 -36.50 2.79 -17.21
C GLY F 700 -36.67 4.26 -17.56
N THR F 701 -37.18 4.53 -18.76
CA THR F 701 -37.52 5.89 -19.18
C THR F 701 -38.90 6.23 -18.60
N ASP F 702 -39.80 5.24 -18.73
CA ASP F 702 -41.23 5.28 -18.40
C ASP F 702 -41.55 5.18 -16.89
N GLN F 703 -41.70 6.33 -16.21
CA GLN F 703 -42.02 6.33 -14.78
C GLN F 703 -42.98 7.46 -14.28
N LYS F 704 -43.65 7.18 -13.17
CA LYS F 704 -44.44 8.17 -12.45
C LYS F 704 -44.49 7.73 -10.99
N ASP F 707 -44.06 6.40 -7.43
CA ASP F 707 -43.14 7.20 -6.61
C ASP F 707 -43.06 8.68 -7.04
N PRO F 708 -43.07 9.63 -6.05
CA PRO F 708 -42.62 10.99 -6.42
C PRO F 708 -41.06 11.10 -6.52
N GLY F 709 -40.32 10.36 -5.66
CA GLY F 709 -38.85 10.47 -5.60
C GLY F 709 -38.00 9.21 -5.73
N LEU F 710 -38.49 8.08 -5.20
CA LEU F 710 -37.78 6.78 -5.20
C LEU F 710 -37.69 6.16 -6.61
N GLU F 711 -36.62 6.49 -7.35
CA GLU F 711 -36.36 6.00 -8.75
C GLU F 711 -35.60 4.65 -8.81
N ASP F 712 -34.58 4.55 -7.96
CA ASP F 712 -33.88 3.31 -7.60
C ASP F 712 -33.38 2.36 -8.72
N PRO F 713 -34.10 1.22 -8.98
CA PRO F 713 -33.46 0.12 -9.76
C PRO F 713 -32.72 0.57 -11.05
N CYS F 714 -33.22 1.64 -11.67
CA CYS F 714 -32.84 2.06 -13.02
C CYS F 714 -31.58 2.91 -13.20
N GLY F 715 -31.17 3.62 -12.16
CA GLY F 715 -29.89 4.31 -12.16
C GLY F 715 -28.75 3.31 -12.19
N LEU F 716 -28.88 2.23 -11.43
CA LEU F 716 -27.81 1.27 -11.30
C LEU F 716 -27.66 0.51 -12.61
N ASN F 717 -28.78 0.27 -13.29
CA ASN F 717 -28.78 -0.49 -14.53
C ASN F 717 -28.03 0.24 -15.62
N ARG F 718 -28.41 1.50 -15.78
CA ARG F 718 -27.80 2.33 -16.77
C ARG F 718 -26.40 2.79 -16.36
N ALA F 719 -25.92 2.31 -15.23
CA ALA F 719 -24.57 2.62 -14.85
C ALA F 719 -23.71 1.42 -15.13
N ARG F 720 -24.30 0.24 -15.11
CA ARG F 720 -23.57 -0.95 -15.48
C ARG F 720 -23.40 -0.95 -17.00
N MET F 721 -24.42 -0.51 -17.73
CA MET F 721 -24.32 -0.46 -19.17
C MET F 721 -23.28 0.55 -19.61
N SER F 722 -23.28 1.72 -18.98
CA SER F 722 -22.19 2.68 -19.19
C SER F 722 -20.81 2.09 -18.88
N PHE F 723 -20.77 1.24 -17.86
CA PHE F 723 -19.52 0.67 -17.42
C PHE F 723 -18.89 -0.13 -18.57
N CYS F 724 -19.70 -0.94 -19.24
CA CYS F 724 -19.16 -1.72 -20.35
C CYS F 724 -18.63 -0.85 -21.50
N VAL F 725 -19.43 0.12 -21.89
CA VAL F 725 -19.12 0.92 -23.00
C VAL F 725 -17.82 1.65 -22.69
N TYR F 726 -17.69 2.18 -21.49
CA TYR F 726 -16.45 2.88 -21.07
C TYR F 726 -15.23 1.95 -21.13
N SER F 727 -15.43 0.66 -20.88
CA SER F 727 -14.34 -0.30 -20.79
C SER F 727 -13.88 -0.72 -22.16
N ILE F 728 -14.84 -1.00 -23.02
CA ILE F 728 -14.55 -1.41 -24.36
C ILE F 728 -13.74 -0.27 -24.97
N LEU F 729 -14.24 0.94 -24.75
CA LEU F 729 -13.59 2.13 -25.25
C LEU F 729 -12.19 2.25 -24.67
N GLY F 730 -12.01 1.85 -23.43
CA GLY F 730 -10.77 2.18 -22.79
C GLY F 730 -9.68 1.30 -23.36
N VAL F 731 -10.08 0.06 -23.63
CA VAL F 731 -9.12 -0.94 -24.09
C VAL F 731 -8.69 -0.59 -25.51
N VAL F 732 -9.67 -0.40 -26.38
CA VAL F 732 -9.45 -0.05 -27.77
C VAL F 732 -8.58 1.18 -27.82
N LYS F 733 -8.88 2.19 -27.01
CA LYS F 733 -8.11 3.46 -27.02
C LYS F 733 -6.63 3.37 -26.65
N ARG F 734 -6.28 2.37 -25.84
CA ARG F 734 -4.99 2.32 -25.07
C ARG F 734 -4.11 1.11 -25.39
N THR F 735 -4.70 0.00 -25.86
CA THR F 735 -3.90 -1.18 -26.31
C THR F 735 -2.98 -0.89 -27.52
N CYS F 736 -1.76 -1.39 -27.50
CA CYS F 736 -0.88 -1.04 -28.62
C CYS F 736 0.47 -1.75 -28.68
N TRP F 737 0.83 -2.18 -29.90
CA TRP F 737 2.07 -2.86 -30.24
C TRP F 737 3.24 -1.85 -30.12
N PRO F 738 4.47 -2.33 -29.88
CA PRO F 738 5.57 -1.43 -29.56
C PRO F 738 5.87 -0.42 -30.66
N THR F 739 6.25 0.81 -30.29
CA THR F 739 6.63 1.80 -31.30
C THR F 739 7.79 1.26 -32.12
N ASP F 740 8.72 0.59 -31.45
CA ASP F 740 9.90 0.03 -32.08
C ASP F 740 9.63 -1.20 -32.86
N LEU F 741 9.99 -1.13 -34.15
CA LEU F 741 9.69 -2.20 -35.13
C LEU F 741 10.33 -3.52 -34.78
N GLU F 742 11.54 -3.50 -34.29
CA GLU F 742 12.19 -4.78 -33.95
C GLU F 742 11.47 -5.48 -32.77
N GLU F 743 11.21 -4.68 -31.73
CA GLU F 743 10.46 -5.08 -30.56
C GLU F 743 9.12 -5.66 -30.98
N ALA F 744 8.42 -4.96 -31.88
CA ALA F 744 7.17 -5.45 -32.41
C ALA F 744 7.30 -6.82 -33.15
N LYS F 745 8.42 -7.00 -33.83
CA LYS F 745 8.59 -8.21 -34.57
C LYS F 745 8.81 -9.29 -33.55
N ALA F 746 9.83 -9.11 -32.70
CA ALA F 746 10.08 -10.03 -31.57
C ALA F 746 8.75 -10.39 -30.75
N GLY F 747 7.98 -9.36 -30.38
CA GLY F 747 6.73 -9.54 -29.67
C GLY F 747 5.73 -10.44 -30.39
N GLY F 748 5.89 -10.59 -31.68
CA GLY F 748 5.03 -11.51 -32.38
C GLY F 748 3.84 -10.73 -32.85
N PHE F 749 4.04 -9.42 -33.06
CA PHE F 749 3.00 -8.45 -33.49
C PHE F 749 2.73 -8.29 -35.01
N VAL F 750 3.74 -8.61 -35.83
CA VAL F 750 3.70 -8.31 -37.27
C VAL F 750 3.21 -9.48 -38.12
N VAL F 751 2.06 -9.29 -38.73
CA VAL F 751 1.51 -10.28 -39.68
C VAL F 751 2.30 -10.30 -40.99
N GLY F 752 2.65 -9.13 -41.54
CA GLY F 752 3.29 -9.07 -42.83
C GLY F 752 3.70 -7.69 -43.31
N TYR F 753 3.77 -7.49 -44.63
CA TYR F 753 4.08 -6.19 -45.20
C TYR F 753 3.26 -5.92 -46.46
N THR F 754 3.23 -4.65 -46.88
CA THR F 754 2.37 -4.15 -47.93
C THR F 754 3.12 -4.32 -49.23
N SER F 755 2.43 -4.20 -50.36
CA SER F 755 3.11 -4.17 -51.64
C SER F 755 4.23 -3.11 -51.59
N SER F 756 3.97 -1.99 -50.92
CA SER F 756 4.97 -0.95 -50.72
C SER F 756 5.87 -1.40 -49.59
N GLY F 757 5.42 -2.47 -48.96
CA GLY F 757 6.18 -3.13 -47.91
C GLY F 757 6.34 -2.27 -46.67
N ASN F 758 5.19 -1.97 -46.03
CA ASN F 758 5.09 -1.41 -44.67
C ASN F 758 4.50 -2.45 -43.75
N PRO F 759 4.98 -2.53 -42.51
CA PRO F 759 4.54 -3.58 -41.59
C PRO F 759 3.03 -3.55 -41.38
N ILE F 760 2.47 -4.75 -41.30
CA ILE F 760 1.05 -4.93 -41.03
C ILE F 760 0.98 -5.61 -39.66
N PHE F 761 0.42 -4.90 -38.65
CA PHE F 761 0.35 -5.41 -37.27
C PHE F 761 -1.01 -5.93 -36.91
N ARG F 762 -1.02 -6.75 -35.85
CA ARG F 762 -2.27 -7.16 -35.18
C ARG F 762 -2.36 -6.72 -33.68
N ASN F 763 -3.55 -6.25 -33.32
CA ASN F 763 -3.86 -5.78 -31.97
C ASN F 763 -4.13 -6.95 -31.01
N PRO F 764 -3.43 -6.96 -29.89
CA PRO F 764 -3.71 -7.92 -28.84
C PRO F 764 -5.19 -7.96 -28.46
N CYS F 765 -5.93 -6.88 -28.64
CA CYS F 765 -7.35 -6.85 -28.21
C CYS F 765 -8.41 -7.13 -29.26
N THR F 766 -7.96 -7.44 -30.45
CA THR F 766 -8.83 -7.65 -31.61
C THR F 766 -9.83 -8.78 -31.34
N GLU F 767 -9.32 -9.97 -31.02
CA GLU F 767 -10.22 -11.10 -30.85
C GLU F 767 -11.35 -10.78 -29.83
N GLN F 768 -10.94 -10.16 -28.73
CA GLN F 768 -11.82 -9.78 -27.65
C GLN F 768 -12.78 -8.73 -28.10
N ILE F 769 -12.29 -7.68 -28.72
CA ILE F 769 -13.16 -6.58 -29.03
C ILE F 769 -14.15 -6.94 -30.14
N LEU F 770 -13.71 -7.73 -31.11
CA LEU F 770 -14.53 -8.05 -32.24
C LEU F 770 -15.72 -8.84 -31.79
N LYS F 771 -15.53 -9.69 -30.80
CA LYS F 771 -16.65 -10.41 -30.17
C LYS F 771 -17.77 -9.57 -29.58
N LEU F 772 -17.48 -8.36 -29.14
CA LEU F 772 -18.49 -7.50 -28.60
C LEU F 772 -19.09 -6.59 -29.69
N LEU F 773 -18.56 -6.64 -30.91
CA LEU F 773 -19.02 -5.69 -31.91
C LEU F 773 -20.54 -5.78 -32.17
N ASP F 774 -21.08 -7.02 -32.20
CA ASP F 774 -22.46 -7.26 -32.61
C ASP F 774 -23.44 -6.59 -31.68
N ASN F 775 -23.15 -6.61 -30.38
CA ASN F 775 -24.08 -5.99 -29.42
C ASN F 775 -23.95 -4.50 -29.38
N LEU F 776 -22.87 -4.00 -29.98
CA LEU F 776 -22.59 -2.60 -29.95
C LEU F 776 -23.43 -2.03 -31.05
N LEU F 777 -23.37 -2.64 -32.22
CA LEU F 777 -24.10 -2.10 -33.33
C LEU F 777 -25.59 -2.25 -32.99
N ALA F 778 -25.89 -3.35 -32.30
CA ALA F 778 -27.21 -3.62 -31.80
C ALA F 778 -27.69 -2.39 -31.01
N LEU F 779 -26.98 -2.07 -29.94
CA LEU F 779 -27.31 -0.90 -29.14
C LEU F 779 -27.34 0.39 -29.97
N ILE F 780 -26.34 0.61 -30.84
CA ILE F 780 -26.32 1.81 -31.66
C ILE F 780 -27.62 1.88 -32.48
N ARG F 781 -27.98 0.77 -33.12
CA ARG F 781 -29.18 0.78 -33.92
C ARG F 781 -30.35 1.23 -33.04
N THR F 782 -30.57 0.52 -31.93
CA THR F 782 -31.67 0.81 -31.01
C THR F 782 -31.72 2.26 -30.52
N HIS F 783 -30.59 2.74 -30.05
CA HIS F 783 -30.48 4.11 -29.60
C HIS F 783 -30.93 5.08 -30.74
N ASN F 784 -30.49 4.83 -31.97
CA ASN F 784 -30.92 5.68 -33.08
C ASN F 784 -32.43 5.66 -33.32
N THR F 785 -33.02 4.47 -33.19
CA THR F 785 -34.46 4.26 -33.36
C THR F 785 -35.25 5.05 -32.33
N LEU F 786 -34.67 5.24 -31.16
CA LEU F 786 -35.37 5.96 -30.10
C LEU F 786 -35.77 7.37 -30.52
N TYR F 787 -35.11 7.89 -31.54
CA TYR F 787 -35.39 9.24 -32.02
C TYR F 787 -36.63 9.39 -32.91
N ALA F 788 -37.14 8.27 -33.44
CA ALA F 788 -38.42 8.24 -34.14
C ALA F 788 -39.45 9.03 -33.30
N PRO F 789 -40.28 9.88 -33.95
CA PRO F 789 -41.22 10.71 -33.18
C PRO F 789 -42.37 9.98 -32.45
N GLU F 790 -42.57 8.67 -32.72
CA GLU F 790 -43.61 7.87 -32.04
C GLU F 790 -42.99 7.07 -30.93
N MET F 791 -41.73 6.71 -31.14
CA MET F 791 -40.96 6.03 -30.12
C MET F 791 -40.39 7.06 -29.14
N LEU F 792 -40.23 8.32 -29.54
CA LEU F 792 -39.97 9.40 -28.55
C LEU F 792 -41.21 9.66 -27.67
N ALA F 793 -42.25 8.84 -27.85
CA ALA F 793 -43.51 8.98 -27.13
C ALA F 793 -43.71 7.82 -26.18
N LYS F 794 -42.82 6.84 -26.25
CA LYS F 794 -42.94 5.66 -25.42
C LYS F 794 -42.36 5.85 -24.00
N MET F 795 -42.30 7.11 -23.57
CA MET F 795 -41.75 7.53 -22.26
C MET F 795 -42.82 8.23 -21.45
N ALA F 796 -42.66 8.24 -20.13
CA ALA F 796 -43.67 8.83 -19.22
C ALA F 796 -43.59 10.35 -19.08
N GLU F 797 -44.67 10.90 -18.50
CA GLU F 797 -44.82 12.33 -18.27
C GLU F 797 -43.49 13.02 -18.02
N PRO F 798 -42.72 12.55 -17.02
CA PRO F 798 -41.56 13.32 -16.66
C PRO F 798 -40.25 13.06 -17.48
N PHE F 799 -40.35 12.57 -18.71
CA PHE F 799 -39.11 12.16 -19.43
C PHE F 799 -39.01 12.38 -20.97
N THR F 800 -40.07 12.87 -21.58
CA THR F 800 -40.06 13.23 -23.00
C THR F 800 -39.33 14.56 -23.21
N LYS F 801 -38.14 14.62 -22.60
CA LYS F 801 -37.22 15.73 -22.76
C LYS F 801 -35.81 15.21 -22.48
N ALA F 802 -35.76 14.02 -21.86
CA ALA F 802 -34.52 13.31 -21.57
C ALA F 802 -33.53 13.36 -22.75
N LEU F 803 -34.06 13.35 -23.96
CA LEU F 803 -33.24 13.27 -25.16
C LEU F 803 -32.67 14.61 -25.67
N ASP F 804 -33.30 15.70 -25.27
CA ASP F 804 -32.80 17.01 -25.63
C ASP F 804 -31.47 17.18 -24.97
N MET F 805 -30.66 18.10 -25.48
CA MET F 805 -29.49 18.55 -24.77
C MET F 805 -29.87 19.03 -23.40
N LEU F 806 -28.87 19.50 -22.67
CA LEU F 806 -29.08 20.09 -21.35
C LEU F 806 -28.61 21.52 -21.38
N ASP F 807 -29.22 22.32 -20.51
CA ASP F 807 -29.03 23.76 -20.39
C ASP F 807 -27.57 24.13 -20.24
N ALA F 808 -26.82 23.24 -19.59
CA ALA F 808 -25.41 23.43 -19.42
C ALA F 808 -24.76 23.41 -20.79
N GLU F 809 -25.13 22.43 -21.61
CA GLU F 809 -24.60 22.27 -22.95
C GLU F 809 -25.15 23.32 -23.88
N LYS F 810 -26.42 23.67 -23.69
CA LYS F 810 -27.10 24.68 -24.48
C LYS F 810 -26.42 26.05 -24.30
N SER F 811 -26.29 26.50 -23.04
CA SER F 811 -25.57 27.74 -22.76
C SER F 811 -24.13 27.66 -23.26
N ALA F 812 -23.51 26.50 -23.08
CA ALA F 812 -22.17 26.23 -23.61
C ALA F 812 -22.03 26.72 -25.04
N ILE F 813 -23.02 26.39 -25.87
CA ILE F 813 -22.97 26.75 -27.26
C ILE F 813 -23.56 28.15 -27.53
N LEU F 814 -24.13 28.79 -26.49
CA LEU F 814 -24.63 30.16 -26.65
C LEU F 814 -23.47 31.18 -26.60
N GLY F 815 -22.79 31.26 -25.46
CA GLY F 815 -21.75 32.29 -25.20
C GLY F 815 -21.97 33.02 -23.87
N LEU F 816 -22.97 32.54 -23.12
CA LEU F 816 -23.33 33.09 -21.80
C LEU F 816 -22.64 32.29 -20.66
N PRO F 817 -21.64 32.91 -19.98
CA PRO F 817 -20.94 32.27 -18.83
C PRO F 817 -21.88 31.96 -17.64
N GLN F 818 -21.31 31.55 -16.49
CA GLN F 818 -22.08 31.19 -15.25
C GLN F 818 -21.36 31.51 -13.90
N PRO F 819 -22.11 31.50 -12.74
CA PRO F 819 -21.50 31.71 -11.40
C PRO F 819 -20.85 30.45 -10.77
N LEU F 820 -19.73 30.03 -11.41
CA LEU F 820 -18.92 28.79 -11.17
C LEU F 820 -19.03 28.05 -9.77
N LEU F 821 -19.82 26.95 -9.70
CA LEU F 821 -20.19 26.27 -8.41
C LEU F 821 -19.11 26.34 -7.30
N GLU F 822 -19.51 26.77 -6.10
CA GLU F 822 -18.57 26.94 -4.98
C GLU F 822 -17.73 25.69 -4.77
N LEU F 823 -16.39 25.86 -4.66
CA LEU F 823 -15.41 24.74 -4.53
C LEU F 823 -15.72 23.76 -3.39
N ASN F 824 -16.36 24.27 -2.34
CA ASN F 824 -16.87 23.44 -1.24
C ASN F 824 -18.43 23.40 -1.23
N ASP F 825 -19.03 22.95 -2.35
CA ASP F 825 -20.51 22.84 -2.52
C ASP F 825 -21.04 21.75 -3.49
N SER F 826 -22.09 21.04 -3.04
CA SER F 826 -22.88 20.14 -3.90
C SER F 826 -24.39 20.42 -3.87
N PRO F 827 -24.78 21.62 -4.35
CA PRO F 827 -26.18 22.04 -4.35
C PRO F 827 -26.94 21.66 -5.63
N VAL F 828 -26.22 21.53 -6.74
CA VAL F 828 -26.85 21.25 -8.01
C VAL F 828 -27.15 19.74 -8.16
N PHE F 829 -27.91 19.19 -7.21
CA PHE F 829 -28.34 17.79 -7.30
C PHE F 829 -29.04 17.62 -8.65
N LYS F 830 -28.61 16.61 -9.40
CA LYS F 830 -29.14 16.38 -10.74
C LYS F 830 -30.55 15.80 -10.63
N THR F 831 -31.50 16.45 -11.31
CA THR F 831 -32.83 15.89 -11.48
C THR F 831 -32.70 14.49 -12.04
N VAL F 832 -33.67 13.63 -11.74
CA VAL F 832 -33.80 12.34 -12.42
C VAL F 832 -33.78 12.49 -13.98
N LEU F 833 -34.34 13.59 -14.50
CA LEU F 833 -34.32 13.91 -15.94
C LEU F 833 -32.93 14.35 -16.42
N GLU F 834 -32.27 15.18 -15.62
CA GLU F 834 -30.90 15.62 -15.89
C GLU F 834 -29.92 14.45 -15.80
N ARG F 835 -30.24 13.53 -14.91
CA ARG F 835 -29.44 12.34 -14.72
C ARG F 835 -29.49 11.49 -15.99
N MET F 836 -30.68 11.32 -16.57
CA MET F 836 -30.79 10.54 -17.81
C MET F 836 -30.26 11.31 -18.99
N GLN F 837 -30.45 12.62 -18.96
CA GLN F 837 -30.03 13.49 -20.02
C GLN F 837 -28.54 13.38 -20.24
N ARG F 838 -27.78 13.35 -19.14
CA ARG F 838 -26.34 13.21 -19.23
C ARG F 838 -26.01 11.85 -19.80
N PHE F 839 -26.82 10.86 -19.42
CA PHE F 839 -26.57 9.46 -19.77
C PHE F 839 -26.59 9.22 -21.28
N PHE F 840 -27.69 9.61 -21.93
CA PHE F 840 -27.87 9.39 -23.37
C PHE F 840 -26.75 10.09 -24.15
N SER F 841 -26.51 11.38 -23.90
CA SER F 841 -25.41 12.12 -24.57
C SER F 841 -24.11 11.34 -24.55
N THR F 842 -23.75 10.81 -23.40
CA THR F 842 -22.47 10.17 -23.22
C THR F 842 -22.52 8.80 -23.90
N LEU F 843 -23.58 8.05 -23.67
CA LEU F 843 -23.68 6.74 -24.29
C LEU F 843 -23.59 6.86 -25.81
N TYR F 844 -24.40 7.76 -26.37
CA TYR F 844 -24.35 8.07 -27.79
C TYR F 844 -22.91 8.32 -28.24
N GLU F 845 -22.23 9.33 -27.71
CA GLU F 845 -20.85 9.65 -28.12
C GLU F 845 -19.87 8.52 -27.94
N ASN F 846 -19.97 7.82 -26.83
CA ASN F 846 -19.00 6.78 -26.53
C ASN F 846 -19.08 5.61 -27.47
N CYS F 847 -20.29 5.23 -27.82
CA CYS F 847 -20.44 4.18 -28.76
C CYS F 847 -19.76 4.52 -30.07
N PHE F 848 -19.93 5.76 -30.52
CA PHE F 848 -19.37 6.14 -31.78
C PHE F 848 -17.88 6.31 -31.63
N HIS F 849 -17.44 6.47 -30.40
CA HIS F 849 -16.08 6.72 -30.19
C HIS F 849 -15.37 5.45 -30.37
N ILE F 850 -16.00 4.38 -29.91
CA ILE F 850 -15.43 3.04 -30.04
C ILE F 850 -15.24 2.72 -31.49
N LEU F 851 -16.26 3.01 -32.29
CA LEU F 851 -16.21 2.75 -33.72
C LEU F 851 -15.22 3.68 -34.35
N GLY F 852 -15.15 4.90 -33.88
CA GLY F 852 -14.05 5.78 -34.29
C GLY F 852 -12.69 5.12 -34.13
N LYS F 853 -12.39 4.57 -32.95
CA LYS F 853 -11.05 4.07 -32.71
C LYS F 853 -10.89 2.65 -33.23
N ALA F 854 -11.96 2.05 -33.67
CA ALA F 854 -11.91 0.68 -34.11
C ALA F 854 -11.03 0.51 -35.36
N GLY F 855 -11.19 1.36 -36.40
CA GLY F 855 -10.28 1.38 -37.55
C GLY F 855 -8.81 1.48 -37.12
N PRO F 856 -8.39 2.62 -36.61
CA PRO F 856 -6.97 2.83 -36.29
C PRO F 856 -6.36 1.84 -35.30
N SER F 857 -7.18 1.28 -34.43
CA SER F 857 -6.66 0.38 -33.41
C SER F 857 -6.46 -1.00 -34.07
N MET F 858 -7.48 -1.44 -34.83
CA MET F 858 -7.59 -2.81 -35.31
C MET F 858 -7.27 -2.96 -36.80
N GLN F 859 -7.28 -1.87 -37.57
CA GLN F 859 -6.89 -1.91 -38.96
C GLN F 859 -7.69 -2.91 -39.79
N GLN F 860 -6.96 -3.68 -40.59
CA GLN F 860 -7.55 -4.63 -41.53
C GLN F 860 -8.43 -5.59 -40.82
N ASP F 861 -8.17 -5.81 -39.53
CA ASP F 861 -8.92 -6.77 -38.73
C ASP F 861 -10.37 -6.32 -38.56
N PHE F 862 -10.54 -5.00 -38.58
CA PHE F 862 -11.80 -4.36 -38.30
C PHE F 862 -12.41 -4.14 -39.63
N TYR F 863 -11.60 -3.75 -40.59
CA TYR F 863 -12.14 -3.29 -41.84
C TYR F 863 -12.65 -4.39 -42.76
N THR F 864 -12.12 -5.59 -42.59
CA THR F 864 -12.51 -6.76 -43.41
C THR F 864 -13.60 -7.59 -42.69
N VAL F 865 -14.41 -6.92 -41.87
CA VAL F 865 -15.51 -7.60 -41.25
C VAL F 865 -16.64 -7.82 -42.27
N GLU F 866 -17.08 -9.07 -42.36
CA GLU F 866 -18.17 -9.45 -43.27
C GLU F 866 -19.16 -8.33 -43.39
N ASP F 867 -19.28 -7.77 -44.59
CA ASP F 867 -20.39 -6.87 -44.86
C ASP F 867 -20.43 -5.74 -43.79
N LEU F 868 -19.25 -5.23 -43.42
CA LEU F 868 -19.13 -4.11 -42.47
C LEU F 868 -20.04 -2.99 -42.93
N ALA F 869 -19.82 -2.54 -44.15
CA ALA F 869 -20.56 -1.40 -44.65
C ALA F 869 -22.08 -1.56 -44.43
N THR F 870 -22.59 -2.76 -44.68
CA THR F 870 -24.02 -3.00 -44.61
C THR F 870 -24.48 -2.91 -43.18
N GLN F 871 -23.64 -3.48 -42.31
CA GLN F 871 -23.85 -3.47 -40.86
C GLN F 871 -23.84 -2.05 -40.31
N LEU F 872 -22.85 -1.27 -40.72
CA LEU F 872 -22.81 0.15 -40.39
C LEU F 872 -24.06 0.92 -40.87
N LEU F 873 -24.42 0.77 -42.15
CA LEU F 873 -25.55 1.48 -42.72
C LEU F 873 -26.84 1.19 -42.00
N SER F 874 -27.05 -0.09 -41.67
CA SER F 874 -28.31 -0.47 -41.01
C SER F 874 -28.36 -0.23 -39.46
N SER F 875 -27.29 0.32 -38.89
CA SER F 875 -27.17 0.48 -37.45
C SER F 875 -26.82 1.89 -37.07
N ALA F 876 -25.63 2.31 -37.50
CA ALA F 876 -25.16 3.66 -37.26
C ALA F 876 -25.98 4.68 -38.02
N PHE F 877 -26.19 4.46 -39.32
CA PHE F 877 -26.96 5.42 -40.12
C PHE F 877 -28.38 4.95 -40.29
N VAL F 878 -29.03 4.53 -39.21
CA VAL F 878 -30.31 3.85 -39.41
C VAL F 878 -31.53 4.80 -39.45
N ASN F 879 -31.42 5.97 -38.82
CA ASN F 879 -32.58 6.85 -38.69
C ASN F 879 -32.24 8.33 -38.86
N LEU F 880 -31.21 8.62 -39.67
CA LEU F 880 -30.59 9.97 -39.72
C LEU F 880 -31.58 11.10 -39.90
N ASN F 881 -32.64 10.80 -40.65
CA ASN F 881 -33.76 11.72 -40.88
C ASN F 881 -34.31 12.28 -39.56
N ASN F 882 -34.17 11.50 -38.47
CA ASN F 882 -34.77 11.77 -37.17
C ASN F 882 -33.79 12.12 -36.07
N ILE F 883 -32.50 12.09 -36.37
CA ILE F 883 -31.44 12.44 -35.40
C ILE F 883 -31.23 13.98 -35.34
N PRO F 884 -31.17 14.58 -34.14
CA PRO F 884 -30.88 16.04 -33.97
C PRO F 884 -29.43 16.48 -34.34
N ASP F 885 -29.23 17.79 -34.48
CA ASP F 885 -27.95 18.38 -34.84
C ASP F 885 -26.83 18.09 -33.84
N TYR F 886 -27.13 18.31 -32.57
CA TYR F 886 -26.16 18.12 -31.51
C TYR F 886 -25.69 16.65 -31.32
N ARG F 887 -26.18 15.76 -32.16
CA ARG F 887 -25.87 14.35 -32.03
C ARG F 887 -25.06 13.97 -33.24
N LEU F 888 -25.42 14.60 -34.33
CA LEU F 888 -24.90 14.23 -35.58
C LEU F 888 -23.51 14.81 -35.62
N ARG F 889 -23.36 16.03 -35.11
CA ARG F 889 -22.06 16.68 -35.15
C ARG F 889 -21.03 15.78 -34.48
N PRO F 890 -21.28 15.40 -33.19
CA PRO F 890 -20.51 14.39 -32.51
C PRO F 890 -20.24 13.21 -33.40
N MET F 891 -21.27 12.69 -34.03
CA MET F 891 -21.16 11.44 -34.71
C MET F 891 -20.19 11.52 -35.83
N LEU F 892 -20.22 12.61 -36.55
CA LEU F 892 -19.40 12.83 -37.70
C LEU F 892 -17.91 12.95 -37.38
N ARG F 893 -17.61 13.64 -36.28
CA ARG F 893 -16.27 13.96 -35.82
C ARG F 893 -15.55 12.76 -35.15
N VAL F 894 -16.30 12.11 -34.27
CA VAL F 894 -15.81 11.05 -33.44
C VAL F 894 -15.82 9.69 -34.17
N PHE F 895 -16.69 9.54 -35.16
CA PHE F 895 -16.84 8.24 -35.86
C PHE F 895 -16.50 8.22 -37.38
N VAL F 896 -17.10 9.12 -38.16
CA VAL F 896 -17.00 9.10 -39.61
C VAL F 896 -15.66 9.62 -40.07
N LYS F 897 -15.31 10.81 -39.60
CA LYS F 897 -14.02 11.36 -39.91
C LYS F 897 -12.90 10.32 -39.73
N PRO F 898 -12.81 9.69 -38.52
CA PRO F 898 -11.72 8.76 -38.32
C PRO F 898 -11.92 7.45 -39.05
N LEU F 899 -13.18 7.03 -39.22
CA LEU F 899 -13.50 5.79 -39.93
C LEU F 899 -12.83 5.84 -41.27
N VAL F 900 -13.21 6.86 -42.03
CA VAL F 900 -12.78 7.09 -43.37
C VAL F 900 -11.28 7.36 -43.43
N LEU F 901 -10.83 8.37 -42.71
CA LEU F 901 -9.45 8.76 -42.82
C LEU F 901 -8.48 7.66 -42.49
N PHE F 902 -8.93 6.66 -41.73
CA PHE F 902 -8.04 5.57 -41.28
C PHE F 902 -8.24 4.30 -42.08
N CYS F 903 -8.99 4.42 -43.17
CA CYS F 903 -9.27 3.27 -43.98
C CYS F 903 -8.18 3.03 -45.02
N PRO F 904 -7.61 1.81 -45.05
CA PRO F 904 -6.65 1.36 -46.05
C PRO F 904 -7.20 1.37 -47.52
N PRO F 905 -6.39 1.83 -48.51
CA PRO F 905 -6.94 1.97 -49.87
C PRO F 905 -7.77 0.77 -50.35
N GLU F 906 -7.30 -0.43 -50.05
CA GLU F 906 -7.92 -1.67 -50.53
C GLU F 906 -9.40 -1.68 -50.29
N HIS F 907 -9.79 -0.91 -49.28
CA HIS F 907 -11.14 -0.94 -48.72
C HIS F 907 -11.99 0.31 -48.96
N TYR F 908 -11.42 1.33 -49.61
CA TYR F 908 -12.19 2.51 -50.02
C TYR F 908 -13.34 2.06 -50.92
N GLU F 909 -13.09 0.99 -51.68
CA GLU F 909 -14.10 0.51 -52.58
C GLU F 909 -15.13 -0.34 -51.84
N ALA F 910 -14.69 -0.95 -50.73
CA ALA F 910 -15.46 -1.94 -49.97
C ALA F 910 -16.50 -1.39 -48.95
N LEU F 911 -16.10 -0.39 -48.16
CA LEU F 911 -16.99 0.22 -47.18
C LEU F 911 -16.98 1.75 -47.24
N VAL F 912 -15.90 2.35 -47.69
CA VAL F 912 -15.92 3.80 -47.67
C VAL F 912 -16.89 4.37 -48.73
N SER F 913 -16.92 3.77 -49.91
CA SER F 913 -17.75 4.23 -51.00
C SER F 913 -19.25 4.10 -50.70
N PRO F 914 -19.74 2.84 -50.40
CA PRO F 914 -21.19 2.66 -50.15
C PRO F 914 -21.68 3.39 -48.93
N ILE F 915 -20.78 3.91 -48.09
CA ILE F 915 -21.21 4.72 -46.93
C ILE F 915 -21.21 6.22 -47.26
N LEU F 916 -20.13 6.71 -47.81
CA LEU F 916 -20.04 8.14 -47.95
C LEU F 916 -21.07 8.66 -48.95
N GLY F 917 -21.31 7.88 -50.01
CA GLY F 917 -22.30 8.19 -51.04
C GLY F 917 -23.59 8.77 -50.46
N PRO F 918 -24.40 7.90 -49.81
CA PRO F 918 -25.65 8.27 -49.13
C PRO F 918 -25.48 9.24 -47.99
N LEU F 919 -24.30 9.25 -47.38
CA LEU F 919 -24.10 10.18 -46.32
C LEU F 919 -24.12 11.57 -46.85
N PHE F 920 -23.27 11.84 -47.83
CA PHE F 920 -23.16 13.20 -48.39
C PHE F 920 -24.41 13.71 -49.11
N THR F 921 -25.01 12.85 -49.94
CA THR F 921 -26.40 13.05 -50.38
C THR F 921 -27.33 13.53 -49.26
N TYR F 922 -27.48 12.75 -48.19
CA TYR F 922 -28.39 13.14 -47.11
C TYR F 922 -28.00 14.45 -46.43
N LEU F 923 -26.78 14.51 -45.92
CA LEU F 923 -26.26 15.70 -45.27
C LEU F 923 -26.61 16.97 -46.05
N HIS F 924 -26.20 16.98 -47.32
CA HIS F 924 -26.40 18.10 -48.23
C HIS F 924 -27.88 18.54 -48.27
N MET F 925 -28.77 17.57 -48.51
CA MET F 925 -30.20 17.77 -48.40
C MET F 925 -30.64 18.34 -47.04
N ARG F 926 -30.15 17.73 -45.95
CA ARG F 926 -30.50 18.18 -44.61
C ARG F 926 -30.10 19.62 -44.43
N LEU F 927 -28.92 19.96 -44.93
CA LEU F 927 -28.36 21.29 -44.78
C LEU F 927 -29.06 22.35 -45.62
N SER F 928 -29.43 21.99 -46.85
CA SER F 928 -30.12 22.93 -47.73
C SER F 928 -31.43 23.32 -47.09
N GLN F 929 -32.13 22.34 -46.51
CA GLN F 929 -33.46 22.55 -45.93
C GLN F 929 -33.37 23.36 -44.64
N LYS F 930 -32.26 23.16 -43.95
CA LYS F 930 -31.93 23.93 -42.74
C LYS F 930 -31.60 25.38 -43.09
N TRP F 931 -30.87 25.59 -44.19
CA TRP F 931 -30.45 26.94 -44.63
C TRP F 931 -31.61 27.75 -45.19
N GLN F 932 -32.59 27.05 -45.76
CA GLN F 932 -33.82 27.71 -46.21
C GLN F 932 -34.73 28.23 -45.06
N VAL F 933 -34.73 27.53 -43.93
CA VAL F 933 -35.40 28.03 -42.73
C VAL F 933 -34.72 29.30 -42.22
N ILE F 934 -33.39 29.29 -42.28
CA ILE F 934 -32.58 30.41 -41.81
C ILE F 934 -32.76 31.57 -42.78
N ASN F 935 -32.62 31.31 -44.08
CA ASN F 935 -32.77 32.38 -45.07
C ASN F 935 -34.15 33.04 -45.01
N GLN F 936 -35.10 32.35 -44.37
CA GLN F 936 -36.45 32.88 -44.20
C GLN F 936 -36.52 34.09 -43.23
N ARG F 937 -35.58 34.21 -42.31
CA ARG F 937 -35.58 35.34 -41.35
C ARG F 937 -34.57 36.44 -41.72
N GLU F 952 -37.83 33.08 -27.46
CA GLU F 952 -36.89 33.53 -28.47
C GLU F 952 -35.61 32.66 -28.52
N SER F 953 -35.07 32.37 -27.33
CA SER F 953 -33.82 31.60 -27.20
C SER F 953 -33.90 30.18 -27.75
N GLN F 954 -35.02 29.49 -27.49
CA GLN F 954 -35.21 28.10 -27.89
C GLN F 954 -34.95 27.81 -29.39
N GLU F 955 -35.41 28.72 -30.26
CA GLU F 955 -35.21 28.58 -31.70
C GLU F 955 -33.86 29.12 -32.10
N MET F 956 -33.47 30.24 -31.49
CA MET F 956 -32.22 30.93 -31.78
C MET F 956 -31.02 30.03 -31.49
N LEU F 957 -31.18 29.17 -30.50
CA LEU F 957 -30.22 28.14 -30.16
C LEU F 957 -29.95 27.21 -31.35
N GLU F 958 -31.04 26.64 -31.88
CA GLU F 958 -30.98 25.61 -32.92
C GLU F 958 -30.33 26.07 -34.19
N GLU F 959 -30.40 27.36 -34.43
CA GLU F 959 -29.72 27.96 -35.56
C GLU F 959 -28.21 27.82 -35.39
N GLN F 960 -27.72 27.97 -34.16
CA GLN F 960 -26.30 27.83 -33.88
C GLN F 960 -25.81 26.41 -34.19
N LEU F 961 -26.61 25.43 -33.79
CA LEU F 961 -26.33 24.02 -34.08
C LEU F 961 -26.12 23.76 -35.58
N VAL F 962 -26.97 24.34 -36.42
CA VAL F 962 -26.81 24.23 -37.85
C VAL F 962 -25.50 24.82 -38.32
N ARG F 963 -25.03 25.88 -37.67
CA ARG F 963 -23.77 26.51 -38.09
C ARG F 963 -22.60 25.53 -37.85
N MET F 964 -22.62 24.95 -36.66
CA MET F 964 -21.55 24.08 -36.23
C MET F 964 -21.55 22.80 -37.01
N LEU F 965 -22.74 22.26 -37.23
CA LEU F 965 -22.92 21.08 -38.07
C LEU F 965 -22.39 21.28 -39.46
N THR F 966 -22.66 22.45 -40.03
CA THR F 966 -22.27 22.75 -41.40
C THR F 966 -20.75 22.80 -41.51
N ARG F 967 -20.12 23.49 -40.57
CA ARG F 967 -18.66 23.54 -40.51
C ARG F 967 -18.08 22.15 -40.38
N GLU F 968 -18.70 21.33 -39.52
CA GLU F 968 -18.29 19.95 -39.33
C GLU F 968 -18.31 19.18 -40.66
N VAL F 969 -19.42 19.32 -41.39
CA VAL F 969 -19.64 18.56 -42.62
C VAL F 969 -18.67 19.03 -43.68
N MET F 970 -18.42 20.32 -43.71
CA MET F 970 -17.57 20.82 -44.74
C MET F 970 -16.16 20.43 -44.44
N ASP F 971 -15.84 20.44 -43.15
CA ASP F 971 -14.55 19.96 -42.73
C ASP F 971 -14.41 18.50 -43.12
N LEU F 972 -15.42 17.71 -42.76
CA LEU F 972 -15.42 16.33 -43.11
C LEU F 972 -15.06 16.17 -44.58
N ILE F 973 -15.80 16.83 -45.47
CA ILE F 973 -15.57 16.64 -46.93
C ILE F 973 -14.16 17.05 -47.36
N THR F 974 -13.69 18.18 -46.85
CA THR F 974 -12.37 18.70 -47.13
C THR F 974 -11.27 17.74 -46.74
N VAL F 975 -11.29 17.28 -45.50
CA VAL F 975 -10.21 16.44 -45.03
C VAL F 975 -10.18 15.15 -45.83
N CYS F 976 -11.32 14.76 -46.37
CA CYS F 976 -11.40 13.53 -47.12
C CYS F 976 -10.58 13.49 -48.37
N CYS F 977 -10.76 14.50 -49.22
CA CYS F 977 -10.16 14.54 -50.55
C CYS F 977 -9.10 15.63 -50.80
N VAL F 978 -9.14 16.72 -50.02
CA VAL F 978 -8.14 17.78 -50.13
C VAL F 978 -6.86 17.42 -49.38
N SER F 979 -5.71 17.81 -49.93
CA SER F 979 -4.42 17.43 -49.35
C SER F 979 -3.65 18.62 -48.77
N GLU F 1010 -3.29 16.91 -56.27
CA GLU F 1010 -3.82 17.89 -55.29
C GLU F 1010 -5.01 17.31 -54.49
N LEU F 1011 -5.70 16.37 -55.12
CA LEU F 1011 -6.77 15.62 -54.49
C LEU F 1011 -6.18 14.33 -53.92
N THR F 1012 -6.49 14.03 -52.64
CA THR F 1012 -6.06 12.81 -51.92
C THR F 1012 -6.39 11.54 -52.68
N ASP F 1013 -5.70 10.45 -52.37
CA ASP F 1013 -5.97 9.21 -53.06
C ASP F 1013 -7.42 8.79 -52.94
N LEU F 1014 -8.05 9.16 -51.84
CA LEU F 1014 -9.46 8.87 -51.61
C LEU F 1014 -10.30 10.01 -52.18
N GLY F 1015 -9.60 11.07 -52.60
CA GLY F 1015 -10.20 12.08 -53.48
C GLY F 1015 -10.30 11.55 -54.91
N LYS F 1016 -9.13 11.31 -55.54
CA LYS F 1016 -9.10 10.77 -56.91
C LYS F 1016 -10.23 9.76 -57.05
N CYS F 1017 -10.20 8.80 -56.13
CA CYS F 1017 -11.12 7.70 -56.10
C CYS F 1017 -12.64 8.00 -56.04
N LEU F 1018 -13.11 8.64 -54.97
CA LEU F 1018 -14.55 8.90 -54.83
C LEU F 1018 -15.14 9.61 -56.03
N MET F 1019 -14.27 10.31 -56.75
CA MET F 1019 -14.63 11.02 -57.99
C MET F 1019 -14.88 10.09 -59.16
N LYS F 1020 -14.19 8.96 -59.20
CA LYS F 1020 -14.43 7.96 -60.24
C LYS F 1020 -15.73 7.18 -59.98
N HIS F 1021 -16.73 7.88 -59.46
CA HIS F 1021 -18.00 7.28 -59.03
C HIS F 1021 -19.10 8.25 -59.36
N GLU F 1022 -20.10 7.71 -60.05
CA GLU F 1022 -21.28 8.43 -60.45
C GLU F 1022 -21.84 9.31 -59.28
N ASP F 1023 -22.38 8.67 -58.24
CA ASP F 1023 -23.22 9.35 -57.20
C ASP F 1023 -22.41 10.21 -56.23
N VAL F 1024 -21.30 9.66 -55.74
CA VAL F 1024 -20.38 10.33 -54.83
C VAL F 1024 -19.97 11.65 -55.42
N CYS F 1025 -19.47 11.57 -56.64
CA CYS F 1025 -18.95 12.71 -57.35
C CYS F 1025 -19.97 13.84 -57.53
N THR F 1026 -21.13 13.51 -58.11
CA THR F 1026 -22.24 14.45 -58.17
C THR F 1026 -22.51 15.09 -56.81
N ALA F 1027 -22.48 14.30 -55.74
CA ALA F 1027 -22.81 14.80 -54.41
C ALA F 1027 -21.73 15.72 -53.81
N LEU F 1028 -20.46 15.44 -54.15
CA LEU F 1028 -19.36 16.29 -53.74
C LEU F 1028 -19.41 17.66 -54.42
N LEU F 1029 -19.73 17.64 -55.70
CA LEU F 1029 -19.71 18.88 -56.49
C LEU F 1029 -20.89 19.78 -56.16
N ILE F 1030 -22.07 19.17 -56.05
CA ILE F 1030 -23.28 19.89 -55.67
C ILE F 1030 -23.09 20.57 -54.33
N THR F 1031 -22.67 19.79 -53.35
CA THR F 1031 -22.59 20.27 -51.99
C THR F 1031 -21.62 21.43 -51.85
N ALA F 1032 -20.43 21.25 -52.45
CA ALA F 1032 -19.35 22.22 -52.37
C ALA F 1032 -19.70 23.57 -52.97
N PHE F 1033 -20.32 23.56 -54.16
CA PHE F 1033 -20.70 24.81 -54.81
C PHE F 1033 -22.02 25.45 -54.28
N ASN F 1034 -22.90 24.62 -53.73
CA ASN F 1034 -24.08 25.09 -53.03
C ASN F 1034 -23.73 25.77 -51.74
N SER F 1035 -22.50 25.51 -51.26
CA SER F 1035 -22.01 26.01 -49.97
C SER F 1035 -21.87 27.51 -49.98
N LEU F 1036 -21.28 28.03 -51.05
CA LEU F 1036 -21.05 29.44 -51.18
C LEU F 1036 -22.37 30.22 -50.99
N ALA F 1037 -23.45 29.77 -51.64
CA ALA F 1037 -24.81 30.23 -51.35
C ALA F 1037 -25.12 30.35 -49.82
N TRP F 1038 -24.84 29.31 -49.03
CA TRP F 1038 -25.09 29.35 -47.58
C TRP F 1038 -24.68 30.67 -46.89
N LYS F 1039 -25.34 30.99 -45.78
CA LYS F 1039 -25.06 32.26 -45.11
C LYS F 1039 -23.63 32.32 -44.53
N ASP F 1040 -23.25 31.27 -43.80
CA ASP F 1040 -21.96 31.16 -43.08
C ASP F 1040 -20.74 31.70 -43.82
N THR F 1041 -20.10 32.68 -43.19
CA THR F 1041 -18.96 33.37 -43.81
C THR F 1041 -17.66 32.58 -43.59
N LEU F 1042 -17.68 31.66 -42.62
CA LEU F 1042 -16.51 30.81 -42.34
C LEU F 1042 -16.23 29.79 -43.45
N SER F 1043 -17.30 29.28 -44.05
CA SER F 1043 -17.19 28.28 -45.09
C SER F 1043 -16.69 28.83 -46.43
N CYS F 1044 -17.14 30.05 -46.79
CA CYS F 1044 -16.80 30.65 -48.09
C CYS F 1044 -15.33 30.44 -48.49
N GLN F 1045 -14.38 30.95 -47.71
CA GLN F 1045 -12.95 30.85 -48.06
C GLN F 1045 -12.47 29.40 -48.05
N ARG F 1046 -12.87 28.66 -47.02
CA ARG F 1046 -12.38 27.30 -46.80
C ARG F 1046 -12.68 26.46 -48.02
N THR F 1047 -13.96 26.42 -48.37
CA THR F 1047 -14.45 25.64 -49.50
C THR F 1047 -13.84 26.07 -50.82
N THR F 1048 -13.84 27.38 -51.05
CA THR F 1048 -13.36 28.00 -52.29
C THR F 1048 -11.91 27.64 -52.65
N SER F 1049 -11.00 28.00 -51.76
CA SER F 1049 -9.55 27.89 -51.97
C SER F 1049 -9.00 26.48 -51.84
N GLN F 1050 -9.62 25.67 -50.98
CA GLN F 1050 -9.12 24.32 -50.69
C GLN F 1050 -9.86 23.23 -51.44
N LEU F 1051 -11.14 23.46 -51.76
CA LEU F 1051 -12.04 22.41 -52.25
C LEU F 1051 -12.60 22.62 -53.67
N CYS F 1052 -13.34 23.71 -53.89
CA CYS F 1052 -14.06 23.96 -55.14
C CYS F 1052 -13.21 23.70 -56.36
N TRP F 1053 -11.96 24.18 -56.30
CA TRP F 1053 -11.17 24.13 -57.50
C TRP F 1053 -10.69 22.71 -57.85
N PRO F 1054 -10.02 21.99 -56.91
CA PRO F 1054 -9.48 20.66 -57.27
C PRO F 1054 -10.58 19.63 -57.63
N LEU F 1055 -11.81 19.91 -57.24
CA LEU F 1055 -12.94 19.16 -57.72
C LEU F 1055 -13.09 19.34 -59.23
N LEU F 1056 -13.22 20.60 -59.69
CA LEU F 1056 -13.39 20.90 -61.13
C LEU F 1056 -12.18 20.59 -61.96
N LYS F 1057 -11.02 20.80 -61.36
CA LYS F 1057 -9.72 20.46 -61.95
C LYS F 1057 -9.56 18.95 -62.20
N GLN F 1058 -10.47 18.14 -61.63
CA GLN F 1058 -10.49 16.68 -61.85
C GLN F 1058 -11.34 16.34 -63.06
N VAL F 1059 -12.36 17.16 -63.30
CA VAL F 1059 -13.31 16.87 -64.34
C VAL F 1059 -13.35 17.97 -65.44
N LEU F 1060 -12.16 18.50 -65.79
CA LEU F 1060 -11.98 19.46 -66.91
C LEU F 1060 -12.30 18.84 -68.30
N SER F 1061 -11.98 17.53 -68.45
CA SER F 1061 -12.19 16.75 -69.70
C SER F 1061 -13.53 15.95 -69.77
N GLY F 1062 -13.85 15.41 -70.96
CA GLY F 1062 -15.09 14.62 -71.16
C GLY F 1062 -16.40 15.25 -70.65
N THR F 1063 -17.44 14.40 -70.46
CA THR F 1063 -18.80 14.87 -70.13
C THR F 1063 -18.71 16.06 -69.18
N LEU F 1064 -19.02 17.24 -69.69
CA LEU F 1064 -19.28 18.36 -68.81
C LEU F 1064 -20.64 18.91 -69.17
N LEU F 1065 -21.66 18.14 -68.82
CA LEU F 1065 -23.06 18.42 -69.19
C LEU F 1065 -23.31 19.92 -69.16
N ALA F 1066 -23.77 20.43 -70.29
CA ALA F 1066 -23.87 21.87 -70.55
C ALA F 1066 -24.62 22.61 -69.44
N ASP F 1067 -25.79 22.07 -69.08
CA ASP F 1067 -26.62 22.69 -68.06
C ASP F 1067 -25.87 22.80 -66.70
N ALA F 1068 -24.95 21.85 -66.47
CA ALA F 1068 -24.12 21.80 -65.27
C ALA F 1068 -23.16 22.99 -65.22
N VAL F 1069 -22.41 23.16 -66.31
CA VAL F 1069 -21.45 24.24 -66.45
C VAL F 1069 -22.11 25.59 -66.12
N THR F 1070 -23.27 25.88 -66.68
CA THR F 1070 -23.95 27.15 -66.39
C THR F 1070 -24.37 27.31 -64.92
N TRP F 1071 -24.76 26.20 -64.30
CA TRP F 1071 -25.18 26.24 -62.91
C TRP F 1071 -23.99 26.51 -61.94
N LEU F 1072 -22.85 25.85 -62.20
CA LEU F 1072 -21.65 25.95 -61.37
C LEU F 1072 -21.20 27.38 -61.17
N PHE F 1073 -20.99 28.09 -62.27
CA PHE F 1073 -20.56 29.50 -62.29
C PHE F 1073 -21.64 30.42 -61.66
N THR F 1074 -22.92 30.18 -61.93
CA THR F 1074 -24.03 30.93 -61.29
C THR F 1074 -23.94 30.90 -59.77
N SER F 1075 -23.44 29.77 -59.27
CA SER F 1075 -23.39 29.46 -57.85
C SER F 1075 -22.18 30.10 -57.16
N VAL F 1076 -21.03 30.14 -57.84
CA VAL F 1076 -19.86 30.95 -57.43
C VAL F 1076 -20.28 32.42 -57.31
N LEU F 1077 -21.11 32.86 -58.25
CA LEU F 1077 -21.64 34.24 -58.29
C LEU F 1077 -22.62 34.51 -57.14
N LYS F 1078 -23.50 33.56 -56.83
CA LYS F 1078 -24.42 33.72 -55.70
C LYS F 1078 -23.61 33.87 -54.43
N GLY F 1079 -22.42 33.28 -54.47
CA GLY F 1079 -21.45 33.37 -53.39
C GLY F 1079 -20.93 34.77 -53.20
N LEU F 1080 -20.50 35.39 -54.31
CA LEU F 1080 -20.11 36.80 -54.35
C LEU F 1080 -21.30 37.74 -54.07
N GLN F 1081 -22.51 37.31 -54.45
CA GLN F 1081 -23.74 38.03 -54.13
C GLN F 1081 -24.12 37.85 -52.66
N MET F 1082 -23.85 36.67 -52.08
CA MET F 1082 -24.05 36.48 -50.65
C MET F 1082 -22.92 37.17 -49.86
N HIS F 1083 -21.75 36.57 -49.90
CA HIS F 1083 -20.64 36.96 -49.02
C HIS F 1083 -20.09 38.33 -49.40
N GLY F 1084 -19.03 38.35 -50.21
CA GLY F 1084 -18.68 39.53 -50.99
C GLY F 1084 -18.04 40.67 -50.21
N GLN F 1085 -18.83 41.38 -49.39
CA GLN F 1085 -18.35 42.51 -48.53
C GLN F 1085 -17.05 42.14 -47.80
N HIS F 1086 -17.01 40.88 -47.38
CA HIS F 1086 -15.93 40.31 -46.62
C HIS F 1086 -14.72 40.10 -47.53
N ASP F 1087 -13.61 40.79 -47.20
CA ASP F 1087 -12.40 40.77 -48.02
C ASP F 1087 -11.77 39.38 -48.22
N GLY F 1088 -12.02 38.45 -47.29
CA GLY F 1088 -11.57 37.07 -47.44
C GLY F 1088 -12.24 36.29 -48.56
N CYS F 1089 -13.59 36.27 -48.56
CA CYS F 1089 -14.40 35.56 -49.56
C CYS F 1089 -14.13 36.10 -50.95
N MET F 1090 -14.28 37.40 -51.10
CA MET F 1090 -14.23 38.04 -52.41
C MET F 1090 -12.95 37.76 -53.19
N ALA F 1091 -11.78 38.03 -52.60
CA ALA F 1091 -10.51 37.80 -53.28
C ALA F 1091 -10.39 36.35 -53.73
N SER F 1092 -10.76 35.45 -52.83
CA SER F 1092 -10.77 34.00 -53.06
C SER F 1092 -11.76 33.54 -54.17
N LEU F 1093 -12.97 34.11 -54.15
CA LEU F 1093 -14.06 33.78 -55.06
C LEU F 1093 -13.81 34.30 -56.46
N VAL F 1094 -13.18 35.46 -56.52
CA VAL F 1094 -12.76 36.12 -57.76
C VAL F 1094 -11.74 35.24 -58.48
N HIS F 1095 -10.69 34.86 -57.75
CA HIS F 1095 -9.68 33.97 -58.28
C HIS F 1095 -10.29 32.63 -58.76
N LEU F 1096 -11.23 32.09 -58.00
CA LEU F 1096 -11.98 30.90 -58.39
C LEU F 1096 -12.88 31.12 -59.62
N ALA F 1097 -13.65 32.19 -59.63
CA ALA F 1097 -14.45 32.54 -60.81
C ALA F 1097 -13.55 32.68 -62.06
N PHE F 1098 -12.36 33.26 -61.87
CA PHE F 1098 -11.32 33.47 -62.93
C PHE F 1098 -10.77 32.15 -63.51
N GLN F 1099 -10.64 31.14 -62.66
CA GLN F 1099 -10.10 29.85 -63.07
C GLN F 1099 -11.12 29.07 -63.88
N ILE F 1100 -12.39 29.32 -63.58
CA ILE F 1100 -13.49 28.64 -64.29
C ILE F 1100 -13.68 29.25 -65.70
N TYR F 1101 -13.60 30.57 -65.76
CA TYR F 1101 -13.77 31.27 -67.01
C TYR F 1101 -12.59 31.06 -67.94
N GLU F 1102 -11.49 30.51 -67.45
CA GLU F 1102 -10.27 30.32 -68.26
C GLU F 1102 -10.04 28.89 -68.74
N ALA F 1103 -10.58 27.90 -68.02
CA ALA F 1103 -10.40 26.48 -68.35
C ALA F 1103 -11.53 25.94 -69.23
N LEU F 1104 -12.68 26.55 -69.11
CA LEU F 1104 -13.87 26.03 -69.76
C LEU F 1104 -14.55 26.96 -70.77
N ARG F 1105 -14.08 28.22 -70.84
CA ARG F 1105 -14.63 29.15 -71.82
C ARG F 1105 -14.22 28.82 -73.27
N PRO F 1106 -12.95 28.37 -73.52
CA PRO F 1106 -12.45 28.01 -74.86
C PRO F 1106 -13.13 26.83 -75.56
N ARG F 1107 -13.86 26.01 -74.79
CA ARG F 1107 -14.52 24.78 -75.29
C ARG F 1107 -16.05 24.90 -75.22
N TYR F 1108 -16.54 25.37 -74.07
CA TYR F 1108 -17.95 25.64 -73.82
C TYR F 1108 -18.21 27.15 -73.91
N LEU F 1109 -19.06 27.51 -74.87
CA LEU F 1109 -19.39 28.91 -75.18
C LEU F 1109 -20.52 29.44 -74.27
N GLU F 1110 -21.03 28.61 -73.37
CA GLU F 1110 -22.17 29.04 -72.54
C GLU F 1110 -21.78 29.73 -71.26
N ILE F 1111 -20.47 29.84 -71.05
CA ILE F 1111 -19.86 30.55 -69.91
C ILE F 1111 -20.17 32.03 -70.02
N ARG F 1112 -20.14 32.57 -71.24
CA ARG F 1112 -20.48 33.97 -71.50
C ARG F 1112 -21.97 34.32 -71.28
N ALA F 1113 -22.85 33.34 -71.49
CA ALA F 1113 -24.29 33.46 -71.25
C ALA F 1113 -24.59 33.94 -69.82
N VAL F 1114 -23.86 33.39 -68.89
CA VAL F 1114 -24.03 33.66 -67.49
C VAL F 1114 -23.53 35.05 -67.13
N MET F 1115 -22.34 35.39 -67.62
CA MET F 1115 -21.69 36.70 -67.38
C MET F 1115 -22.62 37.90 -67.60
N GLU F 1116 -23.39 37.79 -68.68
CA GLU F 1116 -24.17 38.90 -69.19
C GLU F 1116 -25.41 39.16 -68.34
N GLN F 1117 -25.78 38.22 -67.48
CA GLN F 1117 -26.86 38.51 -66.57
C GLN F 1117 -26.39 39.31 -65.36
N ILE F 1118 -25.06 39.41 -65.18
CA ILE F 1118 -24.44 40.17 -64.06
C ILE F 1118 -24.76 41.67 -64.14
N PRO F 1119 -25.36 42.25 -63.06
CA PRO F 1119 -25.58 43.71 -63.07
C PRO F 1119 -24.29 44.52 -63.40
N GLU F 1120 -24.41 45.53 -64.27
CA GLU F 1120 -23.38 46.60 -64.49
C GLU F 1120 -22.00 46.20 -65.11
N ILE F 1121 -22.00 45.45 -66.23
CA ILE F 1121 -20.75 45.00 -66.93
C ILE F 1121 -20.68 45.39 -68.44
N GLN F 1122 -19.64 46.13 -68.85
CA GLN F 1122 -19.44 46.54 -70.26
C GLN F 1122 -19.15 45.37 -71.19
N LYS F 1123 -20.05 45.16 -72.14
CA LYS F 1123 -19.94 44.08 -73.12
C LYS F 1123 -18.66 44.23 -73.95
N ASP F 1124 -18.27 45.49 -74.22
CA ASP F 1124 -17.12 45.83 -75.08
C ASP F 1124 -15.79 45.46 -74.45
N SER F 1125 -15.75 45.62 -73.12
CA SER F 1125 -14.60 45.20 -72.33
C SER F 1125 -14.57 43.67 -72.23
N LEU F 1126 -15.75 43.04 -72.16
CA LEU F 1126 -15.88 41.57 -72.16
C LEU F 1126 -15.33 40.98 -73.45
N ASP F 1127 -15.78 41.53 -74.58
CA ASP F 1127 -15.36 41.08 -75.91
C ASP F 1127 -13.86 41.08 -76.09
N GLN F 1128 -13.22 42.14 -75.63
CA GLN F 1128 -11.76 42.24 -75.67
C GLN F 1128 -11.08 41.10 -74.90
N PHE F 1129 -11.56 40.80 -73.68
CA PHE F 1129 -10.98 39.72 -72.85
C PHE F 1129 -11.34 38.33 -73.36
N ASP F 1130 -12.52 38.22 -73.97
CA ASP F 1130 -13.03 36.97 -74.53
C ASP F 1130 -12.16 36.46 -75.70
N CYS F 1131 -11.70 37.39 -76.54
CA CYS F 1131 -10.90 37.08 -77.73
C CYS F 1131 -9.42 36.93 -77.44
N LYS F 1132 -8.98 37.50 -76.33
CA LYS F 1132 -7.59 37.46 -75.94
C LYS F 1132 -7.14 36.01 -75.72
N LEU F 1133 -8.05 35.18 -75.19
CA LEU F 1133 -7.77 33.76 -74.85
C LEU F 1133 -8.16 32.77 -75.95
N LEU F 1134 -9.01 33.23 -76.86
CA LEU F 1134 -9.38 32.43 -78.03
C LEU F 1134 -8.45 32.64 -79.25
N ASN F 1135 -7.22 33.10 -79.03
CA ASN F 1135 -6.26 33.38 -80.14
C ASN F 1135 -4.84 32.77 -80.03
N PRO F 1136 -4.06 33.15 -78.98
CA PRO F 1136 -2.72 32.53 -78.88
C PRO F 1136 -2.78 31.20 -78.12
N UNK G 1 -1.56 37.10 -65.90
CA UNK G 1 -1.74 36.52 -64.57
C UNK G 1 -2.07 37.57 -63.47
N UNK G 2 -1.73 38.85 -63.70
CA UNK G 2 -2.06 39.93 -62.74
C UNK G 2 -2.95 41.00 -63.38
N UNK G 3 -2.53 41.50 -64.55
CA UNK G 3 -3.35 42.38 -65.35
C UNK G 3 -4.52 41.57 -65.92
N UNK G 4 -4.27 40.27 -66.18
CA UNK G 4 -5.31 39.34 -66.63
C UNK G 4 -6.38 39.22 -65.55
N UNK G 5 -5.93 39.00 -64.30
CA UNK G 5 -6.80 38.98 -63.13
C UNK G 5 -7.49 40.34 -62.85
N UNK G 6 -6.79 41.45 -63.06
CA UNK G 6 -7.42 42.76 -62.84
C UNK G 6 -8.52 43.06 -63.88
N UNK G 7 -8.39 42.45 -65.07
CA UNK G 7 -9.35 42.62 -66.16
C UNK G 7 -10.68 41.93 -65.82
N UNK G 8 -10.56 40.71 -65.30
CA UNK G 8 -11.70 39.98 -64.76
C UNK G 8 -12.33 40.73 -63.57
N UNK G 9 -11.48 41.25 -62.67
CA UNK G 9 -11.93 41.93 -61.45
C UNK G 9 -12.95 43.04 -61.75
N UNK G 10 -12.51 44.01 -62.56
CA UNK G 10 -13.37 45.10 -63.02
C UNK G 10 -14.58 44.61 -63.86
N UNK G 11 -14.37 43.56 -64.69
CA UNK G 11 -15.44 42.93 -65.52
C UNK G 11 -16.59 42.41 -64.66
N UNK G 12 -16.26 41.56 -63.66
CA UNK G 12 -17.26 41.00 -62.74
C UNK G 12 -17.42 41.79 -61.41
N UNK G 13 -17.45 43.12 -61.47
CA UNK G 13 -17.73 43.92 -60.29
C UNK G 13 -19.24 44.01 -60.06
N PRO H 7 -28.70 66.97 -5.73
CA PRO H 7 -27.94 67.82 -6.65
C PRO H 7 -26.66 68.24 -5.93
N GLN H 8 -25.48 68.24 -6.58
CA GLN H 8 -24.22 68.64 -5.86
C GLN H 8 -23.07 69.26 -6.68
N VAL H 9 -22.10 68.45 -7.15
CA VAL H 9 -20.96 68.92 -7.97
C VAL H 9 -21.19 69.30 -9.45
N GLN H 10 -21.69 68.40 -10.31
CA GLN H 10 -21.94 68.78 -11.72
C GLN H 10 -20.67 68.92 -12.57
N PHE H 11 -20.48 68.05 -13.56
CA PHE H 11 -19.33 68.10 -14.48
C PHE H 11 -19.77 68.11 -15.97
N LYS H 12 -18.91 68.66 -16.83
CA LYS H 12 -19.25 68.84 -18.20
C LYS H 12 -18.64 67.74 -18.93
N LEU H 13 -19.52 66.94 -19.56
CA LEU H 13 -19.13 65.75 -20.34
C LEU H 13 -19.41 65.93 -21.83
N VAL H 14 -18.39 65.58 -22.64
CA VAL H 14 -18.38 65.71 -24.09
C VAL H 14 -18.35 64.32 -24.75
N LEU H 15 -19.27 64.12 -25.70
CA LEU H 15 -19.54 62.84 -26.33
C LEU H 15 -19.35 62.97 -27.83
N VAL H 16 -18.36 62.31 -28.39
CA VAL H 16 -17.92 62.55 -29.76
C VAL H 16 -17.88 61.24 -30.53
N GLY H 17 -17.69 61.29 -31.86
CA GLY H 17 -17.57 60.10 -32.71
C GLY H 17 -18.30 60.25 -34.03
N ASP H 18 -18.18 59.26 -34.92
CA ASP H 18 -18.85 59.28 -36.23
C ASP H 18 -20.39 59.16 -36.20
N GLY H 19 -21.02 59.60 -37.29
CA GLY H 19 -22.48 59.62 -37.34
C GLY H 19 -23.05 58.21 -37.40
N GLY H 20 -24.07 57.95 -36.57
CA GLY H 20 -24.74 56.64 -36.55
C GLY H 20 -24.19 55.53 -35.62
N THR H 21 -23.21 55.90 -34.78
CA THR H 21 -22.55 55.02 -33.78
C THR H 21 -23.35 54.90 -32.49
N GLY H 22 -24.36 55.73 -32.33
CA GLY H 22 -25.32 55.51 -31.27
C GLY H 22 -25.09 56.32 -30.05
N LYS H 23 -24.51 57.52 -30.21
CA LYS H 23 -24.33 58.52 -29.08
C LYS H 23 -25.67 58.98 -28.53
N THR H 24 -26.61 59.37 -29.37
CA THR H 24 -27.84 59.97 -28.88
C THR H 24 -28.72 58.91 -28.16
N THR H 25 -28.58 57.66 -28.63
CA THR H 25 -29.40 56.55 -28.10
C THR H 25 -28.85 56.06 -26.75
N PHE H 26 -27.52 56.03 -26.71
CA PHE H 26 -26.80 55.77 -25.49
C PHE H 26 -27.30 56.66 -24.34
N VAL H 27 -27.40 57.97 -24.61
CA VAL H 27 -27.78 59.00 -23.62
C VAL H 27 -29.32 58.96 -23.32
N LYS H 28 -30.12 59.04 -24.38
CA LYS H 28 -31.57 58.91 -24.25
C LYS H 28 -31.93 57.77 -23.29
N ARG H 29 -31.09 56.73 -23.30
CA ARG H 29 -31.34 55.52 -22.55
C ARG H 29 -31.12 55.75 -21.11
N HIS H 30 -29.90 56.16 -20.79
CA HIS H 30 -29.55 56.61 -19.46
C HIS H 30 -30.53 57.59 -18.80
N LEU H 31 -31.02 58.57 -19.57
CA LEU H 31 -31.97 59.57 -19.05
C LEU H 31 -33.42 59.04 -18.79
N THR H 32 -34.10 58.58 -19.85
CA THR H 32 -35.50 58.08 -19.77
C THR H 32 -35.55 56.61 -19.41
N GLY H 33 -34.69 55.84 -20.06
CA GLY H 33 -34.55 54.43 -19.77
C GLY H 33 -35.14 53.62 -20.90
N GLU H 34 -35.30 54.27 -22.07
CA GLU H 34 -35.85 53.65 -23.28
C GLU H 34 -34.86 53.56 -24.47
N PHE H 35 -35.01 52.54 -25.31
CA PHE H 35 -34.18 52.39 -26.54
C PHE H 35 -34.83 53.06 -27.79
N GLU H 36 -34.02 53.86 -28.48
CA GLU H 36 -34.46 54.52 -29.69
C GLU H 36 -33.98 53.79 -30.97
N LYS H 37 -34.97 53.50 -31.81
CA LYS H 37 -34.77 52.69 -32.98
C LYS H 37 -34.31 53.50 -34.19
N LYS H 38 -34.90 54.69 -34.43
CA LYS H 38 -34.60 55.45 -35.67
C LYS H 38 -33.41 56.36 -35.50
N TYR H 39 -32.46 56.28 -36.43
CA TYR H 39 -31.30 57.17 -36.49
C TYR H 39 -31.68 58.57 -36.94
N VAL H 40 -32.28 59.34 -36.04
CA VAL H 40 -32.58 60.76 -36.29
C VAL H 40 -31.29 61.54 -36.12
N ALA H 41 -30.72 62.05 -37.22
CA ALA H 41 -29.43 62.72 -37.15
C ALA H 41 -29.51 63.89 -36.17
N THR H 42 -28.48 63.98 -35.30
CA THR H 42 -28.30 65.03 -34.27
C THR H 42 -27.74 66.26 -34.94
N LEU H 43 -28.23 67.42 -34.52
CA LEU H 43 -27.85 68.68 -35.16
C LEU H 43 -27.08 69.56 -34.21
N GLY H 44 -25.75 69.56 -34.36
CA GLY H 44 -24.87 70.32 -33.45
C GLY H 44 -24.59 69.69 -32.11
N VAL H 45 -25.54 69.85 -31.16
CA VAL H 45 -25.48 69.32 -29.77
C VAL H 45 -26.83 69.37 -29.04
N GLU H 46 -26.98 68.43 -28.09
CA GLU H 46 -28.09 68.37 -27.16
C GLU H 46 -27.57 68.09 -25.78
N VAL H 47 -27.66 69.10 -24.93
CA VAL H 47 -27.09 69.03 -23.59
C VAL H 47 -28.07 68.34 -22.66
N HIS H 48 -27.59 67.29 -22.00
CA HIS H 48 -28.44 66.53 -21.13
C HIS H 48 -27.84 66.32 -19.77
N PRO H 49 -28.64 66.57 -18.74
CA PRO H 49 -28.17 66.41 -17.38
C PRO H 49 -28.38 64.98 -16.88
N LEU H 50 -27.31 64.33 -16.36
CA LEU H 50 -27.47 63.03 -15.72
C LEU H 50 -26.98 62.99 -14.29
N VAL H 51 -27.88 62.67 -13.38
CA VAL H 51 -27.55 62.58 -11.97
C VAL H 51 -27.18 61.16 -11.55
N PHE H 52 -26.23 61.01 -10.65
CA PHE H 52 -25.90 59.69 -10.18
C PHE H 52 -25.76 59.78 -8.68
N HIS H 53 -26.61 59.07 -7.93
CA HIS H 53 -26.52 59.08 -6.46
C HIS H 53 -25.44 58.12 -6.01
N THR H 54 -24.25 58.65 -5.74
CA THR H 54 -23.14 57.80 -5.38
C THR H 54 -23.11 57.58 -3.89
N ASN H 55 -22.11 56.78 -3.48
CA ASN H 55 -21.79 56.59 -2.07
C ASN H 55 -21.25 57.88 -1.52
N ARG H 56 -20.93 58.85 -2.41
CA ARG H 56 -20.44 60.17 -2.00
C ARG H 56 -21.41 61.27 -2.33
N GLY H 57 -22.70 60.95 -2.44
CA GLY H 57 -23.75 61.94 -2.67
C GLY H 57 -24.07 62.10 -4.15
N PRO H 58 -25.02 62.98 -4.49
CA PRO H 58 -25.40 63.17 -5.89
C PRO H 58 -24.32 63.84 -6.71
N ILE H 59 -24.10 63.36 -7.94
CA ILE H 59 -23.05 63.78 -8.86
C ILE H 59 -23.78 63.94 -10.17
N LYS H 60 -23.59 65.08 -10.82
CA LYS H 60 -24.32 65.45 -12.02
C LYS H 60 -23.42 65.57 -13.27
N PHE H 61 -23.94 65.12 -14.41
CA PHE H 61 -23.18 65.10 -15.64
C PHE H 61 -23.94 65.86 -16.76
N ASN H 62 -23.33 66.92 -17.29
CA ASN H 62 -23.89 67.66 -18.41
C ASN H 62 -23.27 67.13 -19.69
N VAL H 63 -24.10 66.34 -20.35
CA VAL H 63 -23.64 65.56 -21.44
C VAL H 63 -23.93 66.33 -22.71
N TRP H 64 -22.85 66.67 -23.38
CA TRP H 64 -22.87 67.39 -24.63
C TRP H 64 -22.89 66.35 -25.75
N ASP H 65 -24.11 65.99 -26.16
CA ASP H 65 -24.31 65.01 -27.24
C ASP H 65 -23.97 65.62 -28.60
N THR H 66 -22.70 65.65 -28.95
CA THR H 66 -22.34 66.40 -30.16
C THR H 66 -22.47 65.54 -31.39
N ALA H 67 -23.16 66.06 -32.42
CA ALA H 67 -23.38 65.36 -33.68
C ALA H 67 -22.07 65.19 -34.45
N GLY H 68 -21.73 63.95 -34.84
CA GLY H 68 -20.45 63.65 -35.51
C GLY H 68 -20.53 63.50 -37.02
N GLN H 69 -21.73 63.79 -37.54
CA GLN H 69 -22.02 63.91 -38.97
C GLN H 69 -21.37 65.17 -39.55
N GLU H 70 -20.45 64.96 -40.49
CA GLU H 70 -19.67 66.04 -41.09
C GLU H 70 -20.37 67.41 -41.19
N LYS H 71 -21.59 67.40 -41.72
CA LYS H 71 -22.33 68.61 -42.10
C LYS H 71 -23.43 68.87 -41.08
N PHE H 72 -23.14 68.66 -39.80
CA PHE H 72 -24.21 68.83 -38.82
C PHE H 72 -23.70 69.36 -37.48
N GLY H 73 -22.39 69.32 -37.32
CA GLY H 73 -21.75 69.66 -36.05
C GLY H 73 -21.68 71.14 -36.01
N GLY H 74 -22.17 71.74 -34.93
CA GLY H 74 -22.41 73.19 -34.92
C GLY H 74 -21.08 73.89 -34.86
N LEU H 75 -20.60 74.10 -33.64
CA LEU H 75 -19.30 74.69 -33.44
C LEU H 75 -18.23 73.61 -33.41
N ARG H 76 -18.69 72.36 -33.23
CA ARG H 76 -17.81 71.19 -33.07
C ARG H 76 -16.78 71.39 -31.96
N ASP H 77 -15.54 71.75 -32.33
CA ASP H 77 -14.50 72.09 -31.38
C ASP H 77 -14.94 73.07 -30.32
N GLY H 78 -15.89 73.92 -30.66
CA GLY H 78 -16.40 74.87 -29.70
C GLY H 78 -17.37 74.34 -28.64
N TYR H 79 -17.80 73.08 -28.77
CA TYR H 79 -18.55 72.43 -27.69
C TYR H 79 -17.59 71.81 -26.69
N TYR H 80 -16.36 71.57 -27.12
CA TYR H 80 -15.36 71.02 -26.26
C TYR H 80 -14.83 72.10 -25.35
N ILE H 81 -15.37 73.31 -25.39
CA ILE H 81 -14.76 74.39 -24.63
C ILE H 81 -15.11 74.13 -23.18
N GLN H 82 -14.07 74.21 -22.34
CA GLN H 82 -14.12 73.91 -20.90
C GLN H 82 -14.83 72.60 -20.52
N ALA H 83 -14.39 71.52 -21.15
CA ALA H 83 -14.84 70.17 -20.90
C ALA H 83 -13.85 69.60 -19.92
N GLN H 84 -14.36 68.76 -19.02
CA GLN H 84 -13.56 68.11 -17.97
C GLN H 84 -13.43 66.57 -18.10
N CYS H 85 -14.19 65.99 -19.03
CA CYS H 85 -14.19 64.55 -19.32
C CYS H 85 -14.94 64.29 -20.61
N ALA H 86 -14.48 63.30 -21.36
CA ALA H 86 -15.02 62.96 -22.66
C ALA H 86 -15.17 61.44 -22.81
N ILE H 87 -16.19 61.07 -23.59
CA ILE H 87 -16.36 59.74 -24.17
C ILE H 87 -16.22 59.78 -25.72
N ILE H 88 -15.22 59.13 -26.29
CA ILE H 88 -15.18 58.93 -27.76
C ILE H 88 -15.94 57.64 -28.20
N MET H 89 -16.95 57.75 -29.07
CA MET H 89 -17.72 56.53 -29.45
C MET H 89 -17.55 56.03 -30.89
N PHE H 90 -17.44 54.72 -31.03
CA PHE H 90 -17.42 54.12 -32.37
C PHE H 90 -18.24 52.86 -32.42
N ASP H 91 -18.63 52.51 -33.64
CA ASP H 91 -19.40 51.31 -33.90
C ASP H 91 -18.53 50.11 -34.35
N VAL H 92 -18.80 48.94 -33.75
CA VAL H 92 -18.10 47.70 -34.15
C VAL H 92 -18.68 47.09 -35.41
N THR H 93 -19.77 47.67 -35.91
CA THR H 93 -20.32 47.36 -37.22
C THR H 93 -19.53 48.08 -38.31
N SER H 94 -19.10 49.31 -38.03
CA SER H 94 -18.34 50.03 -39.04
C SER H 94 -16.88 50.10 -38.73
N ARG H 95 -16.07 49.50 -39.59
CA ARG H 95 -14.61 49.50 -39.44
C ARG H 95 -14.04 50.91 -39.52
N VAL H 96 -14.69 51.72 -40.38
CA VAL H 96 -14.34 53.15 -40.59
C VAL H 96 -14.36 53.91 -39.25
N THR H 97 -15.34 53.62 -38.38
CA THR H 97 -15.54 54.41 -37.16
C THR H 97 -14.35 54.29 -36.20
N TYR H 98 -13.72 53.13 -36.18
CA TYR H 98 -12.54 52.94 -35.37
C TYR H 98 -11.29 53.56 -36.04
N LYS H 99 -11.32 53.73 -37.36
CA LYS H 99 -10.23 54.41 -38.05
C LYS H 99 -10.24 55.91 -37.70
N ASN H 100 -11.43 56.41 -37.42
CA ASN H 100 -11.65 57.84 -37.20
C ASN H 100 -11.56 58.17 -35.72
N VAL H 101 -11.25 57.16 -34.93
CA VAL H 101 -11.17 57.34 -33.51
C VAL H 101 -10.11 58.35 -33.21
N PRO H 102 -8.86 58.16 -33.77
CA PRO H 102 -7.74 59.06 -33.57
C PRO H 102 -8.03 60.49 -34.00
N ASN H 103 -8.98 60.70 -34.90
CA ASN H 103 -9.43 62.06 -35.23
C ASN H 103 -10.26 62.68 -34.12
N TRP H 104 -11.31 62.01 -33.68
CA TRP H 104 -12.01 62.48 -32.51
C TRP H 104 -11.14 62.68 -31.27
N HIS H 105 -10.01 62.00 -31.24
CA HIS H 105 -9.05 62.14 -30.13
C HIS H 105 -8.20 63.43 -30.20
N ARG H 106 -7.41 63.63 -31.26
CA ARG H 106 -6.50 64.80 -31.42
C ARG H 106 -7.27 66.12 -31.31
N ASP H 107 -8.51 66.10 -31.77
CA ASP H 107 -9.37 67.23 -31.62
C ASP H 107 -9.64 67.53 -30.16
N LEU H 108 -9.77 66.48 -29.35
CA LEU H 108 -10.11 66.67 -27.95
C LEU H 108 -8.98 67.16 -27.14
N VAL H 109 -7.84 66.49 -27.26
CA VAL H 109 -6.71 66.74 -26.38
C VAL H 109 -6.11 68.05 -26.72
N ARG H 110 -6.40 68.50 -27.92
CA ARG H 110 -5.86 69.77 -28.35
C ARG H 110 -6.62 70.94 -27.70
N VAL H 111 -7.94 70.86 -27.68
CA VAL H 111 -8.79 71.89 -27.10
C VAL H 111 -8.75 71.88 -25.60
N CYS H 112 -8.91 70.69 -25.01
CA CYS H 112 -8.77 70.53 -23.54
C CYS H 112 -7.94 69.34 -23.11
N GLU H 113 -6.68 69.63 -22.79
CA GLU H 113 -5.69 68.63 -22.50
C GLU H 113 -5.89 68.10 -21.10
N ASN H 114 -5.44 66.86 -20.88
CA ASN H 114 -5.39 66.25 -19.54
C ASN H 114 -6.71 65.95 -18.96
N ILE H 115 -7.72 65.78 -19.79
CA ILE H 115 -9.00 65.33 -19.27
C ILE H 115 -9.08 63.83 -19.39
N PRO H 116 -9.68 63.19 -18.39
CA PRO H 116 -10.02 61.81 -18.54
C PRO H 116 -10.95 61.51 -19.72
N ILE H 117 -10.50 60.62 -20.62
CA ILE H 117 -11.31 60.09 -21.74
C ILE H 117 -11.55 58.56 -21.74
N VAL H 118 -12.83 58.15 -21.76
CA VAL H 118 -13.22 56.75 -22.03
C VAL H 118 -13.56 56.52 -23.53
N LEU H 119 -13.02 55.43 -24.10
CA LEU H 119 -13.28 54.96 -25.49
C LEU H 119 -14.40 53.92 -25.48
N CYS H 120 -15.32 53.95 -26.44
CA CYS H 120 -16.47 53.00 -26.43
C CYS H 120 -16.85 52.39 -27.78
N GLY H 121 -16.69 51.07 -27.89
CA GLY H 121 -17.15 50.32 -29.05
C GLY H 121 -18.56 49.91 -28.74
N ASN H 122 -19.50 50.57 -29.40
CA ASN H 122 -20.91 50.30 -29.21
C ASN H 122 -21.47 49.21 -30.14
N LYS H 123 -22.67 48.72 -29.74
CA LYS H 123 -23.49 47.75 -30.50
C LYS H 123 -22.79 46.37 -30.57
N VAL H 124 -22.41 45.87 -29.41
CA VAL H 124 -21.79 44.54 -29.34
C VAL H 124 -22.84 43.43 -29.31
N ASP H 125 -24.13 43.81 -29.31
CA ASP H 125 -25.22 42.85 -29.41
C ASP H 125 -25.50 42.41 -30.88
N ILE H 126 -24.76 42.97 -31.84
CA ILE H 126 -25.01 42.69 -33.26
C ILE H 126 -24.27 41.46 -33.76
N LYS H 127 -25.05 40.49 -34.25
CA LYS H 127 -24.57 39.25 -34.89
C LYS H 127 -23.05 39.11 -34.85
N ASP H 128 -22.38 39.72 -35.83
CA ASP H 128 -20.92 39.59 -35.98
C ASP H 128 -20.17 40.93 -35.99
N ARG H 129 -19.25 41.06 -35.05
CA ARG H 129 -18.43 42.25 -34.94
C ARG H 129 -17.38 42.27 -36.06
N LYS H 130 -17.46 43.28 -36.92
CA LYS H 130 -16.40 43.59 -37.91
C LYS H 130 -15.14 44.10 -37.20
N VAL H 131 -15.34 44.94 -36.18
CA VAL H 131 -14.24 45.35 -35.30
C VAL H 131 -14.03 44.33 -34.15
N LYS H 132 -13.01 43.48 -34.34
CA LYS H 132 -12.69 42.41 -33.41
C LYS H 132 -12.13 42.97 -32.12
N ALA H 133 -12.58 42.43 -30.99
CA ALA H 133 -12.12 42.93 -29.69
C ALA H 133 -10.58 42.92 -29.56
N LYS H 134 -9.90 42.15 -30.40
CA LYS H 134 -8.45 42.05 -30.33
C LYS H 134 -7.71 43.16 -31.10
N SER H 135 -8.42 43.76 -32.06
CA SER H 135 -7.84 44.75 -32.95
C SER H 135 -7.86 46.18 -32.34
N ILE H 136 -8.63 46.37 -31.26
CA ILE H 136 -8.77 47.63 -30.51
C ILE H 136 -7.54 47.85 -29.65
N VAL H 137 -6.58 48.64 -30.17
CA VAL H 137 -5.34 48.95 -29.41
C VAL H 137 -5.02 50.44 -29.21
N PHE H 138 -5.88 51.32 -29.73
CA PHE H 138 -5.65 52.76 -29.68
C PHE H 138 -5.65 53.33 -28.25
N HIS H 139 -6.62 52.86 -27.45
CA HIS H 139 -6.77 53.25 -26.06
C HIS H 139 -5.49 52.96 -25.29
N ARG H 140 -4.73 51.95 -25.71
CA ARG H 140 -3.52 51.59 -24.99
C ARG H 140 -2.36 52.51 -25.39
N LYS H 141 -2.38 52.98 -26.64
CA LYS H 141 -1.33 53.86 -27.15
C LYS H 141 -1.47 55.31 -26.59
N LYS H 142 -2.69 55.67 -26.23
CA LYS H 142 -3.01 57.01 -25.77
C LYS H 142 -3.48 56.97 -24.31
N ASN H 143 -3.22 55.83 -23.67
CA ASN H 143 -3.50 55.64 -22.23
C ASN H 143 -4.89 56.05 -21.82
N LEU H 144 -5.89 55.44 -22.45
CA LEU H 144 -7.29 55.72 -22.15
C LEU H 144 -8.02 54.46 -21.74
N GLN H 145 -9.07 54.55 -20.94
CA GLN H 145 -9.89 53.37 -20.64
C GLN H 145 -10.79 52.96 -21.79
N TYR H 146 -10.94 51.65 -21.97
CA TYR H 146 -11.86 51.04 -22.95
C TYR H 146 -13.02 50.26 -22.30
N TYR H 147 -14.19 50.33 -22.91
CA TYR H 147 -15.29 49.43 -22.65
C TYR H 147 -16.03 49.14 -23.95
N ASP H 148 -16.08 47.91 -24.42
CA ASP H 148 -17.14 47.60 -25.39
C ASP H 148 -18.53 47.56 -24.70
N ILE H 149 -19.53 48.14 -25.37
CA ILE H 149 -20.80 48.40 -24.73
C ILE H 149 -21.97 48.26 -25.71
N SER H 150 -23.20 48.28 -25.21
CA SER H 150 -24.38 48.21 -26.09
C SER H 150 -25.58 48.94 -25.53
N ALA H 151 -26.11 49.88 -26.30
CA ALA H 151 -27.23 50.68 -25.82
C ALA H 151 -28.58 49.90 -25.88
N LYS H 152 -28.62 48.88 -26.75
CA LYS H 152 -29.75 47.96 -26.81
C LYS H 152 -29.62 46.87 -25.73
N SER H 153 -28.38 46.36 -25.59
CA SER H 153 -28.09 45.26 -24.67
C SER H 153 -27.82 45.68 -23.21
N ASN H 154 -27.33 46.92 -23.03
CA ASN H 154 -26.88 47.43 -21.73
C ASN H 154 -25.66 46.77 -21.17
N TYR H 155 -24.94 46.03 -22.00
CA TYR H 155 -23.70 45.48 -21.55
C TYR H 155 -22.62 46.59 -21.29
N ASN H 156 -22.19 46.65 -20.01
CA ASN H 156 -21.40 47.76 -19.47
C ASN H 156 -22.09 49.12 -19.54
N PHE H 157 -23.40 49.13 -19.25
CA PHE H 157 -24.25 50.31 -19.34
C PHE H 157 -23.65 51.49 -18.63
N GLU H 158 -23.07 51.29 -17.44
CA GLU H 158 -22.63 52.44 -16.60
C GLU H 158 -21.12 52.51 -16.42
N LYS H 159 -20.44 51.43 -16.81
CA LYS H 159 -18.98 51.41 -16.70
C LYS H 159 -18.25 52.68 -17.18
N PRO H 160 -18.65 53.32 -18.31
CA PRO H 160 -17.92 54.57 -18.64
C PRO H 160 -18.25 55.80 -17.77
N PHE H 161 -19.47 55.91 -17.21
CA PHE H 161 -19.81 56.96 -16.23
C PHE H 161 -19.15 56.76 -14.91
N LEU H 162 -19.09 55.51 -14.48
CA LEU H 162 -18.39 55.12 -13.25
C LEU H 162 -16.87 55.38 -13.32
N TRP H 163 -16.24 55.09 -14.43
CA TRP H 163 -14.83 55.27 -14.47
C TRP H 163 -14.51 56.73 -14.56
N LEU H 164 -15.42 57.50 -15.16
CA LEU H 164 -15.17 58.94 -15.26
C LEU H 164 -15.31 59.57 -13.87
N ALA H 165 -16.46 59.33 -13.23
CA ALA H 165 -16.70 59.77 -11.87
C ALA H 165 -15.56 59.36 -10.90
N ARG H 166 -15.11 58.12 -10.95
CA ARG H 166 -13.90 57.68 -10.23
C ARG H 166 -12.70 58.53 -10.51
N LYS H 167 -12.54 58.95 -11.76
CA LYS H 167 -11.31 59.63 -12.12
C LYS H 167 -11.37 61.08 -11.73
N LEU H 168 -12.56 61.66 -11.75
CA LEU H 168 -12.73 63.09 -11.54
C LEU H 168 -12.68 63.42 -10.04
N ILE H 169 -13.32 62.55 -9.28
CA ILE H 169 -13.36 62.66 -7.83
C ILE H 169 -12.09 62.01 -7.19
N GLY H 170 -11.32 61.25 -7.95
CA GLY H 170 -10.09 60.73 -7.39
C GLY H 170 -10.38 59.67 -6.34
N ASP H 171 -11.53 59.01 -6.47
CA ASP H 171 -11.92 58.01 -5.47
C ASP H 171 -12.15 56.63 -6.07
N PRO H 172 -11.10 55.79 -6.09
CA PRO H 172 -11.27 54.55 -6.84
C PRO H 172 -12.40 53.69 -6.24
N ASN H 173 -12.76 53.90 -4.98
CA ASN H 173 -13.82 53.09 -4.41
C ASN H 173 -15.21 53.70 -4.57
N LEU H 174 -15.36 54.65 -5.49
CA LEU H 174 -16.65 55.32 -5.70
C LEU H 174 -17.67 54.39 -6.40
N GLU H 175 -18.80 54.23 -5.74
CA GLU H 175 -19.82 53.28 -6.21
C GLU H 175 -21.10 53.97 -6.59
N PHE H 176 -21.67 53.59 -7.72
CA PHE H 176 -22.91 54.18 -8.18
C PHE H 176 -24.06 53.40 -7.57
#